data_5ZCR
#
_entry.id   5ZCR
#
_cell.length_a   71.132
_cell.length_b   84.567
_cell.length_c   128.662
_cell.angle_alpha   90.00
_cell.angle_beta   103.75
_cell.angle_gamma   90.00
#
_symmetry.space_group_name_H-M   'P 1 21 1'
#
loop_
_entity.id
_entity.type
_entity.pdbx_description
1 polymer 'Maltooligosyl trehalose synthase'
2 non-polymer 'MAGNESIUM ION'
3 non-polymer GLYCEROL
4 water water
#
_entity_poly.entity_id   1
_entity_poly.type   'polypeptide(L)'
_entity_poly.pdbx_seq_one_letter_code
;MIIGTYRLQLNKGFTFYDTIENLDYFKELGVSHLYLSPILKARPGSTHGYDVVDHSEINEELGGEEGYFKLVKEAKSRGL
EIIQDIVPNHMAVHHTNWRLMDLLKSWKNSKYYNYFDHYDDDKIILPILEDELDTVIDKGLIKLQKDNIEYRGLVLPIND
EGVEFLKRINCFDNSCLKKEDIKKLLLMQYYQLTYWKKGYPNYRRFFAVNDLIAVRIELDEVFRESHEIIAKLPVDGLRI
DHIDGLYNPKEYLDKLRQLVGNDKIIYVEKILSINEKLRDDWKVDGTTGYDFLNYVNMLLVDGSGEEELTKFYENFIGRK
INIDELIIQSKKLVANQLFKGDIERLSKLLNVNYDYLVDFLACMKKYRTYLPFEDINGIRECDKEGKLKDEKGIMRLQQY
MPAIFAKGYEDTTLFIYNRLISLNEVGSDLRRFSLSIEDFHNFNLSRVNTISMNTLSTHDTKFSEDVRARISVLSEIPKE
WEERVKYWHDLLRPNIDKNDEYRFYQTLVGSYEGFDNKERIKNHIIKVIREAKVHTTWENPNLEYEKKVLGFIDEVFENS
SFRNDFDNFEKKIVYFGYMKSLVATTLKFLSPGVPDIYQGTEVWRFLLTDPDNRMAVDFRKLRELLNNLTEKNLELSDPR
TKMLYVKKLLQLRREYSLNDYKPLPFGFQRGKVTVLFSPIVTREVKEKISIRQKSVDWIRNEEISSGEYNLSELIGEHKV
VILTEKRE
;
_entity_poly.pdbx_strand_id   A,B
#
loop_
_chem_comp.id
_chem_comp.type
_chem_comp.name
_chem_comp.formula
GOL non-polymer GLYCEROL 'C3 H8 O3'
MG non-polymer 'MAGNESIUM ION' 'Mg 2'
#
# COMPACT_ATOMS: atom_id res chain seq x y z
N ILE A 2 26.87 -8.80 11.70
CA ILE A 2 27.19 -8.36 10.34
C ILE A 2 26.78 -9.38 9.29
N ILE A 3 26.84 -10.68 9.61
CA ILE A 3 26.43 -11.69 8.62
C ILE A 3 25.25 -12.56 9.05
N GLY A 4 25.27 -13.08 10.27
CA GLY A 4 24.17 -13.89 10.75
C GLY A 4 24.23 -14.22 12.23
N THR A 5 23.07 -14.32 12.85
CA THR A 5 22.95 -14.63 14.27
C THR A 5 22.34 -15.98 14.50
N TYR A 6 22.80 -16.65 15.55
CA TYR A 6 22.30 -17.99 15.86
C TYR A 6 21.86 -18.05 17.31
N ARG A 7 20.55 -18.10 17.53
CA ARG A 7 20.00 -18.06 18.87
C ARG A 7 20.16 -19.38 19.64
N LEU A 8 20.81 -19.33 20.78
CA LEU A 8 20.94 -20.50 21.63
C LEU A 8 20.18 -20.33 22.95
N GLN A 9 19.46 -21.38 23.32
CA GLN A 9 18.70 -21.42 24.56
C GLN A 9 19.55 -22.06 25.64
N LEU A 10 20.31 -21.26 26.36
CA LEU A 10 21.20 -21.80 27.37
C LEU A 10 20.44 -22.24 28.62
N ASN A 11 20.85 -23.36 29.19
CA ASN A 11 20.42 -23.79 30.54
C ASN A 11 21.32 -24.94 30.96
N LYS A 12 21.00 -25.57 32.09
CA LYS A 12 21.76 -26.70 32.61
C LYS A 12 21.98 -27.83 31.59
N GLY A 13 21.02 -27.98 30.67
CA GLY A 13 21.09 -29.04 29.66
C GLY A 13 21.78 -28.58 28.40
N PHE A 14 22.21 -27.33 28.41
CA PHE A 14 23.02 -26.78 27.35
C PHE A 14 23.79 -25.57 27.86
N THR A 15 25.01 -25.81 28.31
CA THR A 15 25.80 -24.84 29.06
C THR A 15 26.80 -24.10 28.16
N PHE A 16 27.61 -23.20 28.73
CA PHE A 16 28.70 -22.57 27.97
C PHE A 16 29.63 -23.64 27.39
N TYR A 17 29.83 -24.72 28.12
CA TYR A 17 30.69 -25.81 27.65
C TYR A 17 30.01 -26.61 26.55
N ASP A 18 28.68 -26.78 26.64
CA ASP A 18 27.95 -27.43 25.57
C ASP A 18 28.01 -26.57 24.32
N THR A 19 28.03 -25.26 24.50
CA THR A 19 28.16 -24.36 23.35
C THR A 19 29.55 -24.47 22.74
N ILE A 20 30.58 -24.51 23.59
CA ILE A 20 31.97 -24.55 23.14
C ILE A 20 32.21 -25.76 22.23
N GLU A 21 31.66 -26.91 22.63
CA GLU A 21 31.75 -28.13 21.82
C GLU A 21 31.14 -27.95 20.41
N ASN A 22 30.20 -27.02 20.26
CA ASN A 22 29.51 -26.86 18.98
C ASN A 22 29.94 -25.63 18.20
N LEU A 23 31.10 -25.08 18.53
CA LEU A 23 31.57 -23.86 17.87
C LEU A 23 32.02 -24.11 16.43
N ASP A 24 32.59 -25.28 16.18
CA ASP A 24 33.06 -25.61 14.85
C ASP A 24 31.85 -25.74 13.92
N TYR A 25 30.76 -26.28 14.46
CA TYR A 25 29.52 -26.42 13.73
C TYR A 25 28.99 -25.06 13.30
N PHE A 26 28.92 -24.13 14.26
CA PHE A 26 28.39 -22.80 14.00
C PHE A 26 29.25 -22.08 12.96
N LYS A 27 30.57 -22.16 13.16
CA LYS A 27 31.53 -21.57 12.25
C LYS A 27 31.30 -22.07 10.84
N GLU A 28 31.20 -23.39 10.69
CA GLU A 28 31.12 -23.95 9.36
C GLU A 28 29.74 -23.72 8.77
N LEU A 29 28.72 -23.66 9.64
CA LEU A 29 27.38 -23.35 9.18
C LEU A 29 27.42 -22.04 8.41
N GLY A 30 28.14 -21.07 8.97
CA GLY A 30 28.46 -19.83 8.29
C GLY A 30 28.08 -18.60 9.07
N VAL A 31 27.54 -18.82 10.27
CA VAL A 31 27.05 -17.76 11.13
C VAL A 31 28.20 -16.99 11.80
N SER A 32 27.99 -15.70 12.08
CA SER A 32 29.05 -14.83 12.64
C SER A 32 28.87 -14.49 14.11
N HIS A 33 27.62 -14.50 14.56
CA HIS A 33 27.31 -14.14 15.94
C HIS A 33 26.46 -15.21 16.65
N LEU A 34 26.89 -15.58 17.86
CA LEU A 34 26.07 -16.41 18.71
C LEU A 34 25.20 -15.50 19.56
N TYR A 35 23.90 -15.74 19.50
CA TYR A 35 22.87 -14.90 20.10
C TYR A 35 22.41 -15.59 21.39
N LEU A 36 23.11 -15.33 22.47
CA LEU A 36 22.97 -16.09 23.70
C LEU A 36 21.79 -15.64 24.57
N SER A 37 21.04 -16.59 25.11
CA SER A 37 20.00 -16.28 26.09
C SER A 37 20.62 -15.66 27.37
N PRO A 38 19.81 -15.05 28.25
CA PRO A 38 20.37 -14.30 29.40
C PRO A 38 21.30 -15.11 30.30
N ILE A 39 22.34 -14.48 30.85
CA ILE A 39 23.34 -15.27 31.56
C ILE A 39 23.64 -14.82 32.99
N LEU A 40 23.01 -13.74 33.45
CA LEU A 40 23.15 -13.42 34.87
C LEU A 40 22.47 -14.52 35.69
N LYS A 41 22.86 -14.67 36.95
CA LYS A 41 22.31 -15.78 37.75
C LYS A 41 20.78 -15.73 37.83
N ALA A 42 20.17 -16.80 37.37
CA ALA A 42 18.74 -16.90 37.35
C ALA A 42 18.36 -17.90 38.45
N ARG A 43 17.08 -18.16 38.63
CA ARG A 43 16.70 -19.14 39.66
C ARG A 43 17.33 -20.48 39.34
N PRO A 44 17.69 -21.22 40.38
CA PRO A 44 18.21 -22.56 40.14
C PRO A 44 17.22 -23.39 39.34
N GLY A 45 17.69 -23.98 38.24
CA GLY A 45 16.87 -24.82 37.41
C GLY A 45 16.11 -24.08 36.31
N SER A 46 16.33 -22.78 36.19
CA SER A 46 15.68 -22.00 35.17
C SER A 46 16.04 -22.56 33.80
N THR A 47 15.04 -22.89 32.98
CA THR A 47 15.32 -23.30 31.61
C THR A 47 15.56 -22.15 30.63
N HIS A 48 15.40 -20.89 31.07
CA HIS A 48 15.42 -19.75 30.14
C HIS A 48 16.22 -18.53 30.60
N GLY A 49 16.40 -18.34 31.90
CA GLY A 49 17.22 -17.25 32.41
C GLY A 49 16.61 -15.86 32.51
N TYR A 50 15.32 -15.72 32.23
CA TYR A 50 14.67 -14.41 32.33
C TYR A 50 14.14 -14.09 33.73
N ASP A 51 14.34 -15.04 34.65
CA ASP A 51 14.05 -14.84 36.06
C ASP A 51 15.35 -14.58 36.83
N VAL A 52 15.91 -13.40 36.61
CA VAL A 52 17.19 -12.99 37.20
C VAL A 52 17.15 -12.90 38.71
N VAL A 53 18.18 -13.38 39.39
CA VAL A 53 18.21 -13.25 40.84
C VAL A 53 19.46 -12.56 41.39
N ASP A 54 20.48 -12.42 40.55
CA ASP A 54 21.70 -11.69 40.94
C ASP A 54 22.34 -10.99 39.75
N HIS A 55 22.39 -9.66 39.81
CA HIS A 55 22.98 -8.84 38.74
C HIS A 55 24.49 -8.88 38.73
N SER A 56 25.10 -9.25 39.85
CA SER A 56 26.55 -9.13 39.97
C SER A 56 27.27 -10.47 39.78
N GLU A 57 26.55 -11.49 39.32
CA GLU A 57 27.17 -12.79 39.10
C GLU A 57 26.68 -13.50 37.83
N ILE A 58 27.62 -14.14 37.12
CA ILE A 58 27.26 -14.94 35.92
C ILE A 58 26.83 -16.34 36.35
N ASN A 59 25.68 -16.77 35.85
CA ASN A 59 25.04 -18.00 36.30
C ASN A 59 25.93 -19.26 36.33
N GLU A 60 26.10 -19.83 37.53
CA GLU A 60 26.97 -20.98 37.73
C GLU A 60 26.43 -22.25 37.07
N GLU A 61 25.13 -22.29 36.84
CA GLU A 61 24.54 -23.47 36.22
C GLU A 61 24.79 -23.51 34.72
N LEU A 62 25.33 -22.43 34.18
CA LEU A 62 25.68 -22.39 32.78
C LEU A 62 27.17 -22.62 32.62
N GLY A 63 27.92 -22.41 33.70
CA GLY A 63 29.37 -22.53 33.65
C GLY A 63 30.08 -21.45 34.44
N GLY A 64 29.31 -20.54 35.03
CA GLY A 64 29.87 -19.40 35.73
C GLY A 64 30.70 -18.45 34.85
N GLU A 65 31.29 -17.46 35.51
CA GLU A 65 32.17 -16.49 34.87
C GLU A 65 33.33 -17.16 34.11
N GLU A 66 33.83 -18.27 34.67
CA GLU A 66 34.93 -18.97 34.01
C GLU A 66 34.48 -19.46 32.64
N GLY A 67 33.40 -20.24 32.62
CA GLY A 67 32.87 -20.79 31.39
C GLY A 67 32.55 -19.73 30.34
N TYR A 68 32.02 -18.59 30.78
CA TYR A 68 31.61 -17.54 29.85
C TYR A 68 32.82 -17.01 29.09
N PHE A 69 33.86 -16.60 29.82
CA PHE A 69 35.04 -16.04 29.18
C PHE A 69 35.78 -17.10 28.38
N LYS A 70 35.79 -18.32 28.89
CA LYS A 70 36.30 -19.46 28.12
C LYS A 70 35.53 -19.58 26.81
N LEU A 71 34.20 -19.51 26.90
CA LEU A 71 33.35 -19.53 25.70
C LEU A 71 33.70 -18.39 24.74
N VAL A 72 33.79 -17.17 25.26
CA VAL A 72 33.98 -16.00 24.43
C VAL A 72 35.29 -16.08 23.66
N LYS A 73 36.36 -16.37 24.39
CA LYS A 73 37.69 -16.44 23.82
C LYS A 73 37.79 -17.61 22.85
N GLU A 74 37.23 -18.76 23.23
CA GLU A 74 37.09 -19.90 22.33
C GLU A 74 36.30 -19.54 21.07
N ALA A 75 35.26 -18.70 21.23
CA ALA A 75 34.43 -18.36 20.08
C ALA A 75 35.13 -17.36 19.18
N LYS A 76 35.71 -16.31 19.76
CA LYS A 76 36.43 -15.29 18.98
C LYS A 76 37.56 -15.92 18.16
N SER A 77 38.20 -16.94 18.74
CA SER A 77 39.32 -17.61 18.09
C SER A 77 38.86 -18.37 16.85
N ARG A 78 37.56 -18.44 16.60
CA ARG A 78 37.15 -18.84 15.28
C ARG A 78 36.11 -17.88 14.69
N GLY A 79 36.37 -16.59 14.87
CA GLY A 79 35.62 -15.55 14.19
C GLY A 79 34.16 -15.45 14.55
N LEU A 80 33.79 -16.04 15.69
CA LEU A 80 32.42 -15.99 16.17
C LEU A 80 32.27 -14.93 17.26
N GLU A 81 31.31 -14.02 17.08
CA GLU A 81 31.04 -12.98 18.06
C GLU A 81 29.81 -13.36 18.88
N ILE A 82 29.56 -12.59 19.94
CA ILE A 82 28.37 -12.78 20.79
C ILE A 82 27.45 -11.58 20.74
N ILE A 83 26.15 -11.85 20.58
CA ILE A 83 25.11 -10.90 20.97
C ILE A 83 24.45 -11.41 22.24
N GLN A 84 24.60 -10.68 23.34
CA GLN A 84 24.15 -11.17 24.63
C GLN A 84 22.79 -10.59 25.05
N ASP A 85 21.82 -11.47 25.25
CA ASP A 85 20.49 -11.13 25.76
C ASP A 85 20.61 -10.64 27.20
N ILE A 86 20.20 -9.39 27.45
CA ILE A 86 20.12 -8.92 28.83
C ILE A 86 18.70 -8.54 29.23
N VAL A 87 18.43 -8.60 30.53
CA VAL A 87 17.09 -8.39 31.07
C VAL A 87 17.10 -7.24 32.06
N PRO A 88 16.85 -6.01 31.57
CA PRO A 88 16.91 -4.83 32.46
C PRO A 88 15.69 -4.60 33.35
N ASN A 89 14.54 -5.08 32.93
CA ASN A 89 13.32 -4.55 33.53
C ASN A 89 12.93 -5.13 34.91
N HIS A 90 13.28 -6.40 35.17
CA HIS A 90 12.71 -7.09 36.32
C HIS A 90 13.56 -8.26 36.85
N MET A 91 13.18 -8.75 38.03
CA MET A 91 13.84 -9.86 38.69
C MET A 91 12.80 -10.84 39.23
N ALA A 92 13.27 -11.95 39.76
CA ALA A 92 12.40 -12.99 40.29
C ALA A 92 12.32 -12.98 41.82
N VAL A 93 11.12 -13.24 42.34
CA VAL A 93 10.94 -13.49 43.77
C VAL A 93 11.45 -14.88 44.17
N HIS A 94 12.69 -14.91 44.63
CA HIS A 94 13.31 -16.13 45.10
C HIS A 94 14.33 -15.73 46.16
N HIS A 95 14.74 -16.67 47.01
CA HIS A 95 15.62 -16.33 48.13
C HIS A 95 17.02 -16.08 47.60
N THR A 96 17.36 -16.74 46.50
CA THR A 96 18.63 -16.50 45.84
C THR A 96 18.75 -15.03 45.36
N ASN A 97 17.65 -14.27 45.39
CA ASN A 97 17.71 -12.84 45.13
C ASN A 97 17.95 -12.07 46.44
N TRP A 98 19.21 -11.96 46.83
CA TRP A 98 19.58 -11.42 48.13
C TRP A 98 19.24 -9.95 48.26
N ARG A 99 19.26 -9.23 47.14
CA ARG A 99 18.83 -7.83 47.16
C ARG A 99 17.37 -7.74 47.60
N LEU A 100 16.53 -8.57 47.01
CA LEU A 100 15.12 -8.58 47.31
C LEU A 100 14.87 -9.06 48.75
N MET A 101 15.67 -10.02 49.20
CA MET A 101 15.47 -10.56 50.53
C MET A 101 15.80 -9.46 51.54
N ASP A 102 16.84 -8.71 51.23
CA ASP A 102 17.23 -7.59 52.07
C ASP A 102 16.07 -6.61 52.31
N LEU A 103 15.35 -6.31 51.23
CA LEU A 103 14.18 -5.44 51.29
C LEU A 103 13.06 -6.10 52.11
N LEU A 104 12.98 -7.42 52.05
CA LEU A 104 11.96 -8.15 52.78
C LEU A 104 12.30 -8.19 54.26
N LYS A 105 13.59 -8.25 54.57
CA LYS A 105 14.05 -8.25 55.95
C LYS A 105 14.01 -6.85 56.60
N SER A 106 14.49 -5.83 55.89
CA SER A 106 14.76 -4.54 56.53
C SER A 106 13.87 -3.39 56.06
N TRP A 107 13.14 -3.62 54.98
CA TRP A 107 12.22 -2.63 54.42
C TRP A 107 12.94 -1.28 54.23
N LYS A 108 12.38 -0.20 54.78
CA LYS A 108 12.99 1.14 54.66
C LYS A 108 14.48 1.21 55.05
N ASN A 109 14.92 0.30 55.91
CA ASN A 109 16.32 0.24 56.32
C ASN A 109 17.19 -0.42 55.27
N SER A 110 16.57 -1.05 54.28
CA SER A 110 17.34 -1.68 53.23
C SER A 110 17.82 -0.64 52.24
N LYS A 111 19.05 -0.81 51.74
CA LYS A 111 19.55 0.05 50.70
C LYS A 111 18.84 -0.24 49.39
N TYR A 112 18.17 -1.38 49.34
CA TYR A 112 17.47 -1.79 48.14
C TYR A 112 15.97 -1.46 48.20
N TYR A 113 15.63 -0.50 49.05
CA TYR A 113 14.24 -0.10 49.23
C TYR A 113 13.64 0.45 47.94
N ASN A 114 14.48 1.09 47.13
CA ASN A 114 14.02 1.77 45.92
C ASN A 114 14.47 1.09 44.65
N TYR A 115 15.28 0.05 44.81
CA TYR A 115 15.76 -0.77 43.72
C TYR A 115 14.55 -1.48 43.12
N PHE A 116 13.56 -1.77 43.96
CA PHE A 116 12.38 -2.48 43.47
C PHE A 116 11.14 -1.60 43.34
N ASP A 117 10.37 -1.88 42.30
CA ASP A 117 9.19 -1.11 42.03
C ASP A 117 8.01 -1.65 42.84
N HIS A 118 7.97 -1.26 44.12
CA HIS A 118 6.84 -1.60 44.98
C HIS A 118 5.98 -0.35 45.19
N TYR A 119 4.68 -0.54 45.30
CA TYR A 119 3.73 0.58 45.29
C TYR A 119 3.63 1.30 46.64
N ASP A 120 3.58 0.52 47.73
CA ASP A 120 3.30 1.06 49.05
C ASP A 120 4.52 1.09 49.92
N ASP A 121 4.46 1.88 51.00
CA ASP A 121 5.63 2.10 51.83
C ASP A 121 5.54 1.36 53.16
N ASP A 122 4.44 0.62 53.34
CA ASP A 122 4.24 -0.10 54.59
C ASP A 122 4.48 -1.61 54.45
N LYS A 123 3.96 -2.21 53.40
CA LYS A 123 4.06 -3.66 53.22
C LYS A 123 4.26 -4.00 51.75
N ILE A 124 4.64 -5.25 51.48
CA ILE A 124 4.50 -5.75 50.13
C ILE A 124 3.74 -7.06 50.12
N ILE A 125 2.73 -7.12 49.25
CA ILE A 125 1.82 -8.25 49.21
C ILE A 125 2.27 -9.23 48.13
N LEU A 126 2.64 -10.43 48.57
CA LEU A 126 3.20 -11.44 47.67
C LEU A 126 2.20 -12.57 47.47
N PRO A 127 1.44 -12.50 46.39
CA PRO A 127 0.39 -13.51 46.22
C PRO A 127 1.00 -14.75 45.62
N ILE A 128 1.74 -15.51 46.41
CA ILE A 128 2.50 -16.66 45.91
C ILE A 128 2.20 -17.96 46.67
N LEU A 129 1.15 -17.95 47.48
CA LEU A 129 0.72 -19.14 48.23
C LEU A 129 -0.23 -20.02 47.41
N GLU A 130 0.00 -21.32 47.46
CA GLU A 130 -0.83 -22.26 46.70
C GLU A 130 -2.21 -22.41 47.34
N ASP A 131 -2.37 -21.84 48.53
CA ASP A 131 -3.66 -21.88 49.22
C ASP A 131 -3.78 -20.69 50.14
N GLU A 132 -4.95 -20.58 50.77
CA GLU A 132 -5.17 -19.58 51.80
C GLU A 132 -4.13 -19.71 52.90
N LEU A 133 -3.64 -18.57 53.38
CA LEU A 133 -2.60 -18.56 54.40
C LEU A 133 -2.93 -19.49 55.55
N ASP A 134 -4.19 -19.44 55.98
CA ASP A 134 -4.67 -20.23 57.09
C ASP A 134 -4.51 -21.70 56.77
N THR A 135 -4.98 -22.09 55.60
CA THR A 135 -4.87 -23.47 55.13
C THR A 135 -3.41 -23.92 55.04
N VAL A 136 -2.56 -23.08 54.45
CA VAL A 136 -1.13 -23.36 54.38
C VAL A 136 -0.54 -23.67 55.76
N ILE A 137 -0.75 -22.74 56.69
CA ILE A 137 -0.36 -22.93 58.08
C ILE A 137 -0.97 -24.21 58.70
N ASP A 138 -2.25 -24.45 58.44
CA ASP A 138 -2.96 -25.57 59.06
C ASP A 138 -2.40 -26.89 58.57
N LYS A 139 -1.89 -26.86 57.34
CA LYS A 139 -1.29 -28.04 56.71
C LYS A 139 0.15 -28.16 57.18
N GLY A 140 0.64 -27.12 57.86
CA GLY A 140 2.00 -27.09 58.33
C GLY A 140 3.03 -27.01 57.22
N LEU A 141 2.71 -26.26 56.17
CA LEU A 141 3.61 -26.12 55.03
C LEU A 141 4.55 -24.92 55.19
N ILE A 142 4.50 -24.28 56.34
CA ILE A 142 5.45 -23.23 56.65
C ILE A 142 6.43 -23.64 57.75
N LYS A 143 7.70 -23.77 57.37
CA LYS A 143 8.71 -24.23 58.30
C LYS A 143 9.47 -23.03 58.84
N LEU A 144 9.60 -23.00 60.16
CA LEU A 144 10.22 -21.93 60.91
C LEU A 144 11.66 -22.24 61.26
N GLN A 145 12.50 -21.20 61.26
CA GLN A 145 13.81 -21.27 61.90
C GLN A 145 14.07 -20.04 62.78
N LYS A 146 15.32 -19.88 63.20
CA LYS A 146 15.75 -18.75 64.04
C LYS A 146 15.43 -17.43 63.36
N ASP A 147 15.73 -17.34 62.06
CA ASP A 147 15.65 -16.07 61.35
C ASP A 147 15.06 -16.17 59.95
N ASN A 148 14.35 -17.26 59.65
CA ASN A 148 13.70 -17.38 58.34
C ASN A 148 12.57 -18.40 58.34
N ILE A 149 11.62 -18.21 57.42
CA ILE A 149 10.56 -19.18 57.19
C ILE A 149 10.81 -19.87 55.83
N GLU A 150 10.22 -21.04 55.63
CA GLU A 150 10.33 -21.71 54.34
C GLU A 150 8.96 -22.20 53.86
N TYR A 151 8.61 -21.88 52.62
CA TYR A 151 7.39 -22.42 52.02
C TYR A 151 7.64 -22.98 50.63
N ARG A 152 7.46 -24.29 50.48
CA ARG A 152 7.66 -24.96 49.21
C ARG A 152 9.04 -24.67 48.65
N GLY A 153 10.03 -24.72 49.54
CA GLY A 153 11.41 -24.45 49.16
C GLY A 153 11.75 -22.98 49.06
N LEU A 154 10.79 -22.09 49.31
CA LEU A 154 11.07 -20.67 49.30
C LEU A 154 11.43 -20.17 50.70
N VAL A 155 12.64 -19.64 50.84
CA VAL A 155 13.08 -19.09 52.10
C VAL A 155 12.93 -17.58 52.15
N LEU A 156 12.21 -17.09 53.16
CA LEU A 156 12.05 -15.67 53.33
C LEU A 156 12.59 -15.31 54.71
N PRO A 157 13.19 -14.13 54.84
CA PRO A 157 13.81 -13.77 56.13
C PRO A 157 12.77 -13.30 57.17
N ILE A 158 13.17 -13.28 58.43
CA ILE A 158 12.33 -12.68 59.46
C ILE A 158 12.90 -11.33 59.89
N ASN A 159 12.03 -10.34 60.03
CA ASN A 159 12.48 -9.00 60.43
C ASN A 159 12.73 -8.91 61.93
N ASP A 160 13.27 -7.78 62.39
CA ASP A 160 13.56 -7.58 63.81
C ASP A 160 12.38 -7.91 64.73
N GLU A 161 11.21 -7.36 64.41
CA GLU A 161 10.04 -7.53 65.24
C GLU A 161 9.66 -9.01 65.40
N GLY A 162 9.75 -9.76 64.30
CA GLY A 162 9.41 -11.17 64.33
C GLY A 162 10.38 -11.99 65.16
N VAL A 163 11.65 -11.64 65.09
CA VAL A 163 12.68 -12.34 65.84
C VAL A 163 12.57 -12.01 67.34
N GLU A 164 12.27 -10.77 67.67
CA GLU A 164 12.04 -10.41 69.06
C GLU A 164 10.89 -11.29 69.62
N PHE A 165 9.85 -11.45 68.82
CA PHE A 165 8.71 -12.32 69.17
C PHE A 165 9.14 -13.76 69.47
N LEU A 166 10.02 -14.30 68.65
CA LEU A 166 10.48 -15.67 68.80
C LEU A 166 11.36 -15.82 70.03
N LYS A 167 12.09 -14.77 70.38
CA LYS A 167 12.90 -14.82 71.60
C LYS A 167 12.02 -14.70 72.84
N ARG A 168 10.96 -13.89 72.76
CA ARG A 168 10.02 -13.76 73.88
C ARG A 168 9.38 -15.10 74.25
N ILE A 169 8.97 -15.84 73.23
CA ILE A 169 8.32 -17.14 73.42
C ILE A 169 9.33 -18.27 73.44
N ASN A 170 10.62 -17.91 73.34
CA ASN A 170 11.72 -18.86 73.37
C ASN A 170 11.47 -20.10 72.51
N CYS A 171 11.03 -19.87 71.29
CA CYS A 171 10.77 -20.94 70.35
C CYS A 171 11.23 -20.56 68.95
N PHE A 172 11.98 -21.45 68.30
CA PHE A 172 12.58 -21.15 67.01
C PHE A 172 12.42 -22.28 65.98
N ASP A 173 11.60 -23.27 66.29
CA ASP A 173 11.26 -24.27 65.30
C ASP A 173 9.78 -24.55 65.45
N ASN A 174 9.23 -25.42 64.59
CA ASN A 174 7.77 -25.61 64.56
C ASN A 174 7.23 -26.34 65.79
N SER A 175 8.09 -27.07 66.50
CA SER A 175 7.68 -27.86 67.66
C SER A 175 7.20 -27.04 68.85
N CYS A 176 7.78 -25.86 69.06
CA CYS A 176 7.55 -25.16 70.32
C CYS A 176 6.55 -24.00 70.27
N LEU A 177 5.72 -23.93 69.21
CA LEU A 177 4.72 -22.87 69.10
C LEU A 177 3.42 -23.33 68.44
N LYS A 178 2.42 -22.45 68.50
CA LYS A 178 1.10 -22.77 67.97
C LYS A 178 0.90 -22.26 66.55
N LYS A 179 -0.10 -22.81 65.87
CA LYS A 179 -0.45 -22.34 64.54
C LYS A 179 -0.77 -20.84 64.57
N GLU A 180 -1.42 -20.37 65.62
CA GLU A 180 -1.73 -18.95 65.69
C GLU A 180 -0.51 -18.12 66.05
N ASP A 181 0.55 -18.77 66.55
CA ASP A 181 1.84 -18.11 66.73
C ASP A 181 2.50 -17.86 65.38
N ILE A 182 2.45 -18.87 64.50
CA ILE A 182 2.98 -18.75 63.13
C ILE A 182 2.22 -17.64 62.40
N LYS A 183 0.90 -17.67 62.55
CA LYS A 183 0.02 -16.62 62.07
C LYS A 183 0.54 -15.24 62.49
N LYS A 184 0.63 -15.04 63.81
CA LYS A 184 1.05 -13.75 64.38
C LYS A 184 2.40 -13.31 63.80
N LEU A 185 3.32 -14.26 63.72
CA LEU A 185 4.63 -14.00 63.13
C LEU A 185 4.56 -13.50 61.68
N LEU A 186 3.70 -14.11 60.87
CA LEU A 186 3.59 -13.73 59.46
C LEU A 186 2.95 -12.35 59.33
N LEU A 187 1.88 -12.10 60.07
CA LEU A 187 1.18 -10.83 60.00
C LEU A 187 2.09 -9.64 60.29
N MET A 188 3.22 -9.88 60.99
CA MET A 188 4.07 -8.75 61.35
C MET A 188 5.29 -8.61 60.42
N GLN A 189 5.32 -9.44 59.39
CA GLN A 189 6.38 -9.33 58.38
C GLN A 189 6.11 -8.22 57.37
N TYR A 190 7.17 -7.51 57.00
CA TYR A 190 7.10 -6.47 55.96
C TYR A 190 6.48 -6.99 54.66
N TYR A 191 6.63 -8.28 54.41
CA TYR A 191 5.88 -8.96 53.35
C TYR A 191 4.66 -9.67 53.92
N GLN A 192 3.58 -9.72 53.15
CA GLN A 192 2.37 -10.44 53.53
C GLN A 192 1.98 -11.46 52.46
N LEU A 193 2.08 -12.73 52.80
CA LEU A 193 1.82 -13.79 51.83
C LEU A 193 0.34 -14.03 51.63
N THR A 194 -0.10 -14.21 50.40
CA THR A 194 -1.49 -14.57 50.16
C THR A 194 -1.63 -15.63 49.10
N TYR A 195 -2.78 -16.26 49.10
CA TYR A 195 -3.26 -17.10 48.02
C TYR A 195 -3.15 -16.33 46.70
N TRP A 196 -2.57 -16.97 45.69
CA TRP A 196 -2.26 -16.33 44.41
C TRP A 196 -3.49 -15.90 43.61
N LYS A 197 -4.67 -16.17 44.13
CA LYS A 197 -5.90 -15.87 43.41
C LYS A 197 -6.77 -14.89 44.18
N LYS A 198 -6.51 -14.76 45.48
CA LYS A 198 -7.24 -13.80 46.30
C LYS A 198 -6.32 -12.68 46.77
N GLY A 199 -5.41 -12.25 45.91
CA GLY A 199 -4.51 -11.15 46.23
C GLY A 199 -4.07 -10.38 45.00
N TYR A 200 -4.09 -9.06 45.09
CA TYR A 200 -3.44 -8.24 44.08
C TYR A 200 -2.03 -7.94 44.57
N PRO A 201 -1.00 -8.21 43.76
CA PRO A 201 0.33 -7.70 44.11
C PRO A 201 0.33 -6.17 44.20
N ASN A 202 1.02 -5.61 45.18
CA ASN A 202 1.15 -4.16 45.24
C ASN A 202 2.56 -3.79 44.81
N TYR A 203 2.97 -4.37 43.69
CA TYR A 203 4.23 -4.03 43.07
C TYR A 203 4.03 -4.22 41.58
N ARG A 204 4.91 -3.61 40.80
CA ARG A 204 4.89 -3.79 39.36
C ARG A 204 5.57 -5.09 38.94
N ARG A 205 4.95 -5.79 38.01
CA ARG A 205 5.40 -7.10 37.59
C ARG A 205 5.96 -7.04 36.19
N PHE A 206 6.45 -8.17 35.73
CA PHE A 206 6.45 -8.39 34.29
C PHE A 206 5.07 -8.89 33.94
N PHE A 207 4.31 -8.08 33.20
CA PHE A 207 2.96 -8.45 32.76
C PHE A 207 2.17 -8.89 33.99
N ALA A 208 1.51 -10.06 33.97
CA ALA A 208 0.83 -10.52 35.19
C ALA A 208 1.55 -11.68 35.90
N VAL A 209 2.87 -11.74 35.79
CA VAL A 209 3.64 -12.79 36.44
C VAL A 209 4.06 -12.39 37.86
N ASN A 210 3.38 -12.91 38.89
CA ASN A 210 3.62 -12.51 40.29
C ASN A 210 5.06 -12.72 40.73
N ASP A 211 5.64 -13.80 40.25
CA ASP A 211 7.04 -14.15 40.48
C ASP A 211 8.04 -13.09 40.08
N LEU A 212 7.65 -12.19 39.19
CA LEU A 212 8.60 -11.22 38.65
C LEU A 212 8.29 -9.80 39.11
N ILE A 213 9.25 -9.19 39.79
CA ILE A 213 9.09 -7.82 40.23
C ILE A 213 10.04 -6.87 39.50
N ALA A 214 9.53 -5.73 39.07
CA ALA A 214 10.30 -4.81 38.25
C ALA A 214 11.36 -4.11 39.08
N VAL A 215 12.48 -3.74 38.44
CA VAL A 215 13.49 -2.94 39.09
C VAL A 215 13.42 -1.52 38.54
N ARG A 216 13.88 -0.54 39.31
CA ARG A 216 13.65 0.86 38.97
C ARG A 216 14.89 1.46 38.34
N ILE A 217 15.15 0.99 37.13
CA ILE A 217 16.38 1.22 36.43
C ILE A 217 16.50 2.69 35.99
N GLU A 218 15.40 3.42 36.04
CA GLU A 218 15.42 4.85 35.78
C GLU A 218 16.14 5.61 36.90
N LEU A 219 16.34 4.97 38.04
CA LEU A 219 17.15 5.57 39.09
C LEU A 219 18.58 5.17 38.82
N ASP A 220 19.49 6.15 38.86
CA ASP A 220 20.82 5.95 38.33
C ASP A 220 21.65 4.99 39.17
N GLU A 221 21.35 4.85 40.45
CA GLU A 221 22.09 3.89 41.25
C GLU A 221 21.68 2.48 40.83
N VAL A 222 20.40 2.31 40.53
CA VAL A 222 19.89 0.97 40.19
C VAL A 222 20.46 0.50 38.86
N PHE A 223 20.51 1.42 37.89
CA PHE A 223 21.08 1.07 36.59
C PHE A 223 22.55 0.67 36.69
N ARG A 224 23.33 1.41 37.48
CA ARG A 224 24.77 1.14 37.63
C ARG A 224 24.99 -0.24 38.24
N GLU A 225 24.29 -0.51 39.35
CA GLU A 225 24.44 -1.79 39.99
C GLU A 225 23.94 -2.94 39.11
N SER A 226 22.82 -2.74 38.41
CA SER A 226 22.23 -3.87 37.70
C SER A 226 23.01 -4.17 36.42
N HIS A 227 23.85 -3.22 35.99
CA HIS A 227 24.64 -3.41 34.77
C HIS A 227 26.12 -3.49 35.05
N GLU A 228 26.49 -3.88 36.27
CA GLU A 228 27.89 -3.96 36.62
C GLU A 228 28.60 -5.06 35.84
N ILE A 229 28.06 -6.28 35.87
CA ILE A 229 28.67 -7.36 35.12
C ILE A 229 28.47 -7.15 33.64
N ILE A 230 27.27 -6.72 33.27
CA ILE A 230 26.92 -6.51 31.86
C ILE A 230 27.95 -5.60 31.18
N ALA A 231 28.37 -4.55 31.88
CA ALA A 231 29.32 -3.57 31.34
C ALA A 231 30.73 -4.13 31.17
N LYS A 232 31.05 -5.22 31.86
CA LYS A 232 32.37 -5.86 31.74
C LYS A 232 32.39 -6.94 30.67
N LEU A 233 31.24 -7.31 30.14
CA LEU A 233 31.16 -8.45 29.22
C LEU A 233 31.85 -8.19 27.88
N PRO A 234 32.78 -9.07 27.50
CA PRO A 234 33.54 -8.92 26.26
C PRO A 234 32.68 -9.40 25.08
N VAL A 235 31.61 -8.66 24.81
CA VAL A 235 30.64 -9.08 23.81
C VAL A 235 30.51 -8.02 22.73
N ASP A 236 30.20 -8.44 21.51
CA ASP A 236 30.10 -7.50 20.40
C ASP A 236 28.77 -6.74 20.46
N GLY A 237 27.77 -7.34 21.12
CA GLY A 237 26.42 -6.80 21.07
C GLY A 237 25.43 -7.21 22.14
N LEU A 238 24.35 -6.44 22.25
CA LEU A 238 23.35 -6.62 23.28
C LEU A 238 21.96 -6.69 22.67
N ARG A 239 21.11 -7.49 23.30
CA ARG A 239 19.70 -7.56 22.97
C ARG A 239 18.90 -7.24 24.24
N ILE A 240 18.04 -6.22 24.15
CA ILE A 240 17.30 -5.71 25.30
C ILE A 240 15.91 -6.30 25.43
N ASP A 241 15.73 -7.17 26.42
CA ASP A 241 14.45 -7.76 26.77
C ASP A 241 13.46 -6.70 27.20
N HIS A 242 12.26 -6.75 26.64
CA HIS A 242 11.13 -5.90 27.10
C HIS A 242 11.48 -4.45 27.44
N ILE A 243 12.08 -3.74 26.49
CA ILE A 243 12.49 -2.36 26.76
C ILE A 243 11.29 -1.45 27.00
N ASP A 244 10.13 -1.86 26.47
CA ASP A 244 8.88 -1.12 26.63
C ASP A 244 8.35 -1.17 28.05
N GLY A 245 9.01 -1.92 28.92
CA GLY A 245 8.64 -1.91 30.31
C GLY A 245 9.24 -0.71 31.05
N LEU A 246 10.25 -0.10 30.45
CA LEU A 246 11.01 0.95 31.14
C LEU A 246 10.23 2.25 31.27
N TYR A 247 10.45 2.93 32.39
CA TYR A 247 9.90 4.26 32.64
C TYR A 247 10.44 5.26 31.59
N ASN A 248 11.69 5.08 31.21
CA ASN A 248 12.29 5.94 30.22
C ASN A 248 13.32 5.18 29.40
N PRO A 249 12.84 4.47 28.38
CA PRO A 249 13.73 3.66 27.53
C PRO A 249 14.82 4.48 26.88
N LYS A 250 14.49 5.69 26.44
CA LYS A 250 15.44 6.52 25.71
C LYS A 250 16.60 6.86 26.62
N GLU A 251 16.24 7.30 27.83
CA GLU A 251 17.23 7.63 28.83
C GLU A 251 18.04 6.37 29.16
N TYR A 252 17.38 5.23 29.18
CA TYR A 252 18.12 4.00 29.48
C TYR A 252 19.11 3.68 28.36
N LEU A 253 18.69 3.85 27.11
CA LEU A 253 19.57 3.54 26.00
C LEU A 253 20.76 4.49 25.99
N ASP A 254 20.54 5.74 26.35
CA ASP A 254 21.63 6.73 26.40
C ASP A 254 22.67 6.37 27.44
N LYS A 255 22.22 5.80 28.55
CA LYS A 255 23.14 5.37 29.60
C LYS A 255 23.83 4.08 29.22
N LEU A 256 23.12 3.17 28.57
CA LEU A 256 23.72 1.95 28.08
C LEU A 256 24.80 2.29 27.03
N ARG A 257 24.48 3.15 26.09
CA ARG A 257 25.47 3.57 25.07
C ARG A 257 26.71 4.21 25.72
N GLN A 258 26.48 5.14 26.63
CA GLN A 258 27.55 5.70 27.47
C GLN A 258 28.40 4.64 28.13
N LEU A 259 27.74 3.59 28.61
CA LEU A 259 28.39 2.54 29.38
C LEU A 259 29.26 1.63 28.49
N VAL A 260 28.69 1.09 27.42
CA VAL A 260 29.37 0.09 26.59
C VAL A 260 29.88 0.63 25.26
N GLY A 261 29.66 1.91 25.00
CA GLY A 261 30.22 2.49 23.79
C GLY A 261 29.31 2.35 22.60
N ASN A 262 29.49 3.22 21.61
CA ASN A 262 28.60 3.30 20.47
C ASN A 262 28.89 2.28 19.35
N ASP A 263 29.89 1.43 19.57
CA ASP A 263 30.31 0.48 18.53
C ASP A 263 29.54 -0.84 18.61
N LYS A 264 29.12 -1.20 19.81
CA LYS A 264 28.39 -2.44 20.02
C LYS A 264 27.08 -2.40 19.24
N ILE A 265 26.70 -3.56 18.74
CA ILE A 265 25.40 -3.75 18.10
C ILE A 265 24.34 -3.89 19.19
N ILE A 266 23.28 -3.10 19.14
CA ILE A 266 22.20 -3.28 20.12
C ILE A 266 20.85 -3.48 19.42
N TYR A 267 20.20 -4.60 19.71
CA TYR A 267 18.86 -4.85 19.25
C TYR A 267 17.91 -4.75 20.42
N VAL A 268 16.70 -4.24 20.18
CA VAL A 268 15.70 -4.21 21.24
C VAL A 268 14.57 -5.19 20.96
N GLU A 269 14.10 -5.90 21.98
CA GLU A 269 12.88 -6.65 21.82
C GLU A 269 11.73 -5.67 21.94
N LYS A 270 11.06 -5.37 20.82
CA LYS A 270 9.99 -4.38 20.87
C LYS A 270 9.03 -4.57 19.71
N ILE A 271 7.74 -4.74 19.98
CA ILE A 271 6.79 -5.00 18.92
C ILE A 271 6.28 -3.73 18.24
N LEU A 272 6.43 -3.67 16.94
CA LEU A 272 6.02 -2.51 16.14
C LEU A 272 4.63 -2.75 15.55
N SER A 273 3.86 -1.69 15.40
CA SER A 273 2.53 -1.84 14.82
C SER A 273 2.46 -1.35 13.37
N ILE A 274 1.23 -1.12 12.92
CA ILE A 274 0.87 -0.95 11.51
C ILE A 274 1.73 0.01 10.66
N ASN A 275 2.26 1.09 11.25
CA ASN A 275 3.17 1.99 10.52
C ASN A 275 4.30 2.55 11.38
N GLU A 276 4.40 2.01 12.60
CA GLU A 276 5.33 2.49 13.58
C GLU A 276 6.76 2.22 13.17
N LYS A 277 7.67 3.09 13.60
CA LYS A 277 9.08 2.76 13.54
C LYS A 277 9.74 3.08 14.88
N LEU A 278 10.94 2.56 15.08
CA LEU A 278 11.71 2.91 16.25
C LEU A 278 12.03 4.40 16.26
N ARG A 279 11.84 5.00 17.44
CA ARG A 279 12.25 6.34 17.71
C ARG A 279 13.67 6.65 17.21
N ASP A 280 13.77 7.74 16.45
CA ASP A 280 15.04 8.24 15.93
C ASP A 280 16.12 8.34 16.98
N ASP A 281 15.73 8.69 18.20
CA ASP A 281 16.72 8.98 19.22
C ASP A 281 17.07 7.75 20.08
N TRP A 282 16.64 6.57 19.64
CA TRP A 282 17.10 5.35 20.29
C TRP A 282 18.40 4.94 19.61
N LYS A 283 19.51 5.11 20.32
CA LYS A 283 20.82 4.80 19.74
C LYS A 283 20.95 3.28 19.68
N VAL A 284 20.22 2.70 18.74
CA VAL A 284 19.92 1.29 18.72
C VAL A 284 19.88 0.86 17.25
N ASP A 285 20.24 -0.40 16.97
CA ASP A 285 20.40 -0.79 15.59
C ASP A 285 19.22 -1.58 15.07
N GLY A 286 18.19 -1.73 15.89
CA GLY A 286 16.95 -2.36 15.45
C GLY A 286 16.28 -3.23 16.49
N THR A 287 15.27 -3.99 16.04
CA THR A 287 14.60 -4.99 16.88
C THR A 287 15.03 -6.41 16.50
N THR A 288 14.53 -7.40 17.23
CA THR A 288 14.84 -8.80 16.96
C THR A 288 14.08 -9.36 15.75
N GLY A 289 13.28 -8.52 15.11
CA GLY A 289 12.74 -8.82 13.79
C GLY A 289 11.32 -9.32 13.58
N TYR A 290 10.39 -9.00 14.49
CA TYR A 290 9.00 -9.45 14.33
C TYR A 290 8.33 -8.73 13.19
N ASP A 291 8.79 -7.53 12.89
CA ASP A 291 8.26 -6.80 11.76
C ASP A 291 8.53 -7.57 10.47
N PHE A 292 9.77 -7.99 10.27
CA PHE A 292 10.15 -8.77 9.11
C PHE A 292 9.37 -10.06 9.04
N LEU A 293 9.34 -10.78 10.15
CA LEU A 293 8.64 -12.07 10.24
C LEU A 293 7.24 -11.98 9.68
N ASN A 294 6.49 -11.01 10.16
CA ASN A 294 5.10 -10.90 9.72
C ASN A 294 4.93 -10.39 8.30
N TYR A 295 5.87 -9.58 7.81
CA TYR A 295 5.81 -9.20 6.41
C TYR A 295 5.99 -10.43 5.50
N VAL A 296 6.93 -11.31 5.83
CA VAL A 296 7.09 -12.52 5.04
C VAL A 296 5.88 -13.42 5.26
N ASN A 297 5.42 -13.48 6.51
CA ASN A 297 4.36 -14.39 6.88
C ASN A 297 3.08 -14.12 6.10
N MET A 298 2.77 -12.84 5.95
CA MET A 298 1.60 -12.43 5.20
C MET A 298 1.81 -12.67 3.72
N LEU A 299 3.04 -12.50 3.25
CA LEU A 299 3.35 -12.72 1.84
C LEU A 299 3.09 -14.18 1.45
N LEU A 300 3.38 -15.11 2.35
CA LEU A 300 3.16 -16.54 2.10
C LEU A 300 1.69 -16.90 1.99
N VAL A 301 0.81 -16.02 2.44
CA VAL A 301 -0.61 -16.34 2.41
C VAL A 301 -1.19 -15.92 1.07
N ASP A 302 -1.95 -16.80 0.43
CA ASP A 302 -2.61 -16.53 -0.86
C ASP A 302 -3.90 -15.75 -0.69
N GLY A 303 -3.91 -14.54 -1.26
CA GLY A 303 -5.10 -13.69 -1.15
C GLY A 303 -6.38 -14.26 -1.73
N SER A 304 -6.29 -15.08 -2.77
CA SER A 304 -7.50 -15.56 -3.46
C SER A 304 -8.30 -16.54 -2.64
N GLY A 305 -7.78 -16.94 -1.48
CA GLY A 305 -8.47 -17.87 -0.60
C GLY A 305 -9.13 -17.19 0.57
N GLU A 306 -8.99 -15.87 0.61
CA GLU A 306 -9.48 -15.10 1.73
C GLU A 306 -10.99 -15.22 1.95
N GLU A 307 -11.77 -14.97 0.89
CA GLU A 307 -13.22 -15.02 1.00
C GLU A 307 -13.70 -16.42 1.40
N GLU A 308 -13.19 -17.44 0.73
CA GLU A 308 -13.61 -18.80 0.98
C GLU A 308 -13.23 -19.27 2.40
N LEU A 309 -11.98 -19.04 2.81
CA LEU A 309 -11.59 -19.41 4.17
C LEU A 309 -12.39 -18.62 5.20
N THR A 310 -12.67 -17.35 4.91
CA THR A 310 -13.49 -16.57 5.82
C THR A 310 -14.91 -17.19 5.96
N LYS A 311 -15.60 -17.39 4.84
CA LYS A 311 -16.98 -17.87 4.92
C LYS A 311 -17.08 -19.28 5.51
N PHE A 312 -16.09 -20.15 5.26
CA PHE A 312 -16.16 -21.49 5.80
C PHE A 312 -15.98 -21.50 7.31
N TYR A 313 -15.02 -20.71 7.78
CA TYR A 313 -14.76 -20.56 9.20
C TYR A 313 -16.03 -20.11 9.92
N GLU A 314 -16.63 -19.03 9.43
CA GLU A 314 -17.94 -18.61 9.91
C GLU A 314 -18.98 -19.75 9.92
N ASN A 315 -19.18 -20.40 8.77
CA ASN A 315 -20.18 -21.44 8.69
C ASN A 315 -19.85 -22.57 9.63
N PHE A 316 -18.56 -22.94 9.71
CA PHE A 316 -18.19 -24.13 10.46
C PHE A 316 -18.35 -23.95 11.98
N ILE A 317 -18.13 -22.74 12.47
CA ILE A 317 -18.32 -22.51 13.89
C ILE A 317 -19.73 -21.95 14.18
N GLY A 318 -20.44 -21.56 13.13
CA GLY A 318 -21.85 -21.19 13.26
C GLY A 318 -22.04 -19.83 13.91
N ARG A 319 -20.96 -19.08 13.95
CA ARG A 319 -20.92 -17.81 14.63
C ARG A 319 -20.04 -16.93 13.77
N LYS A 320 -20.42 -15.69 13.52
CA LYS A 320 -19.51 -14.80 12.81
C LYS A 320 -18.60 -14.17 13.86
N ILE A 321 -17.35 -13.91 13.53
CA ILE A 321 -16.45 -13.26 14.48
C ILE A 321 -15.82 -12.02 13.87
N ASN A 322 -16.10 -10.86 14.47
CA ASN A 322 -15.51 -9.60 14.02
C ASN A 322 -14.20 -9.32 14.74
N ILE A 323 -13.12 -9.16 13.98
CA ILE A 323 -11.78 -9.16 14.54
C ILE A 323 -11.52 -7.92 15.42
N ASP A 324 -11.99 -6.75 14.98
CA ASP A 324 -11.72 -5.53 15.73
C ASP A 324 -12.42 -5.50 17.09
N GLU A 325 -13.61 -6.08 17.19
CA GLU A 325 -14.29 -6.19 18.48
C GLU A 325 -13.63 -7.23 19.36
N LEU A 326 -13.23 -8.33 18.73
CA LEU A 326 -12.54 -9.40 19.44
C LEU A 326 -11.26 -8.88 20.09
N ILE A 327 -10.47 -8.13 19.34
CA ILE A 327 -9.25 -7.56 19.89
C ILE A 327 -9.60 -6.67 21.09
N ILE A 328 -10.57 -5.79 20.89
CA ILE A 328 -10.99 -4.87 21.92
C ILE A 328 -11.52 -5.59 23.16
N GLN A 329 -12.40 -6.56 22.99
CA GLN A 329 -12.95 -7.25 24.15
C GLN A 329 -11.85 -8.03 24.88
N SER A 330 -10.87 -8.55 24.13
CA SER A 330 -9.82 -9.36 24.75
C SER A 330 -8.90 -8.51 25.62
N LYS A 331 -8.66 -7.28 25.19
CA LYS A 331 -7.84 -6.38 25.98
C LYS A 331 -8.57 -5.97 27.25
N LYS A 332 -9.87 -5.72 27.12
CA LYS A 332 -10.71 -5.41 28.27
C LYS A 332 -10.82 -6.62 29.20
N LEU A 333 -10.88 -7.82 28.63
CA LEU A 333 -10.95 -9.03 29.43
C LEU A 333 -9.71 -9.12 30.35
N VAL A 334 -8.54 -8.92 29.77
CA VAL A 334 -7.27 -9.03 30.47
C VAL A 334 -7.04 -7.87 31.44
N ALA A 335 -7.53 -6.68 31.08
CA ALA A 335 -7.47 -5.54 31.98
C ALA A 335 -8.13 -5.89 33.31
N ASN A 336 -9.33 -6.47 33.23
CA ASN A 336 -10.18 -6.74 34.38
C ASN A 336 -9.79 -8.02 35.13
N GLN A 337 -9.28 -8.99 34.40
CA GLN A 337 -8.93 -10.29 34.95
C GLN A 337 -7.53 -10.30 35.56
N LEU A 338 -6.57 -9.70 34.88
CA LEU A 338 -5.18 -9.80 35.31
C LEU A 338 -4.61 -8.50 35.91
N PHE A 339 -5.18 -7.35 35.54
CA PHE A 339 -4.57 -6.08 35.94
C PHE A 339 -5.52 -5.09 36.65
N LYS A 340 -6.64 -5.58 37.17
CA LYS A 340 -7.62 -4.69 37.82
C LYS A 340 -7.00 -3.86 38.91
N GLY A 341 -6.08 -4.48 39.65
CA GLY A 341 -5.44 -3.78 40.75
C GLY A 341 -4.56 -2.65 40.27
N ASP A 342 -3.82 -2.87 39.20
CA ASP A 342 -2.92 -1.84 38.69
C ASP A 342 -3.70 -0.69 38.05
N ILE A 343 -4.73 -1.04 37.28
CA ILE A 343 -5.56 -0.06 36.61
C ILE A 343 -6.38 0.77 37.63
N GLU A 344 -6.82 0.15 38.71
CA GLU A 344 -7.44 0.89 39.80
C GLU A 344 -6.52 1.99 40.34
N ARG A 345 -5.24 1.66 40.54
CA ARG A 345 -4.26 2.63 41.02
C ARG A 345 -3.94 3.68 39.99
N LEU A 346 -3.84 3.29 38.72
CA LEU A 346 -3.52 4.24 37.65
C LEU A 346 -4.69 5.19 37.43
N SER A 347 -5.89 4.74 37.76
CA SER A 347 -7.07 5.60 37.71
C SER A 347 -6.95 6.71 38.74
N LYS A 348 -6.49 6.35 39.94
CA LYS A 348 -6.40 7.30 41.04
C LYS A 348 -5.24 8.27 40.79
N LEU A 349 -4.14 7.74 40.29
CA LEU A 349 -2.99 8.55 39.92
C LEU A 349 -3.33 9.59 38.84
N LEU A 350 -4.10 9.17 37.85
CA LEU A 350 -4.43 9.99 36.69
C LEU A 350 -5.76 10.72 36.81
N ASN A 351 -6.45 10.50 37.94
CA ASN A 351 -7.72 11.18 38.21
C ASN A 351 -8.86 10.82 37.24
N VAL A 352 -8.86 9.60 36.71
CA VAL A 352 -9.93 9.20 35.80
C VAL A 352 -10.72 8.02 36.38
N ASN A 353 -11.92 7.79 35.84
CA ASN A 353 -12.73 6.63 36.19
C ASN A 353 -12.09 5.38 35.63
N TYR A 354 -12.22 4.29 36.39
CA TYR A 354 -11.61 3.03 36.05
C TYR A 354 -12.00 2.57 34.64
N ASP A 355 -13.29 2.69 34.27
CA ASP A 355 -13.76 2.19 32.97
C ASP A 355 -13.15 2.99 31.83
N TYR A 356 -13.11 4.30 31.99
CA TYR A 356 -12.56 5.14 30.93
C TYR A 356 -11.14 4.71 30.65
N LEU A 357 -10.40 4.41 31.72
CA LEU A 357 -9.02 4.03 31.57
C LEU A 357 -8.88 2.64 30.92
N VAL A 358 -9.75 1.70 31.27
CA VAL A 358 -9.72 0.39 30.62
C VAL A 358 -10.14 0.53 29.15
N ASP A 359 -11.14 1.36 28.89
CA ASP A 359 -11.52 1.68 27.52
C ASP A 359 -10.35 2.25 26.71
N PHE A 360 -9.58 3.16 27.31
CA PHE A 360 -8.42 3.76 26.65
C PHE A 360 -7.35 2.71 26.32
N LEU A 361 -7.01 1.85 27.29
CA LEU A 361 -5.97 0.84 27.10
C LEU A 361 -6.38 -0.15 26.02
N ALA A 362 -7.67 -0.46 25.98
CA ALA A 362 -8.21 -1.40 25.01
C ALA A 362 -8.28 -0.72 23.65
N CYS A 363 -8.14 0.60 23.66
CA CYS A 363 -8.18 1.37 22.42
C CYS A 363 -6.81 1.49 21.74
N MET A 364 -5.75 1.56 22.54
CA MET A 364 -4.40 1.79 22.01
C MET A 364 -4.04 0.87 20.85
N LYS A 365 -3.56 1.46 19.75
CA LYS A 365 -3.30 0.71 18.53
C LYS A 365 -1.82 0.38 18.33
N LYS A 366 -0.99 0.83 19.26
CA LYS A 366 0.40 0.41 19.33
C LYS A 366 0.66 -0.01 20.77
N TYR A 367 1.83 -0.59 21.03
CA TYR A 367 2.08 -1.21 22.31
C TYR A 367 2.23 -0.16 23.39
N ARG A 368 2.85 0.97 23.05
CA ARG A 368 2.87 2.13 23.98
C ARG A 368 3.37 3.42 23.33
N THR A 369 3.14 4.53 24.03
CA THR A 369 3.52 5.86 23.61
C THR A 369 4.80 6.19 24.37
N TYR A 370 5.53 7.22 23.97
CA TYR A 370 6.83 7.49 24.60
C TYR A 370 7.04 8.94 25.03
N LEU A 371 6.01 9.50 25.67
CA LEU A 371 6.16 10.70 26.47
C LEU A 371 7.31 10.44 27.42
N PRO A 372 8.09 11.47 27.77
CA PRO A 372 7.89 12.88 27.46
C PRO A 372 8.46 13.27 26.10
N PHE A 373 8.91 12.31 25.29
CA PHE A 373 9.50 12.62 23.99
C PHE A 373 8.47 12.68 22.88
N GLU A 374 7.58 11.69 22.82
CA GLU A 374 6.46 11.76 21.91
C GLU A 374 5.54 12.89 22.34
N ASP A 375 4.78 13.45 21.41
CA ASP A 375 3.85 14.51 21.76
C ASP A 375 2.56 13.92 22.33
N ILE A 376 1.85 14.74 23.12
CA ILE A 376 0.69 14.28 23.85
C ILE A 376 -0.41 13.80 22.91
N ASN A 377 -0.31 14.14 21.64
CA ASN A 377 -1.37 13.74 20.72
C ASN A 377 -1.24 12.28 20.28
N GLY A 378 -0.24 11.59 20.83
CA GLY A 378 -0.08 10.17 20.58
C GLY A 378 -1.12 9.39 21.35
N ILE A 379 -1.64 10.01 22.41
CA ILE A 379 -2.69 9.39 23.19
C ILE A 379 -4.03 10.07 22.94
N ARG A 380 -3.97 11.20 22.24
CA ARG A 380 -5.14 11.97 21.78
C ARG A 380 -6.30 11.14 21.28
N GLU A 381 -6.04 10.18 20.41
CA GLU A 381 -7.11 9.50 19.68
C GLU A 381 -7.97 8.60 20.56
N CYS A 382 -7.40 7.97 21.56
CA CYS A 382 -8.16 7.11 22.46
C CYS A 382 -8.66 7.86 23.70
N ASP A 383 -7.88 8.87 24.12
CA ASP A 383 -8.32 9.77 25.19
C ASP A 383 -9.23 10.86 24.61
N LYS A 384 -10.27 10.43 23.90
CA LYS A 384 -11.15 11.31 23.14
C LYS A 384 -11.65 12.50 23.94
N GLU A 385 -11.71 12.36 25.26
CA GLU A 385 -12.25 13.41 26.12
C GLU A 385 -11.20 14.26 26.83
N GLY A 386 -9.92 14.04 26.54
CA GLY A 386 -8.86 14.87 27.09
C GLY A 386 -8.73 14.80 28.60
N LYS A 387 -8.87 13.59 29.13
CA LYS A 387 -8.83 13.40 30.57
C LYS A 387 -7.41 13.18 31.07
N LEU A 388 -6.54 12.69 30.19
CA LEU A 388 -5.21 12.29 30.59
C LEU A 388 -4.23 13.43 30.37
N LYS A 389 -3.73 13.99 31.47
CA LYS A 389 -2.98 15.25 31.41
C LYS A 389 -1.69 15.22 32.24
N ASP A 390 -1.67 14.43 33.30
CA ASP A 390 -0.49 14.39 34.12
C ASP A 390 0.62 13.69 33.35
N GLU A 391 1.65 14.45 32.97
CA GLU A 391 2.74 13.90 32.17
C GLU A 391 3.34 12.64 32.79
N LYS A 392 3.72 12.75 34.06
CA LYS A 392 4.33 11.63 34.78
C LYS A 392 3.35 10.49 35.00
N GLY A 393 2.07 10.82 35.04
CA GLY A 393 1.05 9.80 35.16
C GLY A 393 0.95 8.99 33.90
N ILE A 394 0.99 9.68 32.77
CA ILE A 394 1.02 9.03 31.47
C ILE A 394 2.34 8.25 31.30
N MET A 395 3.42 8.80 31.84
CA MET A 395 4.72 8.13 31.78
C MET A 395 4.61 6.81 32.55
N ARG A 396 3.86 6.87 33.64
CA ARG A 396 3.62 5.72 34.49
C ARG A 396 2.74 4.69 33.78
N LEU A 397 1.64 5.18 33.21
CA LEU A 397 0.71 4.38 32.45
C LEU A 397 1.38 3.67 31.28
N GLN A 398 2.37 4.35 30.69
CA GLN A 398 3.09 3.82 29.55
C GLN A 398 3.79 2.50 29.87
N GLN A 399 4.03 2.26 31.15
CA GLN A 399 4.70 1.04 31.55
C GLN A 399 3.77 -0.15 31.55
N TYR A 400 2.47 0.11 31.55
CA TYR A 400 1.48 -0.97 31.61
C TYR A 400 0.87 -1.17 30.23
N MET A 401 0.88 -0.12 29.41
CA MET A 401 0.32 -0.23 28.06
C MET A 401 0.77 -1.46 27.24
N PRO A 402 2.05 -1.85 27.31
CA PRO A 402 2.42 -3.02 26.51
C PRO A 402 1.84 -4.33 27.06
N ALA A 403 1.64 -4.35 28.37
CA ALA A 403 1.11 -5.54 29.03
C ALA A 403 -0.34 -5.79 28.61
N ILE A 404 -1.12 -4.72 28.45
CA ILE A 404 -2.45 -4.91 27.90
C ILE A 404 -2.38 -5.39 26.45
N PHE A 405 -1.51 -4.78 25.64
CA PHE A 405 -1.47 -5.17 24.24
C PHE A 405 -0.96 -6.60 24.16
N ALA A 406 0.09 -6.91 24.90
CA ALA A 406 0.66 -8.24 24.78
C ALA A 406 -0.31 -9.32 25.27
N LYS A 407 -0.89 -9.13 26.45
CA LYS A 407 -1.76 -10.15 27.05
C LYS A 407 -3.11 -10.25 26.33
N GLY A 408 -3.59 -9.14 25.78
CA GLY A 408 -4.86 -9.13 25.09
C GLY A 408 -4.77 -9.65 23.66
N TYR A 409 -3.75 -9.21 22.93
CA TYR A 409 -3.64 -9.61 21.53
C TYR A 409 -2.82 -10.91 21.38
N GLU A 410 -1.54 -10.86 21.77
CA GLU A 410 -0.69 -12.05 21.66
C GLU A 410 -1.25 -13.27 22.39
N ASP A 411 -1.60 -13.13 23.68
CA ASP A 411 -2.02 -14.27 24.50
C ASP A 411 -3.54 -14.43 24.70
N THR A 412 -4.37 -13.73 23.93
CA THR A 412 -5.80 -14.07 23.92
C THR A 412 -6.39 -14.14 22.50
N THR A 413 -6.44 -13.00 21.82
CA THR A 413 -6.94 -12.92 20.45
C THR A 413 -6.32 -13.96 19.50
N LEU A 414 -4.98 -14.08 19.55
CA LEU A 414 -4.25 -15.04 18.72
C LEU A 414 -4.67 -16.50 18.92
N PHE A 415 -5.44 -16.79 19.96
CA PHE A 415 -5.81 -18.15 20.25
C PHE A 415 -7.31 -18.35 20.08
N ILE A 416 -7.97 -17.33 19.54
CA ILE A 416 -9.42 -17.39 19.34
C ILE A 416 -9.81 -17.30 17.85
N TYR A 417 -9.33 -16.26 17.17
CA TYR A 417 -9.71 -16.05 15.78
C TYR A 417 -8.97 -17.03 14.85
N ASN A 418 -9.62 -18.15 14.54
CA ASN A 418 -8.94 -19.26 13.89
C ASN A 418 -9.12 -19.41 12.38
N ARG A 419 -9.42 -18.32 11.67
CA ARG A 419 -9.63 -18.38 10.21
C ARG A 419 -8.47 -19.07 9.47
N LEU A 420 -7.25 -18.73 9.83
CA LEU A 420 -6.05 -19.39 9.30
C LEU A 420 -4.90 -19.05 10.24
N ILE A 421 -4.61 -19.96 11.16
CA ILE A 421 -3.80 -19.65 12.32
C ILE A 421 -2.30 -19.50 12.01
N SER A 422 -1.88 -19.84 10.81
CA SER A 422 -0.52 -19.52 10.39
C SER A 422 -0.27 -18.02 10.50
N LEU A 423 -1.34 -17.23 10.46
CA LEU A 423 -1.21 -15.78 10.63
C LEU A 423 -1.18 -15.32 12.10
N ASN A 424 -1.69 -16.16 13.02
CA ASN A 424 -1.79 -15.74 14.41
C ASN A 424 -0.45 -15.78 15.08
N GLU A 425 0.40 -14.81 14.78
CA GLU A 425 1.77 -14.84 15.24
C GLU A 425 2.06 -13.57 16.06
N VAL A 426 3.14 -13.58 16.84
CA VAL A 426 3.54 -12.40 17.59
C VAL A 426 3.98 -11.26 16.65
N GLY A 427 3.47 -10.05 16.90
CA GLY A 427 3.76 -8.93 16.03
C GLY A 427 2.92 -8.92 14.77
N SER A 428 1.92 -9.79 14.69
CA SER A 428 1.04 -9.79 13.53
C SER A 428 -0.03 -8.71 13.63
N ASP A 429 -0.89 -8.68 12.62
CA ASP A 429 -2.07 -7.82 12.58
C ASP A 429 -3.17 -8.61 11.93
N LEU A 430 -4.01 -9.26 12.73
CA LEU A 430 -5.05 -10.11 12.17
C LEU A 430 -6.15 -9.34 11.45
N ARG A 431 -6.07 -8.01 11.44
CA ARG A 431 -6.98 -7.22 10.60
C ARG A 431 -6.63 -7.39 9.12
N ARG A 432 -5.37 -7.73 8.82
CA ARG A 432 -5.00 -8.00 7.46
C ARG A 432 -4.98 -9.51 7.25
N PHE A 433 -4.84 -9.91 6.00
CA PHE A 433 -4.85 -11.31 5.67
C PHE A 433 -3.58 -11.72 4.95
N SER A 434 -3.41 -11.21 3.75
CA SER A 434 -2.27 -11.52 2.92
C SER A 434 -1.56 -10.23 2.54
N LEU A 435 -0.38 -10.36 1.96
CA LEU A 435 0.39 -9.21 1.51
C LEU A 435 0.96 -9.49 0.14
N SER A 436 1.19 -8.43 -0.64
CA SER A 436 1.70 -8.54 -2.01
C SER A 436 3.22 -8.40 -2.10
N ILE A 437 3.77 -8.89 -3.21
CA ILE A 437 5.20 -8.74 -3.47
C ILE A 437 5.60 -7.24 -3.44
N GLU A 438 4.79 -6.39 -4.04
CA GLU A 438 5.14 -4.97 -4.04
C GLU A 438 5.05 -4.40 -2.61
N ASP A 439 4.07 -4.85 -1.83
CA ASP A 439 4.04 -4.53 -0.39
C ASP A 439 5.34 -4.95 0.29
N PHE A 440 5.79 -6.14 -0.05
CA PHE A 440 7.02 -6.67 0.50
C PHE A 440 8.20 -5.81 0.05
N HIS A 441 8.22 -5.44 -1.23
CA HIS A 441 9.29 -4.59 -1.75
C HIS A 441 9.35 -3.23 -1.04
N ASN A 442 8.20 -2.62 -0.83
CA ASN A 442 8.13 -1.31 -0.19
C ASN A 442 8.71 -1.37 1.22
N PHE A 443 8.36 -2.43 1.95
CA PHE A 443 8.87 -2.70 3.28
C PHE A 443 10.38 -2.77 3.27
N ASN A 444 10.92 -3.59 2.38
CA ASN A 444 12.37 -3.66 2.20
C ASN A 444 13.01 -2.30 1.80
N LEU A 445 12.34 -1.59 0.91
CA LEU A 445 12.84 -0.30 0.43
C LEU A 445 13.13 0.67 1.57
N SER A 446 12.31 0.59 2.63
CA SER A 446 12.46 1.47 3.77
C SER A 446 13.57 0.97 4.68
N ARG A 447 14.10 -0.21 4.39
CA ARG A 447 15.09 -0.81 5.29
C ARG A 447 16.36 -1.17 4.58
N VAL A 448 16.56 -0.62 3.38
CA VAL A 448 17.69 -1.03 2.53
C VAL A 448 19.03 -1.07 3.27
N ASN A 449 19.30 -0.08 4.11
CA ASN A 449 20.58 -0.08 4.82
C ASN A 449 20.54 -0.63 6.26
N THR A 450 19.45 -1.28 6.66
CA THR A 450 19.27 -1.67 8.06
C THR A 450 20.13 -2.87 8.44
N ILE A 451 20.55 -2.94 9.71
CA ILE A 451 21.12 -4.19 10.23
C ILE A 451 20.18 -4.85 11.25
N SER A 452 18.91 -4.42 11.29
CA SER A 452 17.92 -5.03 12.16
C SER A 452 17.69 -6.51 11.80
N MET A 453 17.32 -7.31 12.79
CA MET A 453 17.23 -8.75 12.57
C MET A 453 16.13 -9.13 11.60
N ASN A 454 16.41 -10.10 10.75
CA ASN A 454 15.35 -10.74 9.98
C ASN A 454 15.17 -12.15 10.55
N THR A 455 14.03 -12.42 11.18
CA THR A 455 13.79 -13.71 11.82
C THR A 455 12.39 -14.24 11.46
N LEU A 456 12.23 -15.55 11.53
CA LEU A 456 10.93 -16.16 11.22
C LEU A 456 10.49 -17.08 12.37
N SER A 457 11.40 -17.33 13.31
CA SER A 457 11.15 -18.20 14.47
C SER A 457 11.93 -17.71 15.69
N THR A 458 11.29 -17.72 16.86
CA THR A 458 11.94 -17.39 18.12
C THR A 458 11.50 -18.30 19.26
N HIS A 459 12.03 -18.03 20.44
CA HIS A 459 11.65 -18.76 21.65
C HIS A 459 10.30 -18.27 22.19
N ASP A 460 9.76 -17.22 21.58
CA ASP A 460 8.44 -16.74 21.96
C ASP A 460 7.38 -16.80 20.86
N THR A 461 7.75 -17.06 19.61
CA THR A 461 6.74 -17.11 18.53
C THR A 461 5.76 -18.23 18.77
N LYS A 462 4.50 -17.98 18.42
CA LYS A 462 3.45 -18.97 18.59
C LYS A 462 3.76 -20.30 17.89
N PHE A 463 4.37 -20.21 16.71
CA PHE A 463 4.76 -21.37 15.93
C PHE A 463 6.17 -21.20 15.42
N SER A 464 6.80 -22.29 15.00
CA SER A 464 7.99 -22.16 14.17
C SER A 464 7.56 -21.79 12.76
N GLU A 465 8.48 -21.17 12.02
CA GLU A 465 8.25 -20.80 10.62
C GLU A 465 7.74 -21.97 9.77
N ASP A 466 8.25 -23.18 10.02
CA ASP A 466 7.88 -24.33 9.19
C ASP A 466 6.46 -24.77 9.50
N VAL A 467 6.02 -24.63 10.76
CA VAL A 467 4.63 -24.91 11.08
C VAL A 467 3.72 -23.94 10.29
N ARG A 468 4.06 -22.66 10.29
CA ARG A 468 3.25 -21.65 9.58
C ARG A 468 3.25 -21.89 8.06
N ALA A 469 4.37 -22.38 7.51
CA ALA A 469 4.49 -22.55 6.06
C ALA A 469 3.50 -23.60 5.52
N ARG A 470 3.31 -24.67 6.28
CA ARG A 470 2.37 -25.70 5.90
C ARG A 470 0.91 -25.22 5.98
N ILE A 471 0.55 -24.56 7.08
CA ILE A 471 -0.83 -24.15 7.31
C ILE A 471 -1.25 -23.10 6.29
N SER A 472 -0.30 -22.27 5.87
CA SER A 472 -0.57 -21.27 4.85
C SER A 472 -0.88 -21.85 3.46
N VAL A 473 -0.47 -23.09 3.21
CA VAL A 473 -0.82 -23.80 1.98
C VAL A 473 -2.35 -23.93 1.81
N LEU A 474 -3.08 -24.09 2.92
CA LEU A 474 -4.53 -24.13 2.89
C LEU A 474 -5.14 -22.91 2.16
N SER A 475 -4.50 -21.74 2.29
CA SER A 475 -5.04 -20.53 1.65
C SER A 475 -5.10 -20.70 0.14
N GLU A 476 -4.18 -21.49 -0.41
CA GLU A 476 -4.15 -21.76 -1.85
C GLU A 476 -5.16 -22.85 -2.28
N ILE A 477 -5.54 -23.73 -1.36
CA ILE A 477 -6.49 -24.79 -1.72
C ILE A 477 -7.70 -24.90 -0.76
N PRO A 478 -8.48 -23.81 -0.63
CA PRO A 478 -9.53 -23.79 0.39
C PRO A 478 -10.66 -24.75 0.13
N LYS A 479 -11.04 -24.95 -1.14
CA LYS A 479 -12.08 -25.94 -1.48
C LYS A 479 -11.75 -27.35 -0.99
N GLU A 480 -10.57 -27.85 -1.32
CA GLU A 480 -10.12 -29.16 -0.82
C GLU A 480 -10.03 -29.17 0.70
N TRP A 481 -9.49 -28.09 1.27
CA TRP A 481 -9.44 -27.94 2.71
C TRP A 481 -10.83 -28.14 3.31
N GLU A 482 -11.80 -27.39 2.79
CA GLU A 482 -13.18 -27.46 3.28
C GLU A 482 -13.76 -28.88 3.26
N GLU A 483 -13.57 -29.59 2.14
CA GLU A 483 -13.99 -31.00 2.02
C GLU A 483 -13.45 -31.85 3.14
N ARG A 484 -12.15 -31.75 3.38
CA ARG A 484 -11.51 -32.59 4.38
C ARG A 484 -12.13 -32.33 5.74
N VAL A 485 -12.26 -31.06 6.09
CA VAL A 485 -12.76 -30.72 7.42
C VAL A 485 -14.18 -31.24 7.64
N LYS A 486 -15.05 -31.05 6.66
CA LYS A 486 -16.44 -31.49 6.80
C LYS A 486 -16.54 -33.00 6.94
N TYR A 487 -15.67 -33.73 6.24
CA TYR A 487 -15.62 -35.18 6.40
C TYR A 487 -15.05 -35.58 7.78
N TRP A 488 -13.97 -34.92 8.20
CA TRP A 488 -13.40 -35.18 9.53
C TRP A 488 -14.42 -34.87 10.60
N HIS A 489 -15.14 -33.76 10.44
CA HIS A 489 -16.17 -33.42 11.41
C HIS A 489 -17.36 -34.38 11.42
N ASP A 490 -17.75 -34.96 10.28
CA ASP A 490 -18.85 -35.94 10.32
C ASP A 490 -18.35 -37.32 10.79
N LEU A 491 -17.08 -37.61 10.49
CA LEU A 491 -16.48 -38.88 10.88
C LEU A 491 -16.30 -38.97 12.39
N LEU A 492 -15.50 -38.05 12.91
CA LEU A 492 -15.37 -37.86 14.34
C LEU A 492 -16.63 -37.11 14.72
N ARG A 493 -17.24 -37.37 15.87
CA ARG A 493 -18.39 -36.53 16.19
C ARG A 493 -18.14 -35.88 17.53
N PRO A 494 -17.34 -34.81 17.53
CA PRO A 494 -16.74 -34.33 18.78
C PRO A 494 -17.73 -33.60 19.67
N ASN A 495 -17.70 -33.89 20.96
CA ASN A 495 -18.55 -33.20 21.91
C ASN A 495 -17.82 -31.96 22.40
N ILE A 496 -17.28 -31.17 21.48
CA ILE A 496 -16.58 -29.93 21.89
C ILE A 496 -16.91 -28.73 21.01
N ASP A 497 -16.44 -27.57 21.45
CA ASP A 497 -16.51 -26.33 20.69
C ASP A 497 -15.81 -26.48 19.34
N LYS A 498 -16.51 -26.13 18.26
CA LYS A 498 -15.99 -26.34 16.92
C LYS A 498 -14.80 -25.44 16.66
N ASN A 499 -14.73 -24.32 17.37
CA ASN A 499 -13.56 -23.46 17.26
C ASN A 499 -12.31 -24.19 17.78
N ASP A 500 -12.44 -24.91 18.88
CA ASP A 500 -11.35 -25.75 19.38
C ASP A 500 -10.99 -26.88 18.40
N GLU A 501 -12.01 -27.57 17.90
CA GLU A 501 -11.87 -28.61 16.86
C GLU A 501 -11.20 -28.06 15.60
N TYR A 502 -11.72 -26.96 15.09
CA TYR A 502 -11.12 -26.29 13.94
C TYR A 502 -9.65 -25.92 14.24
N ARG A 503 -9.40 -25.46 15.45
CA ARG A 503 -8.06 -25.10 15.82
C ARG A 503 -7.18 -26.33 15.74
N PHE A 504 -7.63 -27.41 16.37
CA PHE A 504 -6.89 -28.67 16.36
C PHE A 504 -6.47 -29.16 14.96
N TYR A 505 -7.42 -29.28 14.03
CA TYR A 505 -7.13 -29.72 12.67
C TYR A 505 -5.98 -28.95 12.04
N GLN A 506 -6.01 -27.63 12.23
CA GLN A 506 -5.01 -26.78 11.60
C GLN A 506 -3.67 -27.00 12.26
N THR A 507 -3.71 -27.26 13.55
CA THR A 507 -2.48 -27.55 14.28
C THR A 507 -1.87 -28.88 13.82
N LEU A 508 -2.71 -29.88 13.57
CA LEU A 508 -2.21 -31.14 13.06
C LEU A 508 -1.56 -30.94 11.68
N VAL A 509 -2.26 -30.21 10.82
CA VAL A 509 -1.73 -29.86 9.51
C VAL A 509 -0.36 -29.23 9.62
N GLY A 510 -0.20 -28.32 10.57
CA GLY A 510 1.06 -27.61 10.72
C GLY A 510 2.19 -28.44 11.30
N SER A 511 1.84 -29.38 12.18
CA SER A 511 2.86 -30.02 13.03
C SER A 511 3.02 -31.52 12.82
N TYR A 512 2.21 -32.09 11.93
CA TYR A 512 2.19 -33.53 11.65
C TYR A 512 3.53 -34.17 11.33
N GLU A 513 3.93 -35.11 12.18
CA GLU A 513 5.09 -35.97 11.91
C GLU A 513 4.74 -37.41 12.28
N GLY A 514 3.51 -37.82 11.96
CA GLY A 514 3.06 -39.15 12.31
C GLY A 514 2.10 -39.11 13.49
N PHE A 515 1.36 -40.19 13.70
CA PHE A 515 0.37 -40.24 14.76
C PHE A 515 0.93 -40.86 16.03
N ASP A 516 2.10 -40.36 16.42
CA ASP A 516 2.71 -40.68 17.69
C ASP A 516 3.22 -39.38 18.30
N ASN A 517 3.62 -39.44 19.57
CA ASN A 517 4.16 -38.30 20.30
C ASN A 517 3.06 -37.27 20.55
N LYS A 518 1.82 -37.78 20.62
CA LYS A 518 0.59 -36.99 20.70
C LYS A 518 0.41 -36.16 21.98
N GLU A 519 1.25 -36.39 22.99
CA GLU A 519 1.16 -35.54 24.16
C GLU A 519 1.57 -34.08 23.87
N ARG A 520 2.41 -33.86 22.86
CA ARG A 520 2.80 -32.50 22.48
C ARG A 520 1.61 -31.68 22.01
N ILE A 521 0.86 -32.20 21.06
CA ILE A 521 -0.28 -31.46 20.52
C ILE A 521 -1.38 -31.38 21.59
N LYS A 522 -1.51 -32.43 22.41
CA LYS A 522 -2.49 -32.41 23.47
C LYS A 522 -2.22 -31.28 24.46
N ASN A 523 -0.96 -31.15 24.88
CA ASN A 523 -0.60 -30.16 25.88
C ASN A 523 -0.73 -28.77 25.33
N HIS A 524 -0.45 -28.65 24.04
CA HIS A 524 -0.49 -27.37 23.35
C HIS A 524 -1.90 -26.84 23.19
N ILE A 525 -2.83 -27.72 22.81
CA ILE A 525 -4.21 -27.37 22.64
C ILE A 525 -4.86 -26.96 23.98
N ILE A 526 -4.46 -27.63 25.05
CA ILE A 526 -4.94 -27.25 26.37
C ILE A 526 -4.46 -25.85 26.71
N LYS A 527 -3.18 -25.61 26.45
CA LYS A 527 -2.60 -24.28 26.61
C LYS A 527 -3.37 -23.26 25.77
N VAL A 528 -3.65 -23.62 24.52
CA VAL A 528 -4.38 -22.75 23.60
C VAL A 528 -5.74 -22.32 24.17
N ILE A 529 -6.54 -23.28 24.60
CA ILE A 529 -7.88 -22.95 25.05
C ILE A 529 -7.87 -22.23 26.39
N ARG A 530 -6.81 -22.41 27.19
CA ARG A 530 -6.67 -21.63 28.41
C ARG A 530 -6.33 -20.19 28.08
N GLU A 531 -5.46 -20.01 27.09
CA GLU A 531 -5.14 -18.66 26.64
C GLU A 531 -6.40 -17.97 26.14
N ALA A 532 -7.22 -18.72 25.40
CA ALA A 532 -8.43 -18.20 24.78
C ALA A 532 -9.42 -17.69 25.82
N LYS A 533 -9.40 -18.32 27.00
CA LYS A 533 -10.12 -17.84 28.16
C LYS A 533 -11.64 -17.93 28.03
N VAL A 534 -12.12 -18.77 27.11
CA VAL A 534 -13.55 -18.92 26.89
C VAL A 534 -14.19 -20.01 27.78
N HIS A 535 -13.77 -21.27 27.61
CA HIS A 535 -14.33 -22.36 28.41
C HIS A 535 -13.43 -22.75 29.60
N THR A 536 -12.25 -22.16 29.67
CA THR A 536 -11.30 -22.49 30.73
C THR A 536 -10.17 -21.45 30.86
N THR A 537 -9.45 -21.52 31.97
CA THR A 537 -8.37 -20.57 32.24
C THR A 537 -7.25 -21.18 33.08
N TRP A 538 -6.12 -20.48 33.14
CA TRP A 538 -4.99 -20.88 33.97
C TRP A 538 -5.39 -20.79 35.45
N GLU A 539 -6.13 -19.75 35.80
CA GLU A 539 -6.53 -19.58 37.18
C GLU A 539 -7.58 -20.59 37.59
N ASN A 540 -8.47 -20.95 36.68
CA ASN A 540 -9.55 -21.90 37.01
C ASN A 540 -9.78 -22.91 35.88
N PRO A 541 -8.92 -23.92 35.82
CA PRO A 541 -9.04 -24.91 34.73
C PRO A 541 -10.35 -25.67 34.80
N ASN A 542 -11.08 -25.66 33.68
CA ASN A 542 -12.28 -26.44 33.47
C ASN A 542 -11.88 -27.87 33.09
N LEU A 543 -11.64 -28.67 34.13
CA LEU A 543 -11.12 -30.02 33.97
C LEU A 543 -12.09 -30.91 33.23
N GLU A 544 -13.38 -30.62 33.40
CA GLU A 544 -14.45 -31.35 32.72
C GLU A 544 -14.47 -31.06 31.22
N TYR A 545 -14.35 -29.80 30.83
CA TYR A 545 -14.19 -29.48 29.41
C TYR A 545 -12.88 -30.02 28.84
N GLU A 546 -11.79 -29.77 29.54
CA GLU A 546 -10.46 -30.11 29.02
C GLU A 546 -10.35 -31.60 28.75
N LYS A 547 -11.03 -32.41 29.57
CA LYS A 547 -11.01 -33.85 29.36
C LYS A 547 -11.75 -34.24 28.09
N LYS A 548 -12.87 -33.58 27.80
CA LYS A 548 -13.59 -33.78 26.54
C LYS A 548 -12.64 -33.51 25.35
N VAL A 549 -11.90 -32.41 25.46
CA VAL A 549 -10.94 -32.03 24.42
C VAL A 549 -9.82 -33.07 24.27
N LEU A 550 -9.26 -33.52 25.39
CA LEU A 550 -8.21 -34.53 25.34
C LEU A 550 -8.80 -35.87 24.85
N GLY A 551 -10.05 -36.12 25.17
CA GLY A 551 -10.71 -37.34 24.72
C GLY A 551 -10.81 -37.37 23.20
N PHE A 552 -11.32 -36.27 22.65
CA PHE A 552 -11.38 -36.05 21.21
C PHE A 552 -10.04 -36.31 20.52
N ILE A 553 -8.96 -35.78 21.07
CA ILE A 553 -7.63 -35.97 20.46
C ILE A 553 -7.12 -37.42 20.57
N ASP A 554 -7.44 -38.11 21.66
CA ASP A 554 -7.14 -39.55 21.74
C ASP A 554 -7.95 -40.31 20.67
N GLU A 555 -9.24 -39.97 20.52
CA GLU A 555 -10.08 -40.56 19.50
C GLU A 555 -9.50 -40.36 18.11
N VAL A 556 -8.93 -39.18 17.88
CA VAL A 556 -8.41 -38.85 16.56
C VAL A 556 -7.24 -39.76 16.21
N PHE A 557 -6.28 -39.84 17.11
CA PHE A 557 -5.11 -40.69 16.93
C PHE A 557 -5.46 -42.18 16.93
N GLU A 558 -6.74 -42.49 17.14
CA GLU A 558 -7.21 -43.86 17.34
C GLU A 558 -8.19 -44.28 16.24
N ASN A 559 -8.46 -43.35 15.33
CA ASN A 559 -9.42 -43.55 14.27
C ASN A 559 -8.67 -43.80 12.95
N SER A 560 -8.65 -45.06 12.52
CA SER A 560 -7.99 -45.44 11.28
C SER A 560 -8.49 -44.68 10.06
N SER A 561 -9.78 -44.38 10.01
CA SER A 561 -10.36 -43.67 8.87
C SER A 561 -9.80 -42.25 8.77
N PHE A 562 -9.77 -41.56 9.89
CA PHE A 562 -9.13 -40.25 9.97
C PHE A 562 -7.64 -40.30 9.59
N ARG A 563 -6.90 -41.19 10.25
CA ARG A 563 -5.47 -41.32 10.01
C ARG A 563 -5.17 -41.47 8.51
N ASN A 564 -5.85 -42.40 7.84
CA ASN A 564 -5.57 -42.67 6.42
C ASN A 564 -5.94 -41.49 5.53
N ASP A 565 -7.12 -40.91 5.74
CA ASP A 565 -7.55 -39.72 5.03
C ASP A 565 -6.60 -38.53 5.27
N PHE A 566 -6.40 -38.19 6.54
CA PHE A 566 -5.49 -37.08 6.89
C PHE A 566 -4.12 -37.29 6.28
N ASP A 567 -3.58 -38.48 6.46
CA ASP A 567 -2.23 -38.78 6.01
C ASP A 567 -2.09 -38.45 4.55
N ASN A 568 -3.12 -38.78 3.77
CA ASN A 568 -3.06 -38.55 2.32
C ASN A 568 -3.21 -37.09 1.93
N PHE A 569 -4.14 -36.39 2.58
CA PHE A 569 -4.22 -34.95 2.43
C PHE A 569 -2.86 -34.33 2.76
N GLU A 570 -2.27 -34.80 3.85
CA GLU A 570 -1.14 -34.12 4.44
C GLU A 570 0.14 -34.18 3.58
N LYS A 571 0.27 -35.23 2.76
CA LYS A 571 1.41 -35.36 1.84
C LYS A 571 1.52 -34.14 0.92
N LYS A 572 0.39 -33.66 0.43
CA LYS A 572 0.41 -32.47 -0.41
C LYS A 572 0.89 -31.28 0.40
N ILE A 573 0.24 -31.05 1.54
CA ILE A 573 0.55 -29.92 2.40
C ILE A 573 2.03 -29.79 2.65
N VAL A 574 2.59 -30.90 3.12
CA VAL A 574 3.96 -30.99 3.54
C VAL A 574 4.92 -30.64 2.40
N TYR A 575 4.62 -31.19 1.23
CA TYR A 575 5.37 -30.95 -0.01
C TYR A 575 5.36 -29.46 -0.41
N PHE A 576 4.16 -28.86 -0.39
CA PHE A 576 4.03 -27.45 -0.71
C PHE A 576 4.58 -26.55 0.41
N GLY A 577 4.48 -26.99 1.65
CA GLY A 577 5.03 -26.24 2.77
C GLY A 577 6.54 -26.05 2.75
N TYR A 578 7.29 -27.08 2.34
CA TYR A 578 8.74 -26.93 2.23
C TYR A 578 9.08 -25.84 1.24
N MET A 579 8.38 -25.84 0.11
CA MET A 579 8.54 -24.79 -0.90
C MET A 579 8.39 -23.41 -0.28
N LYS A 580 7.26 -23.17 0.38
CA LYS A 580 7.06 -21.87 1.02
C LYS A 580 8.19 -21.61 2.01
N SER A 581 8.61 -22.66 2.73
CA SER A 581 9.67 -22.47 3.71
C SER A 581 10.99 -22.02 3.06
N LEU A 582 11.36 -22.63 1.93
CA LEU A 582 12.56 -22.21 1.19
C LEU A 582 12.44 -20.76 0.71
N VAL A 583 11.28 -20.40 0.14
CA VAL A 583 11.04 -19.01 -0.29
C VAL A 583 11.28 -18.04 0.86
N ALA A 584 10.61 -18.26 1.98
CA ALA A 584 10.80 -17.50 3.21
C ALA A 584 12.25 -17.50 3.67
N THR A 585 12.87 -18.69 3.67
CA THR A 585 14.25 -18.79 4.09
C THR A 585 15.16 -17.89 3.25
N THR A 586 15.07 -18.00 1.94
CA THR A 586 15.83 -17.16 1.02
C THR A 586 15.55 -15.68 1.29
N LEU A 587 14.28 -15.33 1.47
CA LEU A 587 13.91 -13.95 1.79
C LEU A 587 14.57 -13.49 3.09
N LYS A 588 14.74 -14.40 4.05
CA LYS A 588 15.31 -14.01 5.33
C LYS A 588 16.79 -13.71 5.26
N PHE A 589 17.51 -14.53 4.50
CA PHE A 589 18.95 -14.33 4.37
C PHE A 589 19.31 -13.23 3.38
N LEU A 590 18.44 -12.95 2.41
CA LEU A 590 18.85 -12.07 1.32
C LEU A 590 18.19 -10.68 1.31
N SER A 591 17.12 -10.48 2.09
CA SER A 591 16.59 -9.12 2.23
C SER A 591 17.58 -8.24 2.99
N PRO A 592 17.41 -6.92 2.89
CA PRO A 592 18.14 -6.00 3.80
C PRO A 592 17.94 -6.37 5.27
N GLY A 593 18.99 -6.21 6.07
CA GLY A 593 18.94 -6.63 7.46
C GLY A 593 19.83 -7.82 7.76
N VAL A 594 19.79 -8.29 8.99
CA VAL A 594 20.65 -9.41 9.40
C VAL A 594 19.80 -10.62 9.76
N PRO A 595 20.04 -11.74 9.07
CA PRO A 595 19.26 -12.96 9.25
C PRO A 595 19.57 -13.67 10.56
N ASP A 596 18.51 -14.07 11.26
CA ASP A 596 18.61 -14.76 12.55
C ASP A 596 18.21 -16.25 12.43
N ILE A 597 18.82 -17.10 13.24
CA ILE A 597 18.45 -18.51 13.21
C ILE A 597 18.13 -18.99 14.62
N TYR A 598 16.88 -19.38 14.84
CA TYR A 598 16.50 -20.03 16.08
C TYR A 598 17.09 -21.43 16.05
N GLN A 599 17.84 -21.77 17.09
CA GLN A 599 18.52 -23.06 17.20
C GLN A 599 17.70 -24.22 16.63
N GLY A 600 18.33 -25.07 15.82
CA GLY A 600 17.64 -26.23 15.27
C GLY A 600 16.81 -25.97 14.02
N THR A 601 16.47 -24.71 13.74
CA THR A 601 15.63 -24.43 12.58
C THR A 601 16.44 -24.19 11.30
N GLU A 602 17.71 -24.57 11.29
CA GLU A 602 18.47 -24.52 10.06
C GLU A 602 18.17 -25.78 9.23
N VAL A 603 17.30 -26.63 9.77
CA VAL A 603 16.65 -27.71 9.05
C VAL A 603 15.16 -27.63 9.32
N TRP A 604 14.36 -28.49 8.67
CA TRP A 604 12.92 -28.54 8.97
C TRP A 604 12.70 -28.76 10.46
N ARG A 605 11.79 -27.99 11.05
CA ARG A 605 11.56 -28.07 12.47
C ARG A 605 10.24 -27.46 12.83
N PHE A 606 9.40 -28.29 13.43
CA PHE A 606 8.00 -27.99 13.68
C PHE A 606 7.83 -27.82 15.16
N LEU A 607 7.75 -26.57 15.55
CA LEU A 607 7.62 -26.23 16.95
C LEU A 607 6.30 -25.52 17.15
N LEU A 608 5.57 -25.90 18.20
CA LEU A 608 4.39 -25.14 18.59
C LEU A 608 4.79 -24.13 19.65
N THR A 609 3.81 -23.67 20.41
CA THR A 609 4.06 -22.59 21.34
C THR A 609 4.87 -23.03 22.56
N ASP A 610 5.78 -22.16 23.00
CA ASP A 610 6.43 -22.27 24.30
C ASP A 610 5.47 -22.90 25.32
N PRO A 611 5.86 -24.03 25.95
CA PRO A 611 7.21 -24.63 26.02
C PRO A 611 7.57 -25.63 24.92
N ASP A 612 6.68 -25.95 23.98
CA ASP A 612 7.05 -26.89 22.95
C ASP A 612 8.25 -26.40 22.14
N ASN A 613 8.35 -25.10 21.90
CA ASN A 613 9.50 -24.58 21.13
C ASN A 613 10.79 -24.53 21.96
N ARG A 614 10.72 -25.01 23.19
CA ARG A 614 11.88 -25.06 24.07
C ARG A 614 12.54 -26.44 24.15
N MET A 615 12.08 -27.42 23.36
CA MET A 615 12.68 -28.76 23.35
C MET A 615 14.17 -28.73 22.99
N ALA A 616 14.90 -29.72 23.48
CA ALA A 616 16.34 -29.80 23.27
C ALA A 616 16.65 -29.99 21.80
N VAL A 617 17.70 -29.33 21.34
CA VAL A 617 18.11 -29.47 19.95
C VAL A 617 19.22 -30.48 19.91
N ASP A 618 19.10 -31.43 19.00
CA ASP A 618 20.10 -32.46 18.82
C ASP A 618 21.22 -31.94 17.91
N PHE A 619 22.23 -31.30 18.50
CA PHE A 619 23.36 -30.77 17.73
C PHE A 619 24.25 -31.87 17.14
N ARG A 620 24.37 -32.98 17.84
CA ARG A 620 25.09 -34.12 17.28
C ARG A 620 24.51 -34.49 15.90
N LYS A 621 23.19 -34.55 15.79
CA LYS A 621 22.59 -34.90 14.51
C LYS A 621 22.87 -33.82 13.47
N LEU A 622 22.76 -32.56 13.88
CA LEU A 622 22.91 -31.46 12.94
C LEU A 622 24.31 -31.47 12.37
N ARG A 623 25.26 -31.90 13.20
CA ARG A 623 26.67 -31.97 12.79
C ARG A 623 26.86 -33.07 11.74
N GLU A 624 26.20 -34.20 11.94
CA GLU A 624 26.29 -35.31 11.01
C GLU A 624 25.66 -34.93 9.67
N LEU A 625 24.56 -34.18 9.70
CA LEU A 625 23.93 -33.71 8.47
C LEU A 625 24.87 -32.74 7.75
N LEU A 626 25.45 -31.80 8.51
CA LEU A 626 26.39 -30.83 7.94
C LEU A 626 27.58 -31.55 7.32
N ASN A 627 28.05 -32.61 7.99
CA ASN A 627 29.12 -33.43 7.45
C ASN A 627 28.79 -34.06 6.11
N ASN A 628 27.55 -34.51 5.97
CA ASN A 628 27.11 -35.20 4.76
C ASN A 628 26.31 -34.31 3.86
N LEU A 629 26.63 -33.01 3.91
CA LEU A 629 25.94 -32.05 3.06
C LEU A 629 26.40 -32.18 1.60
N THR A 630 25.47 -31.96 0.69
CA THR A 630 25.74 -32.08 -0.73
C THR A 630 24.57 -31.47 -1.49
N GLU A 631 24.73 -31.23 -2.79
CA GLU A 631 23.75 -30.44 -3.54
C GLU A 631 22.91 -31.28 -4.53
N LYS A 632 23.08 -32.60 -4.47
CA LYS A 632 22.38 -33.53 -5.34
C LYS A 632 22.33 -34.83 -4.56
N ASN A 633 21.35 -35.70 -4.78
CA ASN A 633 20.05 -35.41 -5.38
C ASN A 633 19.09 -35.31 -4.21
N LEU A 634 19.15 -34.19 -3.51
CA LEU A 634 18.43 -34.08 -2.26
C LEU A 634 16.92 -34.17 -2.46
N GLU A 635 16.29 -35.02 -1.66
CA GLU A 635 14.85 -34.98 -1.55
C GLU A 635 14.49 -33.63 -0.90
N LEU A 636 13.41 -33.00 -1.39
CA LEU A 636 12.93 -31.73 -0.85
C LEU A 636 12.74 -31.84 0.67
N SER A 637 12.16 -32.94 1.12
CA SER A 637 11.89 -33.20 2.53
C SER A 637 13.09 -33.65 3.33
N ASP A 638 14.22 -33.89 2.66
CA ASP A 638 15.46 -34.18 3.37
C ASP A 638 15.87 -32.91 4.13
N PRO A 639 16.26 -33.05 5.41
CA PRO A 639 16.69 -31.92 6.24
C PRO A 639 17.90 -31.20 5.66
N ARG A 640 18.67 -31.88 4.83
CA ARG A 640 19.85 -31.28 4.23
C ARG A 640 19.49 -30.24 3.17
N THR A 641 18.27 -30.32 2.66
CA THR A 641 17.79 -29.35 1.67
C THR A 641 17.75 -27.97 2.30
N LYS A 642 17.20 -27.85 3.50
CA LYS A 642 17.08 -26.54 4.13
C LYS A 642 18.46 -26.08 4.62
N MET A 643 19.21 -27.00 5.20
CA MET A 643 20.53 -26.68 5.72
C MET A 643 21.42 -26.17 4.58
N LEU A 644 21.23 -26.76 3.40
CA LEU A 644 21.96 -26.35 2.22
C LEU A 644 21.76 -24.86 1.93
N TYR A 645 20.53 -24.39 2.08
CA TYR A 645 20.23 -22.98 1.84
C TYR A 645 20.91 -22.10 2.88
N VAL A 646 20.81 -22.50 4.13
CA VAL A 646 21.37 -21.73 5.24
C VAL A 646 22.87 -21.55 5.04
N LYS A 647 23.54 -22.65 4.71
CA LYS A 647 24.98 -22.62 4.56
C LYS A 647 25.39 -21.81 3.32
N LYS A 648 24.66 -21.99 2.21
CA LYS A 648 25.07 -21.32 0.96
C LYS A 648 24.69 -19.84 0.93
N LEU A 649 23.65 -19.44 1.66
CA LEU A 649 23.22 -18.02 1.67
C LEU A 649 23.99 -17.20 2.72
N LEU A 650 24.40 -17.84 3.81
CA LEU A 650 25.32 -17.20 4.74
C LEU A 650 26.66 -17.02 4.04
N GLN A 651 27.00 -17.99 3.20
CA GLN A 651 28.24 -17.94 2.44
C GLN A 651 28.16 -16.81 1.39
N LEU A 652 27.05 -16.77 0.67
CA LEU A 652 26.77 -15.67 -0.25
C LEU A 652 26.98 -14.34 0.48
N ARG A 653 26.48 -14.26 1.70
CA ARG A 653 26.54 -13.01 2.47
C ARG A 653 27.98 -12.54 2.69
N ARG A 654 28.93 -13.47 2.67
CA ARG A 654 30.31 -13.14 2.99
C ARG A 654 31.12 -12.74 1.77
N GLU A 655 30.66 -13.16 0.58
CA GLU A 655 31.43 -13.01 -0.65
C GLU A 655 30.89 -11.95 -1.57
N TYR A 656 29.58 -11.82 -1.63
CA TYR A 656 28.97 -10.84 -2.49
C TYR A 656 28.45 -9.66 -1.69
N SER A 657 28.76 -8.47 -2.20
CA SER A 657 28.22 -7.24 -1.65
C SER A 657 26.71 -7.21 -1.90
N LEU A 658 25.95 -6.70 -0.93
CA LEU A 658 24.50 -6.70 -1.07
C LEU A 658 23.84 -5.36 -0.77
N ASN A 659 24.62 -4.36 -0.37
CA ASN A 659 24.02 -3.06 -0.07
C ASN A 659 23.47 -2.42 -1.32
N ASP A 660 22.22 -2.75 -1.59
CA ASP A 660 21.50 -2.37 -2.79
C ASP A 660 20.19 -3.15 -2.76
N TYR A 661 19.12 -2.58 -3.29
CA TYR A 661 17.86 -3.33 -3.36
C TYR A 661 17.00 -2.80 -4.49
N LYS A 662 16.86 -3.60 -5.52
CA LYS A 662 16.10 -3.22 -6.69
C LYS A 662 14.96 -4.20 -6.95
N PRO A 663 13.71 -3.74 -6.75
CA PRO A 663 12.56 -4.63 -6.86
C PRO A 663 12.34 -5.14 -8.28
N LEU A 664 11.82 -6.36 -8.37
CA LEU A 664 11.43 -7.00 -9.62
C LEU A 664 9.99 -7.50 -9.48
N PRO A 665 9.29 -7.76 -10.58
CA PRO A 665 7.91 -8.24 -10.44
C PRO A 665 7.80 -9.52 -9.60
N PHE A 666 8.75 -10.44 -9.76
CA PHE A 666 8.78 -11.64 -8.94
C PHE A 666 10.18 -11.89 -8.38
N GLY A 667 10.77 -10.84 -7.84
CA GLY A 667 12.08 -10.97 -7.25
C GLY A 667 12.69 -9.65 -6.90
N PHE A 668 14.01 -9.64 -6.72
CA PHE A 668 14.75 -8.40 -6.50
C PHE A 668 16.23 -8.58 -6.80
N GLN A 669 16.93 -7.47 -6.96
CA GLN A 669 18.36 -7.49 -7.21
C GLN A 669 19.09 -6.73 -6.12
N ARG A 670 20.28 -7.21 -5.78
CA ARG A 670 21.20 -6.53 -4.90
C ARG A 670 22.58 -6.83 -5.44
N GLY A 671 23.20 -5.84 -6.07
CA GLY A 671 24.49 -6.05 -6.68
C GLY A 671 24.42 -7.05 -7.81
N LYS A 672 25.29 -8.06 -7.74
CA LYS A 672 25.36 -9.07 -8.79
C LYS A 672 24.45 -10.25 -8.46
N VAL A 673 23.64 -10.10 -7.40
CA VAL A 673 22.70 -11.14 -7.00
C VAL A 673 21.26 -10.84 -7.38
N THR A 674 20.61 -11.80 -8.05
CA THR A 674 19.18 -11.71 -8.32
C THR A 674 18.42 -12.82 -7.59
N VAL A 675 17.33 -12.49 -6.90
CA VAL A 675 16.47 -13.52 -6.34
C VAL A 675 15.16 -13.55 -7.09
N LEU A 676 14.80 -14.71 -7.61
CA LEU A 676 13.51 -14.93 -8.24
C LEU A 676 12.71 -15.98 -7.49
N PHE A 677 11.47 -15.67 -7.16
CA PHE A 677 10.64 -16.59 -6.38
C PHE A 677 9.14 -16.48 -6.70
N SER A 678 8.36 -17.39 -6.14
CA SER A 678 6.90 -17.35 -6.21
C SER A 678 6.27 -17.84 -4.90
N PRO A 679 5.66 -16.91 -4.14
CA PRO A 679 5.00 -17.25 -2.87
C PRO A 679 3.85 -18.23 -3.08
N ILE A 680 3.18 -18.13 -4.21
CA ILE A 680 2.22 -19.14 -4.63
C ILE A 680 2.96 -20.40 -5.09
N VAL A 681 2.61 -21.57 -4.54
CA VAL A 681 3.37 -22.79 -4.87
C VAL A 681 2.58 -23.93 -5.53
N THR A 682 1.26 -23.94 -5.39
CA THR A 682 0.46 -25.07 -5.88
C THR A 682 0.04 -24.87 -7.33
N ARG A 683 0.32 -23.68 -7.87
CA ARG A 683 -0.07 -23.35 -9.24
C ARG A 683 1.12 -22.79 -10.02
N GLU A 684 1.24 -23.22 -11.26
CA GLU A 684 2.40 -22.86 -12.06
C GLU A 684 2.42 -21.36 -12.32
N VAL A 685 3.57 -20.74 -12.13
CA VAL A 685 3.66 -19.33 -12.44
C VAL A 685 3.89 -19.13 -13.93
N LYS A 686 3.05 -18.30 -14.52
CA LYS A 686 3.18 -17.93 -15.92
C LYS A 686 3.79 -16.54 -16.06
N GLU A 687 5.11 -16.47 -16.10
CA GLU A 687 5.79 -15.22 -16.41
C GLU A 687 7.01 -15.44 -17.26
N LYS A 688 7.24 -14.53 -18.20
CA LYS A 688 8.51 -14.48 -18.89
C LYS A 688 9.50 -13.76 -17.98
N ILE A 689 10.74 -14.25 -17.98
CA ILE A 689 11.82 -13.57 -17.28
C ILE A 689 13.00 -13.43 -18.22
N SER A 690 13.73 -12.34 -18.10
CA SER A 690 14.88 -12.11 -18.92
C SER A 690 16.14 -12.08 -18.06
N ILE A 691 17.01 -13.06 -18.28
CA ILE A 691 18.34 -13.04 -17.70
C ILE A 691 19.27 -12.35 -18.69
N ARG A 692 19.76 -11.18 -18.35
CA ARG A 692 20.47 -10.35 -19.32
C ARG A 692 21.90 -10.85 -19.57
N GLN A 693 22.39 -11.68 -18.65
CA GLN A 693 23.82 -12.00 -18.53
C GLN A 693 24.06 -13.43 -18.07
N LYS A 694 25.28 -13.93 -18.25
CA LYS A 694 25.62 -15.28 -17.81
C LYS A 694 25.60 -15.37 -16.28
N SER A 695 24.69 -16.19 -15.75
CA SER A 695 24.47 -16.23 -14.32
C SER A 695 24.71 -17.60 -13.75
N VAL A 696 24.81 -17.68 -12.43
CA VAL A 696 24.91 -18.96 -11.74
C VAL A 696 23.77 -19.22 -10.76
N ASP A 697 23.07 -20.34 -10.94
CA ASP A 697 22.19 -20.90 -9.92
C ASP A 697 23.02 -21.22 -8.69
N TRP A 698 22.94 -20.35 -7.70
CA TRP A 698 23.85 -20.37 -6.56
C TRP A 698 23.70 -21.58 -5.61
N ILE A 699 22.55 -22.24 -5.63
CA ILE A 699 22.36 -23.41 -4.77
C ILE A 699 22.83 -24.67 -5.51
N ARG A 700 22.48 -24.75 -6.79
CA ARG A 700 22.89 -25.86 -7.62
C ARG A 700 24.31 -25.72 -8.21
N ASN A 701 24.90 -24.51 -8.16
CA ASN A 701 26.17 -24.25 -8.85
C ASN A 701 26.12 -24.80 -10.27
N GLU A 702 25.14 -24.34 -11.04
CA GLU A 702 24.96 -24.71 -12.43
C GLU A 702 24.69 -23.45 -13.21
N GLU A 703 25.57 -23.09 -14.15
CA GLU A 703 25.43 -21.82 -14.83
C GLU A 703 24.19 -21.81 -15.73
N ILE A 704 23.51 -20.67 -15.72
CA ILE A 704 22.35 -20.41 -16.55
C ILE A 704 22.75 -19.29 -17.48
N SER A 705 22.57 -19.49 -18.78
CA SER A 705 23.00 -18.46 -19.73
C SER A 705 21.92 -17.40 -19.94
N SER A 706 22.37 -16.23 -20.40
CA SER A 706 21.47 -15.11 -20.65
C SER A 706 20.40 -15.53 -21.65
N GLY A 707 19.19 -14.98 -21.48
CA GLY A 707 18.08 -15.31 -22.35
C GLY A 707 16.73 -15.17 -21.68
N GLU A 708 15.68 -15.38 -22.47
CA GLU A 708 14.32 -15.38 -21.93
C GLU A 708 13.98 -16.72 -21.30
N TYR A 709 13.14 -16.69 -20.27
CA TYR A 709 12.77 -17.91 -19.56
C TYR A 709 11.34 -17.85 -19.07
N ASN A 710 10.70 -19.01 -18.95
CA ASN A 710 9.52 -19.12 -18.11
C ASN A 710 9.99 -19.02 -16.66
N LEU A 711 9.17 -18.51 -15.76
CA LEU A 711 9.59 -18.42 -14.36
C LEU A 711 9.56 -19.79 -13.70
N SER A 712 8.52 -20.55 -14.04
CA SER A 712 8.30 -21.89 -13.53
C SER A 712 9.48 -22.82 -13.80
N GLU A 713 10.20 -22.55 -14.89
CA GLU A 713 11.38 -23.32 -15.21
C GLU A 713 12.57 -22.88 -14.38
N LEU A 714 12.67 -21.58 -14.14
CA LEU A 714 13.76 -21.11 -13.31
C LEU A 714 13.59 -21.62 -11.88
N ILE A 715 12.42 -21.42 -11.27
CA ILE A 715 12.27 -21.75 -9.85
C ILE A 715 11.98 -23.22 -9.59
N GLY A 716 11.45 -23.94 -10.58
CA GLY A 716 11.31 -25.39 -10.47
C GLY A 716 10.56 -25.90 -9.26
N GLU A 717 11.06 -26.97 -8.65
CA GLU A 717 10.38 -27.57 -7.51
C GLU A 717 10.40 -26.65 -6.27
N HIS A 718 11.51 -25.94 -6.07
CA HIS A 718 11.69 -25.14 -4.85
C HIS A 718 10.93 -23.82 -4.78
N LYS A 719 10.53 -23.31 -5.95
CA LYS A 719 9.72 -22.09 -6.06
C LYS A 719 10.55 -20.84 -5.81
N VAL A 720 11.87 -21.03 -5.79
CA VAL A 720 12.83 -19.93 -5.61
C VAL A 720 14.19 -20.25 -6.24
N VAL A 721 14.80 -19.28 -6.92
CA VAL A 721 16.20 -19.39 -7.36
C VAL A 721 17.02 -18.18 -7.01
N ILE A 722 18.33 -18.39 -6.87
CA ILE A 722 19.28 -17.32 -6.58
C ILE A 722 20.35 -17.28 -7.66
N LEU A 723 20.43 -16.15 -8.37
CA LEU A 723 21.40 -15.99 -9.46
C LEU A 723 22.53 -15.02 -9.13
N THR A 724 23.78 -15.45 -9.37
CA THR A 724 24.92 -14.54 -9.35
C THR A 724 25.63 -14.50 -10.71
N GLU A 725 26.19 -13.35 -11.02
CA GLU A 725 26.97 -13.13 -12.23
C GLU A 725 28.24 -13.97 -12.36
N LYS A 726 28.60 -14.27 -13.59
CA LYS A 726 30.00 -14.56 -13.94
C LYS A 726 30.53 -15.83 -13.29
N ILE B 2 -12.79 28.96 -1.76
CA ILE B 2 -12.41 28.20 -2.95
C ILE B 2 -13.09 26.84 -2.89
N ILE B 3 -14.25 26.78 -3.53
CA ILE B 3 -15.29 25.80 -3.24
C ILE B 3 -15.49 24.76 -4.35
N GLY B 4 -15.42 25.23 -5.59
CA GLY B 4 -15.54 24.35 -6.73
C GLY B 4 -15.31 25.07 -8.06
N THR B 5 -14.88 24.30 -9.06
CA THR B 5 -14.74 24.81 -10.41
C THR B 5 -15.75 24.17 -11.34
N TYR B 6 -16.10 24.91 -12.40
CA TYR B 6 -17.03 24.47 -13.42
C TYR B 6 -16.38 24.66 -14.81
N ARG B 7 -16.03 23.55 -15.45
CA ARG B 7 -15.37 23.59 -16.75
C ARG B 7 -16.34 24.01 -17.86
N LEU B 8 -16.00 25.08 -18.58
CA LEU B 8 -16.83 25.51 -19.71
C LEU B 8 -16.07 25.38 -21.01
N GLN B 9 -16.69 24.69 -21.96
CA GLN B 9 -16.15 24.54 -23.31
C GLN B 9 -16.62 25.69 -24.19
N LEU B 10 -15.80 26.73 -24.30
CA LEU B 10 -16.15 27.90 -25.11
C LEU B 10 -15.83 27.73 -26.59
N ASN B 11 -16.81 28.08 -27.42
CA ASN B 11 -16.65 28.17 -28.88
C ASN B 11 -17.72 29.09 -29.39
N LYS B 12 -17.81 29.25 -30.70
CA LYS B 12 -18.74 30.22 -31.26
C LYS B 12 -20.19 29.80 -30.97
N GLY B 13 -20.37 28.58 -30.52
CA GLY B 13 -21.70 28.07 -30.20
C GLY B 13 -22.01 28.23 -28.72
N PHE B 14 -21.02 28.69 -27.96
CA PHE B 14 -21.21 29.04 -26.56
C PHE B 14 -20.16 30.07 -26.20
N THR B 15 -20.56 31.33 -26.30
CA THR B 15 -19.64 32.45 -26.28
C THR B 15 -19.57 33.10 -24.92
N PHE B 16 -18.79 34.19 -24.83
CA PHE B 16 -18.71 34.95 -23.59
C PHE B 16 -20.08 35.42 -23.17
N TYR B 17 -20.90 35.81 -24.15
CA TYR B 17 -22.25 36.26 -23.84
C TYR B 17 -23.14 35.09 -23.41
N ASP B 18 -22.90 33.93 -23.99
CA ASP B 18 -23.65 32.74 -23.60
C ASP B 18 -23.33 32.40 -22.13
N THR B 19 -22.06 32.54 -21.77
CA THR B 19 -21.63 32.34 -20.40
C THR B 19 -22.28 33.34 -19.44
N ILE B 20 -22.28 34.61 -19.81
CA ILE B 20 -22.85 35.67 -18.97
C ILE B 20 -24.31 35.41 -18.66
N GLU B 21 -25.07 35.04 -19.66
CA GLU B 21 -26.49 34.74 -19.48
C GLU B 21 -26.73 33.57 -18.50
N ASN B 22 -25.72 32.70 -18.37
CA ASN B 22 -25.87 31.53 -17.52
C ASN B 22 -25.13 31.65 -16.18
N LEU B 23 -24.71 32.86 -15.84
CA LEU B 23 -23.99 33.11 -14.60
C LEU B 23 -24.86 32.88 -13.36
N ASP B 24 -26.15 33.21 -13.43
CA ASP B 24 -27.03 33.00 -12.28
C ASP B 24 -27.25 31.52 -12.02
N TYR B 25 -27.12 30.70 -13.07
CA TYR B 25 -27.24 29.27 -12.89
C TYR B 25 -26.06 28.71 -12.09
N PHE B 26 -24.86 29.16 -12.42
CA PHE B 26 -23.64 28.65 -11.82
C PHE B 26 -23.57 29.05 -10.35
N LYS B 27 -23.90 30.31 -10.08
CA LYS B 27 -23.88 30.85 -8.73
C LYS B 27 -24.82 30.08 -7.81
N GLU B 28 -26.04 29.85 -8.28
CA GLU B 28 -27.00 29.12 -7.46
C GLU B 28 -26.60 27.65 -7.35
N LEU B 29 -26.06 27.09 -8.44
CA LEU B 29 -25.63 25.69 -8.44
C LEU B 29 -24.73 25.51 -7.23
N GLY B 30 -23.83 26.48 -7.02
CA GLY B 30 -23.08 26.59 -5.79
C GLY B 30 -21.59 26.76 -6.02
N VAL B 31 -21.20 26.88 -7.28
CA VAL B 31 -19.78 26.79 -7.62
C VAL B 31 -19.10 28.16 -7.42
N SER B 32 -17.78 28.15 -7.26
CA SER B 32 -17.06 29.40 -6.98
C SER B 32 -16.26 29.94 -8.18
N HIS B 33 -15.65 29.05 -8.97
CA HIS B 33 -14.83 29.49 -10.09
C HIS B 33 -15.35 28.96 -11.42
N LEU B 34 -15.14 29.73 -12.47
CA LEU B 34 -15.47 29.29 -13.81
C LEU B 34 -14.19 28.86 -14.50
N TYR B 35 -14.15 27.58 -14.88
CA TYR B 35 -12.98 27.00 -15.52
C TYR B 35 -13.18 27.08 -17.03
N LEU B 36 -12.65 28.16 -17.62
CA LEU B 36 -12.83 28.50 -19.03
C LEU B 36 -11.79 27.88 -19.95
N SER B 37 -12.21 27.38 -21.11
CA SER B 37 -11.28 26.92 -22.18
C SER B 37 -10.46 28.10 -22.75
N PRO B 38 -9.36 27.82 -23.47
CA PRO B 38 -8.45 28.90 -23.88
C PRO B 38 -9.14 30.01 -24.68
N ILE B 39 -8.68 31.24 -24.53
CA ILE B 39 -9.41 32.38 -25.09
C ILE B 39 -8.55 33.29 -25.97
N LEU B 40 -7.30 32.91 -26.20
CA LEU B 40 -6.51 33.62 -27.20
C LEU B 40 -6.98 33.18 -28.58
N LYS B 41 -6.92 34.09 -29.55
CA LYS B 41 -7.41 33.82 -30.89
C LYS B 41 -6.93 32.46 -31.44
N ALA B 42 -7.89 31.64 -31.83
CA ALA B 42 -7.59 30.32 -32.37
C ALA B 42 -8.06 30.36 -33.79
N ARG B 43 -7.72 29.35 -34.58
CA ARG B 43 -8.24 29.26 -35.95
C ARG B 43 -9.75 29.46 -35.94
N PRO B 44 -10.25 30.25 -36.89
CA PRO B 44 -11.69 30.53 -36.91
C PRO B 44 -12.51 29.24 -37.02
N GLY B 45 -13.62 29.16 -36.29
CA GLY B 45 -14.40 27.95 -36.28
C GLY B 45 -13.87 26.87 -35.34
N SER B 46 -12.76 27.13 -34.68
CA SER B 46 -12.23 26.19 -33.70
C SER B 46 -13.24 25.95 -32.58
N THR B 47 -13.52 24.68 -32.31
CA THR B 47 -14.46 24.34 -31.26
C THR B 47 -13.84 24.27 -29.87
N HIS B 48 -12.56 24.57 -29.74
CA HIS B 48 -11.87 24.30 -28.47
C HIS B 48 -10.72 25.28 -28.10
N GLY B 49 -10.24 26.05 -29.07
CA GLY B 49 -9.27 27.11 -28.79
C GLY B 49 -7.83 26.72 -28.47
N TYR B 50 -7.47 25.46 -28.69
CA TYR B 50 -6.09 25.03 -28.42
C TYR B 50 -5.22 25.23 -29.66
N ASP B 51 -5.84 25.34 -30.83
CA ASP B 51 -5.09 25.69 -32.05
C ASP B 51 -4.87 27.20 -32.14
N VAL B 52 -4.01 27.71 -31.28
CA VAL B 52 -3.81 29.15 -31.14
C VAL B 52 -3.14 29.76 -32.37
N VAL B 53 -3.59 30.96 -32.75
CA VAL B 53 -3.05 31.66 -33.92
C VAL B 53 -2.58 33.07 -33.64
N ASP B 54 -3.00 33.65 -32.50
CA ASP B 54 -2.55 35.00 -32.13
C ASP B 54 -2.50 35.22 -30.60
N HIS B 55 -1.29 35.35 -30.06
CA HIS B 55 -1.08 35.58 -28.64
C HIS B 55 -1.51 36.96 -28.15
N SER B 56 -1.62 37.91 -29.07
CA SER B 56 -1.85 39.32 -28.72
C SER B 56 -3.32 39.74 -28.75
N GLU B 57 -4.22 38.83 -29.10
CA GLU B 57 -5.64 39.16 -29.29
C GLU B 57 -6.56 38.12 -28.65
N ILE B 58 -7.54 38.58 -27.88
CA ILE B 58 -8.55 37.70 -27.29
C ILE B 58 -9.51 37.27 -28.41
N ASN B 59 -9.80 35.97 -28.52
CA ASN B 59 -10.61 35.48 -29.64
C ASN B 59 -11.96 36.18 -29.73
N GLU B 60 -12.19 36.81 -30.89
CA GLU B 60 -13.39 37.58 -31.13
C GLU B 60 -14.62 36.72 -31.45
N GLU B 61 -14.40 35.51 -31.92
CA GLU B 61 -15.49 34.60 -32.18
C GLU B 61 -16.22 34.25 -30.87
N LEU B 62 -15.55 34.48 -29.74
CA LEU B 62 -16.15 34.22 -28.43
C LEU B 62 -16.73 35.52 -27.87
N GLY B 63 -16.48 36.62 -28.57
CA GLY B 63 -16.93 37.92 -28.12
C GLY B 63 -15.79 38.91 -27.90
N GLY B 64 -14.55 38.44 -28.09
CA GLY B 64 -13.39 39.29 -27.99
C GLY B 64 -13.05 39.83 -26.61
N GLU B 65 -12.11 40.79 -26.58
CA GLU B 65 -11.72 41.50 -25.37
C GLU B 65 -12.91 42.15 -24.65
N GLU B 66 -13.79 42.78 -25.42
CA GLU B 66 -15.01 43.37 -24.90
C GLU B 66 -15.85 42.35 -24.12
N GLY B 67 -16.15 41.23 -24.77
CA GLY B 67 -16.99 40.19 -24.18
C GLY B 67 -16.37 39.60 -22.93
N TYR B 68 -15.06 39.40 -22.97
CA TYR B 68 -14.33 38.76 -21.87
C TYR B 68 -14.38 39.56 -20.58
N PHE B 69 -13.92 40.81 -20.59
CA PHE B 69 -13.94 41.64 -19.35
C PHE B 69 -15.36 41.93 -18.88
N LYS B 70 -16.29 42.03 -19.81
CA LYS B 70 -17.69 42.14 -19.45
C LYS B 70 -18.09 40.87 -18.69
N LEU B 71 -17.61 39.72 -19.13
CA LEU B 71 -17.88 38.45 -18.45
C LEU B 71 -17.21 38.40 -17.08
N VAL B 72 -15.93 38.80 -17.05
CA VAL B 72 -15.15 38.81 -15.82
C VAL B 72 -15.77 39.69 -14.75
N LYS B 73 -16.20 40.88 -15.14
CA LYS B 73 -16.86 41.79 -14.23
C LYS B 73 -18.20 41.21 -13.82
N GLU B 74 -18.97 40.75 -14.82
CA GLU B 74 -20.30 40.16 -14.59
C GLU B 74 -20.25 38.98 -13.64
N ALA B 75 -19.19 38.20 -13.75
CA ALA B 75 -19.03 37.01 -12.93
C ALA B 75 -18.44 37.36 -11.57
N LYS B 76 -17.58 38.37 -11.52
CA LYS B 76 -16.98 38.73 -10.23
C LYS B 76 -18.06 39.36 -9.37
N SER B 77 -18.91 40.14 -10.01
CA SER B 77 -20.05 40.78 -9.37
C SER B 77 -21.03 39.80 -8.74
N ARG B 78 -20.94 38.51 -9.04
CA ARG B 78 -21.78 37.60 -8.28
C ARG B 78 -20.99 36.44 -7.72
N GLY B 79 -19.78 36.76 -7.22
CA GLY B 79 -19.01 35.85 -6.40
C GLY B 79 -18.29 34.78 -7.18
N LEU B 80 -18.34 34.89 -8.50
CA LEU B 80 -17.76 33.89 -9.35
C LEU B 80 -16.43 34.38 -9.86
N GLU B 81 -15.39 33.59 -9.61
CA GLU B 81 -14.06 33.90 -10.10
C GLU B 81 -13.83 33.12 -11.40
N ILE B 82 -12.64 33.25 -11.97
CA ILE B 82 -12.32 32.60 -13.22
C ILE B 82 -10.95 31.96 -13.18
N ILE B 83 -10.87 30.68 -13.55
CA ILE B 83 -9.60 30.02 -13.81
C ILE B 83 -9.46 29.93 -15.31
N GLN B 84 -8.46 30.60 -15.88
CA GLN B 84 -8.36 30.64 -17.33
C GLN B 84 -7.32 29.64 -17.84
N ASP B 85 -7.75 28.86 -18.84
CA ASP B 85 -6.92 27.88 -19.53
C ASP B 85 -5.99 28.55 -20.54
N ILE B 86 -4.71 28.20 -20.52
CA ILE B 86 -3.76 28.87 -21.43
C ILE B 86 -2.79 27.88 -22.07
N VAL B 87 -2.41 28.16 -23.32
CA VAL B 87 -1.64 27.22 -24.13
C VAL B 87 -0.23 27.72 -24.48
N PRO B 88 0.73 27.51 -23.59
CA PRO B 88 2.10 28.02 -23.79
C PRO B 88 2.86 27.34 -24.92
N ASN B 89 2.67 26.03 -25.07
CA ASN B 89 3.56 25.18 -25.87
C ASN B 89 3.51 25.37 -27.40
N HIS B 90 2.33 25.61 -27.98
CA HIS B 90 2.22 25.54 -29.44
C HIS B 90 1.18 26.47 -30.05
N MET B 91 1.28 26.63 -31.36
CA MET B 91 0.28 27.38 -32.11
C MET B 91 -0.14 26.56 -33.30
N ALA B 92 -1.21 26.98 -33.96
CA ALA B 92 -1.68 26.36 -35.18
C ALA B 92 -0.95 26.89 -36.41
N VAL B 93 -0.78 26.02 -37.39
CA VAL B 93 -0.37 26.39 -38.74
C VAL B 93 -1.61 26.83 -39.55
N HIS B 94 -1.80 28.15 -39.66
CA HIS B 94 -2.93 28.74 -40.37
C HIS B 94 -2.50 30.13 -40.82
N HIS B 95 -3.13 30.68 -41.86
CA HIS B 95 -2.64 31.96 -42.39
C HIS B 95 -2.92 33.05 -41.40
N THR B 96 -3.85 32.76 -40.50
CA THR B 96 -4.27 33.70 -39.49
C THR B 96 -3.28 33.70 -38.29
N ASN B 97 -2.34 32.75 -38.30
CA ASN B 97 -1.11 32.90 -37.52
C ASN B 97 -0.16 33.84 -38.25
N TRP B 98 -0.32 35.15 -38.05
CA TRP B 98 0.48 36.11 -38.82
C TRP B 98 1.96 36.02 -38.46
N ARG B 99 2.25 35.62 -37.23
CA ARG B 99 3.64 35.39 -36.81
C ARG B 99 4.27 34.28 -37.64
N LEU B 100 3.59 33.15 -37.72
CA LEU B 100 4.07 32.04 -38.53
C LEU B 100 4.16 32.42 -40.00
N MET B 101 3.18 33.19 -40.49
CA MET B 101 3.17 33.54 -41.90
C MET B 101 4.38 34.41 -42.25
N ASP B 102 4.80 35.24 -41.30
CA ASP B 102 5.96 36.08 -41.51
C ASP B 102 7.26 35.28 -41.55
N LEU B 103 7.33 34.24 -40.71
CA LEU B 103 8.45 33.30 -40.76
C LEU B 103 8.43 32.49 -42.06
N LEU B 104 7.24 32.21 -42.57
CA LEU B 104 7.15 31.42 -43.80
C LEU B 104 7.55 32.28 -45.00
N LYS B 105 7.42 33.60 -44.85
CA LYS B 105 7.77 34.51 -45.93
C LYS B 105 9.24 34.95 -45.93
N SER B 106 9.74 35.38 -44.78
CA SER B 106 11.06 36.01 -44.71
C SER B 106 12.16 35.07 -44.19
N TRP B 107 11.75 33.99 -43.52
CA TRP B 107 12.67 33.01 -42.95
C TRP B 107 13.66 33.71 -42.03
N LYS B 108 14.95 33.64 -42.31
CA LYS B 108 15.93 34.16 -41.35
C LYS B 108 15.81 35.68 -41.18
N ASN B 109 15.14 36.33 -42.13
CA ASN B 109 14.93 37.75 -42.02
C ASN B 109 13.70 38.08 -41.18
N SER B 110 13.07 37.05 -40.67
CA SER B 110 11.85 37.30 -39.91
C SER B 110 12.20 37.62 -38.48
N LYS B 111 11.39 38.47 -37.87
CA LYS B 111 11.48 38.74 -36.45
C LYS B 111 11.23 37.46 -35.65
N TYR B 112 10.61 36.46 -36.29
CA TYR B 112 10.13 35.28 -35.60
C TYR B 112 10.84 33.97 -35.96
N TYR B 113 12.03 34.06 -36.51
CA TYR B 113 12.78 32.87 -36.87
C TYR B 113 13.07 31.94 -35.68
N ASN B 114 13.24 32.48 -34.49
CA ASN B 114 13.48 31.62 -33.32
C ASN B 114 12.25 31.52 -32.41
N TYR B 115 11.12 31.98 -32.91
CA TYR B 115 9.89 31.97 -32.14
C TYR B 115 9.25 30.59 -32.19
N PHE B 116 9.46 29.90 -33.30
CA PHE B 116 8.93 28.55 -33.48
C PHE B 116 10.04 27.52 -33.51
N ASP B 117 9.78 26.41 -32.85
CA ASP B 117 10.69 25.28 -32.80
C ASP B 117 10.75 24.57 -34.16
N HIS B 118 11.61 25.03 -35.05
CA HIS B 118 11.83 24.32 -36.30
C HIS B 118 13.23 23.76 -36.30
N TYR B 119 13.38 22.57 -36.87
CA TYR B 119 14.63 21.82 -36.75
C TYR B 119 15.78 22.35 -37.63
N ASP B 120 15.48 22.79 -38.84
CA ASP B 120 16.56 23.06 -39.81
C ASP B 120 16.67 24.54 -40.13
N ASP B 121 17.81 24.93 -40.72
CA ASP B 121 18.06 26.34 -41.02
C ASP B 121 17.72 26.73 -42.46
N ASP B 122 17.37 25.76 -43.29
CA ASP B 122 17.11 26.08 -44.68
C ASP B 122 15.62 26.17 -45.00
N LYS B 123 14.84 25.15 -44.70
CA LYS B 123 13.42 25.16 -45.05
C LYS B 123 12.56 24.49 -43.99
N ILE B 124 11.25 24.67 -44.08
CA ILE B 124 10.35 23.95 -43.18
C ILE B 124 9.36 23.10 -44.00
N ILE B 125 9.35 21.80 -43.71
CA ILE B 125 8.56 20.84 -44.48
C ILE B 125 7.17 20.72 -43.87
N LEU B 126 6.15 21.09 -44.64
CA LEU B 126 4.78 21.11 -44.15
C LEU B 126 3.97 19.98 -44.77
N PRO B 127 3.86 18.84 -44.07
CA PRO B 127 3.09 17.75 -44.65
C PRO B 127 1.60 18.00 -44.42
N ILE B 128 1.03 18.86 -45.24
CA ILE B 128 -0.36 19.29 -45.05
C ILE B 128 -1.17 19.19 -46.34
N LEU B 129 -0.71 18.38 -47.27
CA LEU B 129 -1.46 18.17 -48.51
C LEU B 129 -2.26 16.87 -48.43
N GLU B 130 -3.40 16.85 -49.11
CA GLU B 130 -4.25 15.67 -49.22
C GLU B 130 -3.78 14.70 -50.30
N ASP B 131 -2.71 15.06 -51.00
CA ASP B 131 -2.11 14.22 -52.02
C ASP B 131 -0.75 14.77 -52.31
N GLU B 132 0.03 14.07 -53.13
CA GLU B 132 1.34 14.59 -53.53
C GLU B 132 1.21 15.90 -54.29
N LEU B 133 2.23 16.74 -54.17
CA LEU B 133 2.21 18.07 -54.75
C LEU B 133 1.82 18.01 -56.22
N ASP B 134 2.45 17.10 -56.96
CA ASP B 134 2.23 16.93 -58.39
C ASP B 134 0.77 16.74 -58.67
N THR B 135 0.16 15.86 -57.92
CA THR B 135 -1.25 15.55 -58.08
C THR B 135 -2.10 16.74 -57.68
N VAL B 136 -1.68 17.44 -56.64
CA VAL B 136 -2.41 18.59 -56.13
C VAL B 136 -2.32 19.73 -57.14
N ILE B 137 -1.17 19.83 -57.79
CA ILE B 137 -0.95 20.82 -58.83
C ILE B 137 -1.75 20.42 -60.07
N ASP B 138 -1.66 19.16 -60.45
CA ASP B 138 -2.29 18.68 -61.67
C ASP B 138 -3.78 18.90 -61.57
N LYS B 139 -4.31 18.85 -60.35
CA LYS B 139 -5.75 19.02 -60.09
C LYS B 139 -6.22 20.47 -60.13
N GLY B 140 -5.26 21.40 -60.11
CA GLY B 140 -5.58 22.82 -60.11
C GLY B 140 -5.96 23.32 -58.75
N LEU B 141 -5.56 22.58 -57.72
CA LEU B 141 -5.98 22.88 -56.36
C LEU B 141 -5.15 23.99 -55.67
N ILE B 142 -4.15 24.54 -56.37
CA ILE B 142 -3.36 25.66 -55.85
C ILE B 142 -3.76 26.96 -56.52
N LYS B 143 -4.20 27.93 -55.73
CA LYS B 143 -4.63 29.22 -56.25
C LYS B 143 -3.48 30.22 -56.17
N LEU B 144 -3.06 30.69 -57.34
CA LEU B 144 -1.94 31.61 -57.46
C LEU B 144 -2.40 33.07 -57.43
N GLN B 145 -1.77 33.87 -56.58
CA GLN B 145 -1.84 35.33 -56.66
C GLN B 145 -0.44 35.90 -56.88
N LYS B 146 -0.35 37.23 -56.99
CA LYS B 146 0.95 37.87 -57.15
C LYS B 146 1.85 37.62 -55.93
N ASP B 147 1.26 37.60 -54.73
CA ASP B 147 2.08 37.43 -53.54
C ASP B 147 1.69 36.28 -52.59
N ASN B 148 0.73 35.45 -52.98
CA ASN B 148 0.35 34.31 -52.15
C ASN B 148 -0.25 33.12 -52.90
N ILE B 149 -0.11 31.93 -52.33
CA ILE B 149 -0.73 30.73 -52.89
C ILE B 149 -1.89 30.33 -52.00
N GLU B 150 -2.79 29.50 -52.52
CA GLU B 150 -3.89 29.03 -51.70
C GLU B 150 -4.19 27.54 -51.91
N TYR B 151 -4.24 26.79 -50.82
CA TYR B 151 -4.62 25.39 -50.87
C TYR B 151 -5.71 25.09 -49.84
N ARG B 152 -6.88 24.68 -50.32
CA ARG B 152 -7.93 24.19 -49.44
C ARG B 152 -8.23 25.11 -48.26
N GLY B 153 -8.35 26.40 -48.52
CA GLY B 153 -8.60 27.38 -47.47
C GLY B 153 -7.36 28.03 -46.87
N LEU B 154 -6.20 27.42 -47.02
CA LEU B 154 -4.98 27.97 -46.44
C LEU B 154 -4.26 28.93 -47.41
N VAL B 155 -3.90 30.10 -46.89
CA VAL B 155 -3.18 31.11 -47.67
C VAL B 155 -1.74 31.26 -47.17
N LEU B 156 -0.78 30.99 -48.05
CA LEU B 156 0.62 31.03 -47.64
C LEU B 156 1.31 32.13 -48.46
N PRO B 157 2.26 32.84 -47.87
CA PRO B 157 2.90 33.94 -48.59
C PRO B 157 3.92 33.45 -49.59
N ILE B 158 4.15 34.21 -50.65
CA ILE B 158 5.28 33.91 -51.54
C ILE B 158 6.54 34.70 -51.10
N ASN B 159 7.69 34.03 -51.07
CA ASN B 159 8.93 34.74 -50.76
C ASN B 159 9.41 35.62 -51.93
N ASP B 160 10.39 36.47 -51.63
CA ASP B 160 10.95 37.38 -52.62
C ASP B 160 11.32 36.66 -53.92
N GLU B 161 12.07 35.58 -53.77
CA GLU B 161 12.52 34.82 -54.93
C GLU B 161 11.31 34.40 -55.75
N GLY B 162 10.29 33.88 -55.06
CA GLY B 162 9.09 33.48 -55.75
C GLY B 162 8.38 34.62 -56.45
N VAL B 163 8.31 35.78 -55.80
CA VAL B 163 7.68 36.94 -56.42
C VAL B 163 8.45 37.44 -57.68
N GLU B 164 9.76 37.57 -57.58
CA GLU B 164 10.58 37.94 -58.74
C GLU B 164 10.25 37.08 -59.97
N PHE B 165 10.25 35.77 -59.78
CA PHE B 165 9.87 34.83 -60.83
C PHE B 165 8.54 35.20 -61.48
N LEU B 166 7.54 35.47 -60.65
CA LEU B 166 6.23 35.82 -61.15
C LEU B 166 6.28 37.05 -62.07
N LYS B 167 7.15 38.01 -61.74
CA LYS B 167 7.29 39.22 -62.56
C LYS B 167 8.10 38.91 -63.82
N ARG B 168 9.10 38.06 -63.67
CA ARG B 168 9.98 37.68 -64.76
C ARG B 168 9.22 36.93 -65.89
N ILE B 169 8.17 36.18 -65.53
CA ILE B 169 7.36 35.52 -66.56
C ILE B 169 6.06 36.28 -66.77
N ASN B 170 5.89 37.35 -66.00
CA ASN B 170 4.77 38.28 -66.14
C ASN B 170 3.39 37.61 -65.96
N CYS B 171 3.28 36.74 -64.95
CA CYS B 171 1.99 36.11 -64.65
C CYS B 171 1.74 35.96 -63.14
N PHE B 172 0.53 36.32 -62.71
CA PHE B 172 0.21 36.43 -61.29
C PHE B 172 -1.09 35.73 -60.93
N ASP B 173 -1.61 34.95 -61.85
CA ASP B 173 -2.83 34.16 -61.60
C ASP B 173 -2.75 32.88 -62.44
N ASN B 174 -3.68 31.96 -62.19
CA ASN B 174 -3.59 30.61 -62.75
C ASN B 174 -3.77 30.57 -64.26
N SER B 175 -4.34 31.63 -64.82
CA SER B 175 -4.65 31.69 -66.25
C SER B 175 -3.43 31.80 -67.16
N CYS B 176 -2.31 32.26 -66.64
CA CYS B 176 -1.23 32.60 -67.55
C CYS B 176 0.09 31.87 -67.32
N LEU B 177 0.09 30.81 -66.54
CA LEU B 177 1.34 30.07 -66.37
C LEU B 177 1.08 28.56 -66.35
N LYS B 178 2.13 27.81 -66.64
CA LYS B 178 2.01 26.38 -66.71
C LYS B 178 2.09 25.72 -65.32
N LYS B 179 1.56 24.51 -65.25
CA LYS B 179 1.66 23.71 -64.06
C LYS B 179 3.11 23.58 -63.64
N GLU B 180 4.01 23.50 -64.60
CA GLU B 180 5.40 23.27 -64.25
C GLU B 180 5.99 24.54 -63.67
N ASP B 181 5.42 25.69 -64.03
CA ASP B 181 5.85 26.96 -63.44
C ASP B 181 5.41 26.99 -61.99
N ILE B 182 4.18 26.53 -61.72
CA ILE B 182 3.66 26.47 -60.36
C ILE B 182 4.53 25.56 -59.48
N LYS B 183 4.83 24.37 -59.98
CA LYS B 183 5.79 23.51 -59.33
C LYS B 183 7.08 24.27 -59.02
N LYS B 184 7.61 24.96 -60.01
CA LYS B 184 8.89 25.65 -59.88
C LYS B 184 8.82 26.72 -58.81
N LEU B 185 7.78 27.54 -58.89
CA LEU B 185 7.47 28.52 -57.87
C LEU B 185 7.43 27.92 -56.45
N LEU B 186 6.80 26.75 -56.32
CA LEU B 186 6.67 26.12 -55.01
C LEU B 186 7.99 25.59 -54.47
N LEU B 187 8.91 25.20 -55.35
CA LEU B 187 10.17 24.67 -54.88
C LEU B 187 11.11 25.78 -54.37
N MET B 188 10.76 27.04 -54.61
CA MET B 188 11.57 28.17 -54.15
C MET B 188 11.20 28.61 -52.76
N GLN B 189 10.03 28.18 -52.30
CA GLN B 189 9.51 28.66 -51.04
C GLN B 189 10.36 28.15 -49.88
N TYR B 190 10.34 28.90 -48.78
CA TYR B 190 10.98 28.46 -47.54
C TYR B 190 10.21 27.29 -46.95
N TYR B 191 8.91 27.27 -47.20
CA TYR B 191 8.10 26.12 -46.82
C TYR B 191 8.06 25.14 -47.96
N GLN B 192 8.10 23.87 -47.59
CA GLN B 192 8.02 22.80 -48.58
C GLN B 192 6.80 21.95 -48.26
N LEU B 193 5.88 21.88 -49.21
CA LEU B 193 4.60 21.24 -48.96
C LEU B 193 4.64 19.82 -49.45
N THR B 194 4.19 18.91 -48.60
CA THR B 194 4.15 17.51 -48.98
C THR B 194 2.85 16.85 -48.61
N TYR B 195 2.65 15.68 -49.20
CA TYR B 195 1.58 14.77 -48.85
C TYR B 195 1.74 14.41 -47.38
N TRP B 196 0.66 14.54 -46.61
CA TRP B 196 0.72 14.32 -45.17
C TRP B 196 1.09 12.88 -44.76
N LYS B 197 1.34 12.02 -45.76
CA LYS B 197 1.70 10.62 -45.49
C LYS B 197 3.17 10.36 -45.77
N LYS B 198 3.65 10.89 -46.88
CA LYS B 198 5.08 10.84 -47.21
C LYS B 198 5.75 12.13 -46.77
N GLY B 199 5.65 12.44 -45.48
CA GLY B 199 6.20 13.68 -44.95
C GLY B 199 6.60 13.59 -43.48
N TYR B 200 7.89 13.78 -43.21
CA TYR B 200 8.38 13.98 -41.85
C TYR B 200 8.47 15.49 -41.67
N PRO B 201 7.66 16.06 -40.78
CA PRO B 201 7.80 17.49 -40.49
C PRO B 201 9.13 17.80 -39.79
N ASN B 202 9.77 18.91 -40.13
CA ASN B 202 11.03 19.22 -39.49
C ASN B 202 10.87 20.37 -38.50
N TYR B 203 9.90 20.22 -37.62
CA TYR B 203 9.66 21.16 -36.54
C TYR B 203 8.98 20.36 -35.42
N ARG B 204 9.08 20.85 -34.19
CA ARG B 204 8.36 20.24 -33.08
C ARG B 204 6.85 20.52 -33.11
N ARG B 205 6.08 19.45 -33.16
CA ARG B 205 4.62 19.55 -33.11
C ARG B 205 4.13 19.40 -31.69
N PHE B 206 2.82 19.54 -31.50
CA PHE B 206 2.19 18.92 -30.37
C PHE B 206 1.95 17.46 -30.76
N PHE B 207 2.65 16.55 -30.08
CA PHE B 207 2.53 15.12 -30.37
C PHE B 207 2.77 14.92 -31.85
N ALA B 208 1.83 14.26 -32.52
CA ALA B 208 1.94 14.01 -33.96
C ALA B 208 0.97 14.87 -34.77
N VAL B 209 0.51 15.97 -34.20
CA VAL B 209 -0.44 16.83 -34.90
C VAL B 209 0.30 17.84 -35.80
N ASN B 210 0.42 17.50 -37.09
CA ASN B 210 1.16 18.34 -38.06
C ASN B 210 0.68 19.78 -38.10
N ASP B 211 -0.59 19.96 -37.76
CA ASP B 211 -1.23 21.28 -37.70
C ASP B 211 -0.68 22.20 -36.61
N LEU B 212 0.03 21.65 -35.63
CA LEU B 212 0.41 22.41 -34.45
C LEU B 212 1.93 22.48 -34.32
N ILE B 213 2.46 23.68 -34.24
CA ILE B 213 3.90 23.86 -34.18
C ILE B 213 4.28 24.52 -32.85
N ALA B 214 5.23 23.89 -32.17
CA ALA B 214 5.67 24.33 -30.85
C ALA B 214 6.29 25.74 -30.80
N VAL B 215 6.10 26.41 -29.69
CA VAL B 215 6.70 27.73 -29.45
C VAL B 215 7.95 27.57 -28.59
N ARG B 216 9.00 28.34 -28.86
CA ARG B 216 10.21 28.23 -28.06
C ARG B 216 10.11 29.15 -26.83
N ILE B 217 9.28 28.69 -25.89
CA ILE B 217 8.88 29.45 -24.71
C ILE B 217 10.04 29.58 -23.70
N GLU B 218 11.05 28.73 -23.85
CA GLU B 218 12.27 28.82 -23.05
C GLU B 218 13.17 30.00 -23.44
N LEU B 219 12.83 30.68 -24.53
CA LEU B 219 13.50 31.93 -24.89
C LEU B 219 12.73 33.11 -24.31
N ASP B 220 13.40 33.92 -23.51
CA ASP B 220 12.74 34.96 -22.73
C ASP B 220 11.82 35.89 -23.54
N GLU B 221 12.28 36.36 -24.70
CA GLU B 221 11.48 37.30 -25.47
C GLU B 221 10.30 36.59 -26.16
N VAL B 222 10.32 35.26 -26.16
CA VAL B 222 9.19 34.50 -26.66
C VAL B 222 8.16 34.33 -25.55
N PHE B 223 8.64 34.01 -24.34
CA PHE B 223 7.76 33.93 -23.17
C PHE B 223 6.99 35.22 -23.00
N ARG B 224 7.73 36.31 -22.90
CA ARG B 224 7.13 37.62 -22.62
C ARG B 224 6.06 37.96 -23.64
N GLU B 225 6.40 37.83 -24.92
CA GLU B 225 5.49 38.23 -25.99
C GLU B 225 4.23 37.39 -26.03
N SER B 226 4.40 36.09 -25.86
CA SER B 226 3.29 35.17 -25.95
C SER B 226 2.33 35.35 -24.76
N HIS B 227 2.81 35.98 -23.69
CA HIS B 227 2.02 36.12 -22.47
C HIS B 227 1.62 37.56 -22.13
N GLU B 228 1.76 38.47 -23.09
CA GLU B 228 1.35 39.87 -22.82
C GLU B 228 -0.14 40.05 -22.60
N ILE B 229 -0.97 39.23 -23.23
CA ILE B 229 -2.40 39.34 -22.99
C ILE B 229 -2.71 38.55 -21.72
N ILE B 230 -1.92 37.53 -21.48
CA ILE B 230 -2.13 36.70 -20.30
C ILE B 230 -1.82 37.55 -19.07
N ALA B 231 -0.90 38.48 -19.26
CA ALA B 231 -0.54 39.47 -18.23
C ALA B 231 -1.74 40.31 -17.75
N LYS B 232 -2.52 40.81 -18.70
CA LYS B 232 -3.63 41.71 -18.39
C LYS B 232 -4.89 41.02 -17.84
N LEU B 233 -4.86 39.70 -17.70
CA LEU B 233 -6.09 38.97 -17.37
C LEU B 233 -6.44 39.01 -15.87
N PRO B 234 -7.60 39.60 -15.56
CA PRO B 234 -8.08 39.83 -14.19
C PRO B 234 -8.67 38.59 -13.54
N VAL B 235 -7.99 37.47 -13.74
CA VAL B 235 -8.51 36.19 -13.28
C VAL B 235 -7.90 35.78 -11.95
N ASP B 236 -8.62 34.94 -11.22
CA ASP B 236 -8.13 34.45 -9.94
C ASP B 236 -7.19 33.25 -10.13
N GLY B 237 -7.15 32.70 -11.34
CA GLY B 237 -6.33 31.52 -11.59
C GLY B 237 -6.01 31.13 -13.02
N LEU B 238 -5.05 30.22 -13.16
CA LEU B 238 -4.59 29.75 -14.46
C LEU B 238 -4.45 28.23 -14.51
N ARG B 239 -4.83 27.66 -15.64
CA ARG B 239 -4.68 26.23 -15.90
C ARG B 239 -3.72 26.10 -17.07
N ILE B 240 -2.61 25.37 -16.88
CA ILE B 240 -1.58 25.30 -17.92
C ILE B 240 -1.64 24.04 -18.79
N ASP B 241 -2.01 24.22 -20.05
CA ASP B 241 -2.03 23.15 -21.03
C ASP B 241 -0.65 22.58 -21.31
N HIS B 242 -0.56 21.25 -21.34
CA HIS B 242 0.61 20.51 -21.77
C HIS B 242 1.93 21.07 -21.28
N ILE B 243 2.08 21.14 -19.96
CA ILE B 243 3.30 21.71 -19.42
C ILE B 243 4.48 20.77 -19.64
N ASP B 244 4.24 19.49 -19.91
CA ASP B 244 5.33 18.53 -20.06
C ASP B 244 5.93 18.62 -21.47
N GLY B 245 5.38 19.51 -22.28
CA GLY B 245 5.98 19.80 -23.56
C GLY B 245 7.08 20.84 -23.49
N LEU B 246 7.12 21.61 -22.40
CA LEU B 246 8.03 22.74 -22.26
C LEU B 246 9.47 22.26 -22.05
N TYR B 247 10.41 22.99 -22.65
CA TYR B 247 11.81 22.64 -22.55
C TYR B 247 12.30 22.72 -21.11
N ASN B 248 11.87 23.76 -20.41
CA ASN B 248 12.12 23.88 -18.98
C ASN B 248 10.88 24.39 -18.25
N PRO B 249 9.99 23.48 -17.85
CA PRO B 249 8.73 23.83 -17.19
C PRO B 249 8.92 24.68 -15.93
N LYS B 250 9.87 24.30 -15.07
CA LYS B 250 10.15 25.06 -13.86
C LYS B 250 10.46 26.52 -14.17
N GLU B 251 11.44 26.76 -15.03
CA GLU B 251 11.82 28.11 -15.42
C GLU B 251 10.60 28.89 -15.87
N TYR B 252 9.71 28.23 -16.61
CA TYR B 252 8.49 28.85 -17.11
C TYR B 252 7.57 29.22 -15.96
N LEU B 253 7.42 28.29 -15.03
CA LEU B 253 6.58 28.49 -13.86
C LEU B 253 7.12 29.65 -13.01
N ASP B 254 8.44 29.69 -12.86
CA ASP B 254 9.08 30.82 -12.19
C ASP B 254 8.74 32.13 -12.85
N LYS B 255 8.96 32.22 -14.16
CA LYS B 255 8.73 33.46 -14.89
C LYS B 255 7.25 33.83 -14.89
N LEU B 256 6.38 32.83 -15.00
CA LEU B 256 4.93 33.07 -14.94
C LEU B 256 4.43 33.53 -13.55
N ARG B 257 4.98 32.96 -12.49
CA ARG B 257 4.68 33.43 -11.15
C ARG B 257 5.03 34.90 -10.99
N GLN B 258 6.25 35.25 -11.40
CA GLN B 258 6.70 36.63 -11.32
C GLN B 258 5.87 37.54 -12.19
N LEU B 259 5.14 36.97 -13.15
CA LEU B 259 4.34 37.80 -14.07
C LEU B 259 2.94 38.11 -13.56
N VAL B 260 2.31 37.15 -12.89
CA VAL B 260 0.89 37.29 -12.59
C VAL B 260 0.62 37.37 -11.09
N GLY B 261 1.63 37.00 -10.28
CA GLY B 261 1.51 37.09 -8.84
C GLY B 261 1.78 35.75 -8.16
N ASN B 262 1.75 35.75 -6.83
CA ASN B 262 1.91 34.54 -6.02
C ASN B 262 0.59 34.07 -5.44
N ASP B 263 -0.45 34.88 -5.60
CA ASP B 263 -1.73 34.61 -4.96
C ASP B 263 -2.69 33.96 -5.94
N LYS B 264 -2.31 33.96 -7.20
CA LYS B 264 -3.12 33.31 -8.21
C LYS B 264 -3.04 31.80 -8.07
N ILE B 265 -4.17 31.17 -8.28
CA ILE B 265 -4.25 29.73 -8.30
C ILE B 265 -3.76 29.21 -9.65
N ILE B 266 -2.69 28.43 -9.64
CA ILE B 266 -2.26 27.82 -10.89
C ILE B 266 -2.35 26.30 -10.83
N TYR B 267 -3.07 25.75 -11.79
CA TYR B 267 -3.12 24.31 -11.97
C TYR B 267 -2.36 23.97 -13.24
N VAL B 268 -1.67 22.83 -13.23
CA VAL B 268 -1.02 22.37 -14.43
C VAL B 268 -1.71 21.12 -14.95
N GLU B 269 -1.88 21.02 -16.25
CA GLU B 269 -2.26 19.73 -16.82
C GLU B 269 -1.00 18.88 -16.93
N LYS B 270 -0.89 17.90 -16.05
CA LYS B 270 0.25 17.01 -16.04
C LYS B 270 -0.22 15.65 -15.54
N ILE B 271 0.18 14.59 -16.23
CA ILE B 271 -0.25 13.26 -15.85
C ILE B 271 0.79 12.60 -14.94
N LEU B 272 0.30 12.11 -13.81
CA LEU B 272 1.14 11.54 -12.76
C LEU B 272 1.12 10.04 -12.78
N SER B 273 2.29 9.42 -12.66
CA SER B 273 2.37 7.98 -12.64
C SER B 273 2.39 7.49 -11.21
N ILE B 274 2.58 6.19 -11.05
CA ILE B 274 2.47 5.53 -9.75
C ILE B 274 3.50 6.02 -8.74
N ASN B 275 3.00 6.55 -7.62
CA ASN B 275 3.84 7.18 -6.61
C ASN B 275 4.77 8.23 -7.23
N GLU B 276 4.16 9.24 -7.84
CA GLU B 276 4.89 10.39 -8.35
C GLU B 276 4.18 11.61 -7.82
N LYS B 277 4.93 12.66 -7.52
CA LYS B 277 4.32 13.95 -7.24
C LYS B 277 4.83 15.02 -8.20
N LEU B 278 4.16 16.17 -8.19
CA LEU B 278 4.71 17.33 -8.86
C LEU B 278 6.03 17.64 -8.20
N ARG B 279 6.94 18.26 -8.95
CA ARG B 279 8.23 18.66 -8.40
C ARG B 279 8.04 19.78 -7.38
N ASP B 280 8.76 19.68 -6.26
CA ASP B 280 8.64 20.65 -5.20
C ASP B 280 8.93 22.06 -5.68
N ASP B 281 9.87 22.17 -6.61
CA ASP B 281 10.32 23.44 -7.14
C ASP B 281 9.26 24.14 -8.00
N TRP B 282 8.17 23.46 -8.33
CA TRP B 282 7.13 24.07 -9.17
C TRP B 282 6.17 24.92 -8.33
N LYS B 283 6.10 26.22 -8.63
CA LYS B 283 5.29 27.15 -7.86
C LYS B 283 3.79 27.00 -8.15
N VAL B 284 3.27 25.81 -7.97
CA VAL B 284 1.97 25.51 -8.52
C VAL B 284 1.11 24.93 -7.40
N ASP B 285 -0.19 25.09 -7.51
CA ASP B 285 -1.09 24.57 -6.49
C ASP B 285 -1.57 23.15 -6.80
N GLY B 286 -1.30 22.67 -8.00
CA GLY B 286 -1.62 21.29 -8.32
C GLY B 286 -1.94 21.00 -9.77
N THR B 287 -2.65 19.89 -9.98
CA THR B 287 -3.05 19.44 -11.31
C THR B 287 -4.56 19.50 -11.49
N THR B 288 -4.98 19.27 -12.75
CA THR B 288 -6.40 19.20 -13.11
C THR B 288 -7.07 17.94 -12.59
N GLY B 289 -6.28 17.02 -12.06
CA GLY B 289 -6.82 15.95 -11.23
C GLY B 289 -7.11 14.56 -11.79
N TYR B 290 -6.28 14.08 -12.72
CA TYR B 290 -6.42 12.74 -13.27
C TYR B 290 -6.00 11.73 -12.24
N ASP B 291 -5.21 12.19 -11.28
CA ASP B 291 -4.79 11.29 -10.22
C ASP B 291 -5.98 10.98 -9.31
N PHE B 292 -6.73 12.00 -8.88
CA PHE B 292 -7.93 11.71 -8.10
C PHE B 292 -8.86 10.81 -8.89
N LEU B 293 -9.02 11.13 -10.17
CA LEU B 293 -9.97 10.39 -11.02
C LEU B 293 -9.77 8.88 -10.92
N ASN B 294 -8.53 8.47 -11.19
CA ASN B 294 -8.25 7.06 -11.33
C ASN B 294 -8.25 6.35 -9.98
N TYR B 295 -7.96 7.08 -8.90
CA TYR B 295 -8.09 6.53 -7.55
C TYR B 295 -9.53 6.15 -7.24
N VAL B 296 -10.46 7.07 -7.50
CA VAL B 296 -11.85 6.80 -7.19
C VAL B 296 -12.41 5.76 -8.16
N ASN B 297 -12.03 5.89 -9.43
CA ASN B 297 -12.43 4.94 -10.48
C ASN B 297 -11.99 3.48 -10.19
N MET B 298 -10.81 3.32 -9.60
CA MET B 298 -10.31 1.99 -9.25
C MET B 298 -11.03 1.45 -8.00
N LEU B 299 -11.12 2.32 -6.98
CA LEU B 299 -11.85 2.03 -5.76
C LEU B 299 -13.22 1.44 -6.06
N LEU B 300 -13.89 1.99 -7.07
CA LEU B 300 -15.22 1.56 -7.51
C LEU B 300 -15.24 0.17 -8.14
N VAL B 301 -14.08 -0.28 -8.58
CA VAL B 301 -14.00 -1.63 -9.13
C VAL B 301 -13.96 -2.65 -7.99
N ASP B 302 -14.76 -3.70 -8.12
CA ASP B 302 -14.82 -4.80 -7.16
C ASP B 302 -13.72 -5.82 -7.41
N GLY B 303 -12.70 -5.80 -6.55
CA GLY B 303 -11.59 -6.74 -6.68
C GLY B 303 -11.91 -8.22 -6.87
N SER B 304 -13.00 -8.69 -6.28
CA SER B 304 -13.31 -10.12 -6.34
C SER B 304 -13.67 -10.59 -7.75
N GLY B 305 -13.94 -9.66 -8.67
CA GLY B 305 -14.28 -10.03 -10.03
C GLY B 305 -13.08 -10.25 -10.95
N GLU B 306 -11.90 -9.82 -10.49
CA GLU B 306 -10.72 -9.78 -11.32
C GLU B 306 -10.45 -11.07 -12.07
N GLU B 307 -10.36 -12.18 -11.33
CA GLU B 307 -10.02 -13.45 -11.97
C GLU B 307 -11.07 -13.89 -12.97
N GLU B 308 -12.34 -13.85 -12.59
CA GLU B 308 -13.36 -14.30 -13.52
C GLU B 308 -13.36 -13.44 -14.78
N LEU B 309 -13.25 -12.12 -14.62
CA LEU B 309 -13.26 -11.22 -15.76
C LEU B 309 -12.00 -11.36 -16.63
N THR B 310 -10.87 -11.62 -16.00
CA THR B 310 -9.65 -11.95 -16.73
C THR B 310 -9.81 -13.26 -17.51
N LYS B 311 -10.45 -14.24 -16.91
CA LYS B 311 -10.55 -15.55 -17.53
C LYS B 311 -11.62 -15.56 -18.62
N PHE B 312 -12.62 -14.71 -18.52
CA PHE B 312 -13.65 -14.74 -19.54
C PHE B 312 -13.18 -13.96 -20.75
N TYR B 313 -12.52 -12.85 -20.47
CA TYR B 313 -12.03 -11.99 -21.53
C TYR B 313 -11.09 -12.79 -22.40
N GLU B 314 -10.14 -13.45 -21.75
CA GLU B 314 -9.14 -14.24 -22.44
C GLU B 314 -9.79 -15.38 -23.24
N ASN B 315 -10.73 -16.09 -22.62
CA ASN B 315 -11.46 -17.15 -23.33
C ASN B 315 -12.31 -16.58 -24.48
N PHE B 316 -12.95 -15.43 -24.26
CA PHE B 316 -13.82 -14.88 -25.29
C PHE B 316 -13.06 -14.41 -26.54
N ILE B 317 -11.89 -13.79 -26.38
CA ILE B 317 -11.13 -13.35 -27.57
C ILE B 317 -10.14 -14.42 -28.04
N GLY B 318 -10.11 -15.55 -27.34
CA GLY B 318 -9.29 -16.69 -27.72
C GLY B 318 -7.80 -16.40 -27.71
N ARG B 319 -7.37 -15.62 -26.73
CA ARG B 319 -6.01 -15.14 -26.73
C ARG B 319 -5.72 -14.51 -25.39
N LYS B 320 -4.54 -14.81 -24.88
CA LYS B 320 -4.05 -14.20 -23.66
C LYS B 320 -3.44 -12.86 -24.05
N ILE B 321 -3.62 -11.83 -23.23
CA ILE B 321 -2.93 -10.55 -23.46
C ILE B 321 -2.17 -10.08 -22.22
N ASN B 322 -0.85 -10.04 -22.32
CA ASN B 322 -0.03 -9.48 -21.26
C ASN B 322 0.01 -7.96 -21.37
N ILE B 323 -0.42 -7.29 -20.31
CA ILE B 323 -0.63 -5.86 -20.36
C ILE B 323 0.70 -5.09 -20.45
N ASP B 324 1.72 -5.57 -19.73
CA ASP B 324 3.04 -4.93 -19.77
C ASP B 324 3.62 -5.03 -21.18
N GLU B 325 3.39 -6.15 -21.86
CA GLU B 325 3.92 -6.35 -23.22
C GLU B 325 3.18 -5.47 -24.22
N LEU B 326 1.87 -5.36 -24.02
CA LEU B 326 1.05 -4.52 -24.86
C LEU B 326 1.49 -3.05 -24.72
N ILE B 327 1.61 -2.58 -23.49
CA ILE B 327 2.06 -1.22 -23.24
C ILE B 327 3.40 -0.92 -23.96
N ILE B 328 4.36 -1.82 -23.79
CA ILE B 328 5.68 -1.66 -24.41
C ILE B 328 5.58 -1.63 -25.93
N GLN B 329 4.83 -2.55 -26.52
CA GLN B 329 4.77 -2.61 -27.98
C GLN B 329 4.01 -1.41 -28.53
N SER B 330 3.07 -0.90 -27.74
CA SER B 330 2.25 0.19 -28.20
C SER B 330 3.09 1.45 -28.26
N LYS B 331 4.07 1.53 -27.37
CA LYS B 331 4.91 2.70 -27.35
C LYS B 331 5.89 2.63 -28.51
N LYS B 332 6.45 1.44 -28.72
CA LYS B 332 7.36 1.24 -29.84
C LYS B 332 6.66 1.51 -31.17
N LEU B 333 5.42 1.05 -31.27
CA LEU B 333 4.61 1.22 -32.47
C LEU B 333 4.43 2.71 -32.82
N VAL B 334 3.98 3.52 -31.86
CA VAL B 334 3.80 4.95 -32.16
C VAL B 334 5.13 5.64 -32.44
N ALA B 335 6.19 5.23 -31.74
CA ALA B 335 7.50 5.79 -31.98
C ALA B 335 7.87 5.63 -33.46
N ASN B 336 7.70 4.41 -33.96
CA ASN B 336 8.08 4.05 -35.32
C ASN B 336 7.08 4.52 -36.37
N GLN B 337 5.80 4.52 -36.02
CA GLN B 337 4.73 4.92 -36.92
C GLN B 337 4.56 6.44 -37.00
N LEU B 338 4.77 7.13 -35.88
CA LEU B 338 4.40 8.54 -35.79
C LEU B 338 5.56 9.50 -35.54
N PHE B 339 6.57 9.07 -34.81
CA PHE B 339 7.64 9.98 -34.40
C PHE B 339 9.00 9.49 -34.90
N LYS B 340 9.01 8.85 -36.07
CA LYS B 340 10.24 8.25 -36.57
C LYS B 340 11.25 9.31 -36.91
N GLY B 341 10.75 10.41 -37.47
CA GLY B 341 11.59 11.52 -37.89
C GLY B 341 12.17 12.22 -36.68
N ASP B 342 11.37 12.41 -35.65
CA ASP B 342 11.85 13.05 -34.45
C ASP B 342 12.91 12.21 -33.71
N ILE B 343 12.68 10.92 -33.60
CA ILE B 343 13.59 10.06 -32.87
C ILE B 343 14.93 9.83 -33.60
N GLU B 344 14.90 9.86 -34.93
CA GLU B 344 16.14 9.81 -35.71
C GLU B 344 17.04 11.01 -35.41
N ARG B 345 16.47 12.20 -35.41
CA ARG B 345 17.24 13.38 -35.09
C ARG B 345 17.73 13.32 -33.65
N LEU B 346 16.85 12.93 -32.73
CA LEU B 346 17.23 12.78 -31.33
C LEU B 346 18.37 11.78 -31.20
N SER B 347 18.33 10.76 -32.04
CA SER B 347 19.38 9.74 -32.09
C SER B 347 20.73 10.33 -32.49
N LYS B 348 20.71 11.33 -33.38
CA LYS B 348 21.93 12.00 -33.76
C LYS B 348 22.38 12.98 -32.67
N LEU B 349 21.43 13.67 -32.05
CA LEU B 349 21.77 14.63 -30.99
C LEU B 349 22.39 13.98 -29.75
N LEU B 350 21.93 12.76 -29.43
CA LEU B 350 22.41 12.04 -28.26
C LEU B 350 23.50 11.04 -28.62
N ASN B 351 23.79 10.96 -29.91
CA ASN B 351 24.66 9.94 -30.49
C ASN B 351 24.29 8.54 -30.03
N VAL B 352 23.03 8.19 -30.11
CA VAL B 352 22.63 6.83 -29.78
C VAL B 352 22.00 6.16 -30.99
N ASN B 353 21.99 4.82 -30.96
CA ASN B 353 21.29 4.04 -31.96
C ASN B 353 19.79 4.36 -31.88
N TYR B 354 19.15 4.33 -33.04
CA TYR B 354 17.71 4.56 -33.13
C TYR B 354 16.94 3.63 -32.22
N ASP B 355 17.15 2.33 -32.41
CA ASP B 355 16.40 1.32 -31.71
C ASP B 355 16.55 1.44 -30.19
N TYR B 356 17.76 1.70 -29.73
CA TYR B 356 17.99 1.88 -28.31
C TYR B 356 17.11 3.01 -27.76
N LEU B 357 17.06 4.13 -28.48
CA LEU B 357 16.24 5.25 -28.07
C LEU B 357 14.78 4.84 -27.99
N VAL B 358 14.29 4.23 -29.06
CA VAL B 358 12.92 3.78 -29.12
C VAL B 358 12.66 2.85 -27.96
N ASP B 359 13.57 1.92 -27.71
CA ASP B 359 13.43 0.99 -26.60
C ASP B 359 13.36 1.73 -25.25
N PHE B 360 14.20 2.75 -25.10
CA PHE B 360 14.20 3.60 -23.90
C PHE B 360 12.85 4.29 -23.69
N LEU B 361 12.38 5.00 -24.72
CA LEU B 361 11.12 5.72 -24.65
C LEU B 361 9.98 4.78 -24.27
N ALA B 362 10.00 3.56 -24.82
CA ALA B 362 8.94 2.58 -24.58
C ALA B 362 9.10 1.94 -23.20
N CYS B 363 10.27 2.11 -22.59
CA CYS B 363 10.51 1.59 -21.23
C CYS B 363 10.06 2.59 -20.16
N MET B 364 10.19 3.89 -20.45
CA MET B 364 9.82 4.97 -19.51
C MET B 364 8.53 4.68 -18.73
N LYS B 365 8.53 5.00 -17.44
CA LYS B 365 7.43 4.63 -16.55
C LYS B 365 6.71 5.84 -15.97
N LYS B 366 7.10 7.02 -16.43
CA LYS B 366 6.34 8.23 -16.17
C LYS B 366 6.42 9.01 -17.48
N TYR B 367 5.70 10.14 -17.56
CA TYR B 367 5.57 10.83 -18.84
C TYR B 367 6.88 11.44 -19.28
N ARG B 368 7.69 11.87 -18.32
CA ARG B 368 9.03 12.38 -18.59
C ARG B 368 9.81 12.69 -17.33
N THR B 369 11.10 12.92 -17.52
CA THR B 369 12.01 13.28 -16.44
C THR B 369 12.22 14.79 -16.48
N TYR B 370 12.89 15.35 -15.47
CA TYR B 370 12.99 16.82 -15.40
C TYR B 370 14.40 17.36 -15.06
N LEU B 371 15.40 16.82 -15.76
CA LEU B 371 16.71 17.46 -15.81
C LEU B 371 16.52 18.91 -16.25
N PRO B 372 17.34 19.83 -15.71
CA PRO B 372 18.53 19.57 -14.92
C PRO B 372 18.27 19.38 -13.42
N PHE B 373 17.03 19.61 -13.00
CA PHE B 373 16.64 19.56 -11.60
C PHE B 373 16.62 18.14 -10.99
N GLU B 374 15.84 17.25 -11.59
CA GLU B 374 15.81 15.85 -11.15
C GLU B 374 17.16 15.17 -11.40
N ASP B 375 17.48 14.19 -10.56
CA ASP B 375 18.70 13.42 -10.73
C ASP B 375 18.61 12.43 -11.89
N ILE B 376 19.73 12.23 -12.56
CA ILE B 376 19.88 11.34 -13.70
C ILE B 376 19.37 9.91 -13.43
N ASN B 377 19.30 9.53 -12.16
CA ASN B 377 18.80 8.22 -11.75
C ASN B 377 17.41 7.94 -12.34
N GLY B 378 16.70 9.02 -12.68
CA GLY B 378 15.37 8.95 -13.26
C GLY B 378 15.38 8.44 -14.69
N ILE B 379 16.55 8.36 -15.30
CA ILE B 379 16.63 7.79 -16.64
C ILE B 379 17.57 6.60 -16.63
N ARG B 380 18.16 6.31 -15.48
CA ARG B 380 19.18 5.28 -15.42
C ARG B 380 18.62 3.90 -15.74
N GLU B 381 17.42 3.59 -15.26
CA GLU B 381 17.02 2.20 -15.36
C GLU B 381 16.19 1.88 -16.58
N CYS B 382 16.00 2.86 -17.45
CA CYS B 382 15.58 2.52 -18.80
C CYS B 382 16.81 2.63 -19.71
N ASP B 383 17.69 3.57 -19.39
CA ASP B 383 18.97 3.66 -20.07
C ASP B 383 19.95 2.72 -19.36
N LYS B 384 19.86 1.43 -19.67
CA LYS B 384 20.72 0.43 -19.02
C LYS B 384 22.20 0.60 -19.39
N GLU B 385 22.48 0.88 -20.66
CA GLU B 385 23.87 1.03 -21.12
C GLU B 385 24.51 2.34 -20.66
N GLY B 386 23.72 3.22 -20.06
CA GLY B 386 24.22 4.52 -19.66
C GLY B 386 24.73 5.35 -20.81
N LYS B 387 24.02 5.29 -21.94
CA LYS B 387 24.40 6.03 -23.14
C LYS B 387 23.93 7.48 -23.14
N LEU B 388 23.14 7.87 -22.15
CA LEU B 388 22.59 9.22 -22.15
C LEU B 388 23.29 10.07 -21.11
N LYS B 389 24.21 10.91 -21.58
CA LYS B 389 25.09 11.70 -20.73
C LYS B 389 24.91 13.20 -20.94
N ASP B 390 24.84 13.62 -22.19
CA ASP B 390 24.69 15.01 -22.53
C ASP B 390 23.40 15.56 -21.94
N GLU B 391 23.53 16.12 -20.74
CA GLU B 391 22.42 16.71 -20.00
C GLU B 391 21.46 17.48 -20.90
N LYS B 392 22.03 18.29 -21.79
CA LYS B 392 21.25 19.10 -22.71
C LYS B 392 20.39 18.24 -23.64
N GLY B 393 21.00 17.19 -24.20
CA GLY B 393 20.31 16.36 -25.15
C GLY B 393 19.15 15.64 -24.50
N ILE B 394 19.35 15.24 -23.25
CA ILE B 394 18.30 14.67 -22.45
C ILE B 394 17.14 15.67 -22.35
N MET B 395 17.46 16.92 -22.04
CA MET B 395 16.46 17.96 -21.86
C MET B 395 15.58 18.15 -23.10
N ARG B 396 16.18 17.97 -24.29
CA ARG B 396 15.45 17.95 -25.54
C ARG B 396 14.60 16.68 -25.62
N LEU B 397 15.21 15.55 -25.28
CA LEU B 397 14.54 14.26 -25.31
C LEU B 397 13.30 14.31 -24.44
N GLN B 398 13.45 14.93 -23.26
CA GLN B 398 12.37 15.04 -22.29
C GLN B 398 11.11 15.70 -22.86
N GLN B 399 11.26 16.38 -23.99
CA GLN B 399 10.11 17.05 -24.58
C GLN B 399 9.27 16.07 -25.39
N TYR B 400 9.87 14.95 -25.78
CA TYR B 400 9.18 13.99 -26.62
C TYR B 400 8.72 12.80 -25.80
N MET B 401 9.34 12.61 -24.63
CA MET B 401 8.87 11.56 -23.73
C MET B 401 7.35 11.55 -23.45
N PRO B 402 6.70 12.74 -23.37
CA PRO B 402 5.27 12.68 -23.07
C PRO B 402 4.40 12.25 -24.25
N ALA B 403 4.89 12.45 -25.46
CA ALA B 403 4.14 12.08 -26.64
C ALA B 403 4.16 10.56 -26.88
N ILE B 404 5.22 9.88 -26.41
CA ILE B 404 5.28 8.43 -26.54
C ILE B 404 4.34 7.76 -25.53
N PHE B 405 4.32 8.29 -24.32
CA PHE B 405 3.46 7.74 -23.29
C PHE B 405 2.00 8.05 -23.64
N ALA B 406 1.76 9.24 -24.19
CA ALA B 406 0.39 9.67 -24.42
C ALA B 406 -0.19 8.98 -25.63
N LYS B 407 0.62 8.85 -26.69
CA LYS B 407 0.19 8.20 -27.90
C LYS B 407 0.24 6.69 -27.75
N GLY B 408 1.20 6.22 -26.97
CA GLY B 408 1.38 4.80 -26.76
C GLY B 408 0.40 4.19 -25.76
N TYR B 409 0.17 4.88 -24.64
CA TYR B 409 -0.71 4.34 -23.61
C TYR B 409 -2.16 4.82 -23.77
N GLU B 410 -2.37 6.14 -23.66
CA GLU B 410 -3.72 6.70 -23.79
C GLU B 410 -4.40 6.37 -25.11
N ASP B 411 -3.67 6.57 -26.20
CA ASP B 411 -4.25 6.51 -27.55
C ASP B 411 -3.99 5.21 -28.31
N THR B 412 -3.50 4.17 -27.64
CA THR B 412 -3.38 2.87 -28.27
C THR B 412 -3.73 1.74 -27.30
N THR B 413 -2.97 1.64 -26.22
CA THR B 413 -3.21 0.61 -25.24
C THR B 413 -4.62 0.65 -24.63
N LEU B 414 -5.13 1.83 -24.34
CA LEU B 414 -6.45 1.97 -23.70
C LEU B 414 -7.56 1.49 -24.63
N PHE B 415 -7.20 1.20 -25.88
CA PHE B 415 -8.17 0.85 -26.89
C PHE B 415 -8.02 -0.60 -27.33
N ILE B 416 -7.10 -1.31 -26.69
CA ILE B 416 -6.88 -2.70 -26.98
C ILE B 416 -7.24 -3.60 -25.78
N TYR B 417 -6.70 -3.30 -24.60
CA TYR B 417 -6.87 -4.20 -23.46
C TYR B 417 -8.26 -4.01 -22.82
N ASN B 418 -9.20 -4.87 -23.23
CA ASN B 418 -10.60 -4.66 -22.89
C ASN B 418 -11.21 -5.55 -21.79
N ARG B 419 -10.45 -5.84 -20.72
CA ARG B 419 -10.98 -6.72 -19.68
C ARG B 419 -12.15 -6.05 -18.92
N LEU B 420 -12.00 -4.77 -18.62
CA LEU B 420 -13.06 -3.98 -17.99
C LEU B 420 -12.78 -2.52 -18.32
N ILE B 421 -13.40 -2.01 -19.38
CA ILE B 421 -12.86 -0.82 -20.03
C ILE B 421 -13.13 0.46 -19.22
N SER B 422 -13.94 0.37 -18.16
CA SER B 422 -14.17 1.50 -17.28
C SER B 422 -12.87 1.91 -16.61
N LEU B 423 -11.90 1.01 -16.60
CA LEU B 423 -10.57 1.30 -16.05
C LEU B 423 -9.68 2.05 -17.04
N ASN B 424 -10.02 1.97 -18.33
CA ASN B 424 -9.17 2.47 -19.42
C ASN B 424 -9.26 3.99 -19.62
N GLU B 425 -8.71 4.72 -18.67
CA GLU B 425 -8.91 6.16 -18.64
C GLU B 425 -7.56 6.87 -18.69
N VAL B 426 -7.59 8.14 -19.02
CA VAL B 426 -6.39 8.96 -18.95
C VAL B 426 -5.87 9.00 -17.50
N GLY B 427 -4.60 8.64 -17.35
CA GLY B 427 -3.96 8.66 -16.05
C GLY B 427 -4.09 7.33 -15.34
N SER B 428 -4.74 6.36 -15.98
CA SER B 428 -4.96 5.09 -15.32
C SER B 428 -3.71 4.27 -15.32
N ASP B 429 -3.81 3.05 -14.78
CA ASP B 429 -2.71 2.11 -14.79
C ASP B 429 -3.28 0.73 -14.98
N LEU B 430 -3.31 0.27 -16.23
CA LEU B 430 -3.97 -0.99 -16.54
C LEU B 430 -3.21 -2.20 -15.99
N ARG B 431 -2.17 -1.96 -15.19
CA ARG B 431 -1.48 -3.06 -14.51
C ARG B 431 -2.19 -3.35 -13.18
N ARG B 432 -2.87 -2.36 -12.64
CA ARG B 432 -3.71 -2.56 -11.46
C ARG B 432 -5.12 -2.86 -11.89
N PHE B 433 -5.95 -3.34 -10.97
CA PHE B 433 -7.34 -3.62 -11.31
C PHE B 433 -8.30 -2.88 -10.40
N SER B 434 -8.15 -3.05 -9.08
CA SER B 434 -9.05 -2.43 -8.12
C SER B 434 -8.27 -1.81 -6.98
N LEU B 435 -8.95 -1.04 -6.14
CA LEU B 435 -8.32 -0.32 -5.05
C LEU B 435 -9.17 -0.37 -3.80
N SER B 436 -8.53 -0.53 -2.65
CA SER B 436 -9.28 -0.63 -1.40
C SER B 436 -9.50 0.75 -0.82
N ILE B 437 -10.47 0.81 0.09
CA ILE B 437 -10.73 2.01 0.88
C ILE B 437 -9.47 2.41 1.65
N GLU B 438 -8.68 1.43 2.05
CA GLU B 438 -7.42 1.68 2.74
C GLU B 438 -6.46 2.47 1.84
N ASP B 439 -6.33 2.04 0.59
CA ASP B 439 -5.49 2.79 -0.34
C ASP B 439 -6.07 4.19 -0.52
N PHE B 440 -7.39 4.29 -0.66
CA PHE B 440 -8.02 5.59 -0.94
C PHE B 440 -7.71 6.60 0.16
N HIS B 441 -7.71 6.10 1.38
CA HIS B 441 -7.47 6.91 2.57
C HIS B 441 -6.04 7.41 2.66
N ASN B 442 -5.10 6.49 2.45
CA ASN B 442 -3.69 6.82 2.37
C ASN B 442 -3.44 7.92 1.34
N PHE B 443 -4.05 7.75 0.17
CA PHE B 443 -3.96 8.74 -0.90
C PHE B 443 -4.43 10.09 -0.39
N ASN B 444 -5.63 10.10 0.22
CA ASN B 444 -6.18 11.33 0.77
C ASN B 444 -5.36 11.87 1.94
N LEU B 445 -4.78 10.94 2.70
CA LEU B 445 -4.03 11.30 3.88
C LEU B 445 -2.75 11.98 3.49
N SER B 446 -2.25 11.62 2.31
CA SER B 446 -1.01 12.19 1.79
C SER B 446 -1.25 13.55 1.14
N ARG B 447 -2.49 14.03 1.21
CA ARG B 447 -2.86 15.28 0.56
C ARG B 447 -3.96 16.03 1.32
N VAL B 448 -3.94 15.93 2.65
CA VAL B 448 -4.98 16.58 3.47
C VAL B 448 -5.14 18.08 3.19
N ASN B 449 -4.05 18.79 3.04
CA ASN B 449 -4.12 20.24 2.91
C ASN B 449 -4.01 20.75 1.46
N THR B 450 -4.16 19.87 0.49
CA THR B 450 -4.00 20.29 -0.91
C THR B 450 -5.22 21.02 -1.43
N ILE B 451 -5.01 21.89 -2.40
CA ILE B 451 -6.12 22.42 -3.17
C ILE B 451 -6.09 21.91 -4.61
N SER B 452 -5.41 20.78 -4.82
CA SER B 452 -5.38 20.18 -6.15
C SER B 452 -6.80 19.77 -6.60
N MET B 453 -7.02 19.68 -7.90
CA MET B 453 -8.35 19.37 -8.43
C MET B 453 -8.78 17.92 -8.25
N ASN B 454 -10.03 17.73 -7.84
CA ASN B 454 -10.64 16.39 -7.85
C ASN B 454 -11.67 16.28 -8.97
N THR B 455 -11.35 15.51 -10.01
CA THR B 455 -12.22 15.46 -11.18
C THR B 455 -12.50 14.01 -11.58
N LEU B 456 -13.65 13.79 -12.22
CA LEU B 456 -14.01 12.46 -12.67
C LEU B 456 -14.36 12.48 -14.15
N SER B 457 -14.48 13.68 -14.71
CA SER B 457 -14.83 13.88 -16.12
C SER B 457 -14.16 15.15 -16.68
N THR B 458 -13.56 15.05 -17.85
CA THR B 458 -13.06 16.24 -18.53
C THR B 458 -13.31 16.17 -20.02
N HIS B 459 -12.93 17.24 -20.71
CA HIS B 459 -13.02 17.34 -22.16
C HIS B 459 -12.02 16.41 -22.86
N ASP B 460 -11.18 15.73 -22.08
CA ASP B 460 -10.20 14.80 -22.64
C ASP B 460 -10.36 13.36 -22.17
N THR B 461 -11.14 13.12 -21.10
CA THR B 461 -11.30 11.75 -20.61
C THR B 461 -11.96 10.88 -21.67
N LYS B 462 -11.55 9.61 -21.73
CA LYS B 462 -12.11 8.65 -22.71
C LYS B 462 -13.63 8.50 -22.55
N PHE B 463 -14.09 8.59 -21.30
CA PHE B 463 -15.48 8.46 -20.94
C PHE B 463 -15.84 9.53 -19.95
N SER B 464 -17.14 9.81 -19.80
CA SER B 464 -17.62 10.54 -18.62
C SER B 464 -17.66 9.58 -17.42
N GLU B 465 -17.64 10.15 -16.21
CA GLU B 465 -17.68 9.39 -14.97
C GLU B 465 -18.89 8.44 -14.91
N ASP B 466 -20.02 8.87 -15.46
CA ASP B 466 -21.23 8.09 -15.33
C ASP B 466 -21.19 6.87 -16.23
N VAL B 467 -20.49 6.98 -17.36
CA VAL B 467 -20.35 5.81 -18.23
C VAL B 467 -19.51 4.76 -17.53
N ARG B 468 -18.50 5.23 -16.80
CA ARG B 468 -17.54 4.33 -16.19
C ARG B 468 -18.16 3.68 -14.97
N ALA B 469 -18.98 4.46 -14.26
CA ALA B 469 -19.65 3.99 -13.07
C ALA B 469 -20.49 2.76 -13.38
N ARG B 470 -21.13 2.75 -14.56
CA ARG B 470 -21.99 1.63 -14.93
C ARG B 470 -21.19 0.39 -15.30
N ILE B 471 -20.14 0.58 -16.11
CA ILE B 471 -19.36 -0.54 -16.63
C ILE B 471 -18.69 -1.31 -15.49
N SER B 472 -18.27 -0.60 -14.45
CA SER B 472 -17.60 -1.23 -13.32
C SER B 472 -18.53 -2.15 -12.51
N VAL B 473 -19.85 -1.95 -12.65
CA VAL B 473 -20.84 -2.85 -12.05
C VAL B 473 -20.61 -4.27 -12.56
N LEU B 474 -20.14 -4.37 -13.80
CA LEU B 474 -19.84 -5.67 -14.39
C LEU B 474 -18.84 -6.47 -13.55
N SER B 475 -18.02 -5.77 -12.78
CA SER B 475 -17.00 -6.43 -11.95
C SER B 475 -17.62 -7.09 -10.70
N GLU B 476 -18.78 -6.58 -10.24
CA GLU B 476 -19.49 -7.16 -9.10
C GLU B 476 -20.31 -8.38 -9.55
N ILE B 477 -20.57 -8.50 -10.85
CA ILE B 477 -21.37 -9.64 -11.30
C ILE B 477 -20.81 -10.36 -12.52
N PRO B 478 -19.58 -10.90 -12.41
CA PRO B 478 -18.89 -11.53 -13.54
C PRO B 478 -19.71 -12.62 -14.21
N LYS B 479 -20.43 -13.40 -13.40
CA LYS B 479 -21.15 -14.57 -13.89
C LYS B 479 -22.30 -14.22 -14.84
N GLU B 480 -23.13 -13.28 -14.44
CA GLU B 480 -24.25 -12.85 -15.27
C GLU B 480 -23.72 -12.21 -16.54
N TRP B 481 -22.70 -11.39 -16.37
CA TRP B 481 -22.12 -10.69 -17.51
C TRP B 481 -21.68 -11.73 -18.53
N GLU B 482 -20.93 -12.72 -18.05
CA GLU B 482 -20.45 -13.81 -18.89
C GLU B 482 -21.58 -14.50 -19.62
N GLU B 483 -22.69 -14.75 -18.93
CA GLU B 483 -23.87 -15.37 -19.54
C GLU B 483 -24.39 -14.56 -20.70
N ARG B 484 -24.57 -13.27 -20.45
CA ARG B 484 -25.23 -12.39 -21.39
C ARG B 484 -24.42 -12.29 -22.66
N VAL B 485 -23.11 -12.12 -22.50
CA VAL B 485 -22.22 -11.98 -23.63
C VAL B 485 -22.27 -13.23 -24.49
N LYS B 486 -22.11 -14.40 -23.85
CA LYS B 486 -22.14 -15.68 -24.55
C LYS B 486 -23.45 -15.82 -25.34
N TYR B 487 -24.54 -15.39 -24.73
CA TYR B 487 -25.82 -15.42 -25.43
C TYR B 487 -25.90 -14.36 -26.54
N TRP B 488 -25.51 -13.12 -26.26
CA TRP B 488 -25.47 -12.08 -27.30
C TRP B 488 -24.55 -12.45 -28.46
N HIS B 489 -23.38 -12.98 -28.13
CA HIS B 489 -22.48 -13.53 -29.12
C HIS B 489 -23.18 -14.64 -29.93
N ASP B 490 -23.84 -15.56 -29.22
CA ASP B 490 -24.59 -16.61 -29.91
C ASP B 490 -25.68 -16.00 -30.80
N LEU B 491 -26.47 -15.06 -30.26
CA LEU B 491 -27.60 -14.45 -31.02
C LEU B 491 -27.13 -13.79 -32.29
N LEU B 492 -26.18 -12.87 -32.12
CA LEU B 492 -25.55 -12.12 -33.21
C LEU B 492 -24.14 -12.63 -33.42
N ARG B 493 -23.88 -13.56 -34.33
CA ARG B 493 -22.50 -14.02 -34.45
C ARG B 493 -21.79 -13.34 -35.63
N PRO B 494 -21.05 -12.26 -35.33
CA PRO B 494 -20.49 -11.32 -36.32
C PRO B 494 -19.19 -11.83 -36.91
N ASN B 495 -18.80 -11.30 -38.07
CA ASN B 495 -17.53 -11.68 -38.66
C ASN B 495 -16.47 -10.61 -38.36
N ILE B 496 -16.42 -10.17 -37.11
CA ILE B 496 -15.41 -9.20 -36.71
C ILE B 496 -14.56 -9.69 -35.54
N ASP B 497 -13.41 -9.05 -35.36
CA ASP B 497 -12.50 -9.32 -34.25
C ASP B 497 -13.29 -9.34 -32.97
N LYS B 498 -13.15 -10.40 -32.18
CA LYS B 498 -13.95 -10.56 -30.96
C LYS B 498 -13.59 -9.53 -29.89
N ASN B 499 -12.38 -8.99 -29.96
CA ASN B 499 -11.96 -7.98 -28.99
C ASN B 499 -12.70 -6.68 -29.27
N ASP B 500 -13.17 -6.52 -30.49
CA ASP B 500 -13.93 -5.33 -30.83
C ASP B 500 -15.37 -5.54 -30.41
N GLU B 501 -15.84 -6.76 -30.62
CA GLU B 501 -17.18 -7.17 -30.23
C GLU B 501 -17.34 -7.01 -28.72
N TYR B 502 -16.35 -7.49 -27.97
CA TYR B 502 -16.37 -7.35 -26.53
C TYR B 502 -16.34 -5.86 -26.16
N ARG B 503 -15.61 -5.09 -26.94
CA ARG B 503 -15.50 -3.66 -26.70
C ARG B 503 -16.83 -2.98 -26.94
N PHE B 504 -17.50 -3.41 -28.01
CA PHE B 504 -18.80 -2.87 -28.30
C PHE B 504 -19.78 -3.14 -27.14
N TYR B 505 -19.80 -4.38 -26.66
CA TYR B 505 -20.75 -4.74 -25.62
C TYR B 505 -20.58 -3.93 -24.36
N GLN B 506 -19.34 -3.74 -23.92
CA GLN B 506 -19.10 -2.91 -22.76
C GLN B 506 -19.49 -1.44 -23.01
N THR B 507 -19.20 -0.93 -24.21
CA THR B 507 -19.46 0.45 -24.55
C THR B 507 -20.97 0.76 -24.51
N LEU B 508 -21.78 -0.19 -24.99
CA LEU B 508 -23.23 -0.02 -24.95
C LEU B 508 -23.69 -0.10 -23.51
N VAL B 509 -23.15 -1.05 -22.75
CA VAL B 509 -23.47 -1.15 -21.30
C VAL B 509 -23.29 0.19 -20.60
N GLY B 510 -22.18 0.83 -20.94
CA GLY B 510 -21.80 2.07 -20.28
C GLY B 510 -22.63 3.27 -20.71
N SER B 511 -23.18 3.23 -21.92
CA SER B 511 -23.81 4.44 -22.45
C SER B 511 -25.23 4.26 -22.99
N TYR B 512 -25.80 3.08 -22.78
CA TYR B 512 -27.16 2.80 -23.23
C TYR B 512 -28.15 3.84 -22.75
N GLU B 513 -28.66 4.64 -23.68
CA GLU B 513 -29.82 5.49 -23.40
C GLU B 513 -30.97 5.09 -24.33
N GLY B 514 -31.05 3.80 -24.65
CA GLY B 514 -32.03 3.32 -25.58
C GLY B 514 -31.44 3.10 -26.96
N PHE B 515 -32.14 2.30 -27.76
CA PHE B 515 -31.67 1.94 -29.10
C PHE B 515 -32.03 2.99 -30.13
N ASP B 516 -32.32 4.20 -29.68
CA ASP B 516 -32.73 5.26 -30.58
C ASP B 516 -31.57 5.65 -31.47
N ASN B 517 -30.50 6.08 -30.84
CA ASN B 517 -29.36 6.61 -31.55
C ASN B 517 -28.30 5.56 -31.64
N LYS B 518 -27.73 5.40 -32.82
CA LYS B 518 -26.61 4.49 -33.00
C LYS B 518 -25.39 5.22 -33.57
N GLU B 519 -25.58 6.38 -34.20
CA GLU B 519 -24.49 7.06 -34.90
C GLU B 519 -23.36 7.44 -33.95
N ARG B 520 -23.71 7.79 -32.72
CA ARG B 520 -22.72 8.15 -31.73
C ARG B 520 -21.82 6.96 -31.43
N ILE B 521 -22.42 5.81 -31.14
CA ILE B 521 -21.63 4.65 -30.74
C ILE B 521 -20.92 4.07 -31.97
N LYS B 522 -21.52 4.23 -33.14
CA LYS B 522 -20.87 3.75 -34.35
C LYS B 522 -19.62 4.60 -34.60
N ASN B 523 -19.77 5.91 -34.57
CA ASN B 523 -18.63 6.80 -34.82
C ASN B 523 -17.55 6.60 -33.76
N HIS B 524 -17.96 6.33 -32.54
CA HIS B 524 -17.03 6.12 -31.46
C HIS B 524 -16.21 4.84 -31.65
N ILE B 525 -16.91 3.74 -31.94
CA ILE B 525 -16.24 2.44 -32.09
C ILE B 525 -15.27 2.47 -33.27
N ILE B 526 -15.59 3.23 -34.31
CA ILE B 526 -14.64 3.35 -35.40
C ILE B 526 -13.39 4.03 -34.89
N LYS B 527 -13.56 5.11 -34.12
CA LYS B 527 -12.42 5.78 -33.52
C LYS B 527 -11.62 4.83 -32.62
N VAL B 528 -12.31 4.03 -31.83
CA VAL B 528 -11.65 3.08 -30.94
C VAL B 528 -10.75 2.12 -31.72
N ILE B 529 -11.25 1.61 -32.84
CA ILE B 529 -10.46 0.61 -33.55
C ILE B 529 -9.36 1.26 -34.41
N ARG B 530 -9.52 2.52 -34.78
CA ARG B 530 -8.43 3.26 -35.42
C ARG B 530 -7.34 3.61 -34.38
N GLU B 531 -7.77 3.93 -33.16
CA GLU B 531 -6.80 4.17 -32.09
C GLU B 531 -6.04 2.88 -31.73
N ALA B 532 -6.70 1.73 -31.81
CA ALA B 532 -6.04 0.45 -31.51
C ALA B 532 -4.95 0.14 -32.54
N LYS B 533 -5.15 0.60 -33.77
CA LYS B 533 -4.17 0.46 -34.85
C LYS B 533 -3.92 -0.99 -35.25
N VAL B 534 -4.81 -1.90 -34.85
CA VAL B 534 -4.66 -3.33 -35.18
C VAL B 534 -5.22 -3.67 -36.58
N HIS B 535 -6.47 -3.30 -36.85
CA HIS B 535 -7.07 -3.64 -38.13
C HIS B 535 -7.21 -2.46 -39.08
N THR B 536 -6.93 -1.27 -38.57
CA THR B 536 -7.20 -0.04 -39.30
C THR B 536 -6.52 1.09 -38.54
N THR B 537 -6.30 2.21 -39.21
CA THR B 537 -5.66 3.39 -38.61
C THR B 537 -6.30 4.66 -39.12
N TRP B 538 -5.79 5.80 -38.68
CA TRP B 538 -6.27 7.09 -39.17
C TRP B 538 -5.67 7.39 -40.53
N GLU B 539 -4.39 7.03 -40.68
CA GLU B 539 -3.65 7.33 -41.88
C GLU B 539 -4.02 6.38 -43.02
N ASN B 540 -4.53 5.20 -42.70
CA ASN B 540 -4.87 4.23 -43.73
C ASN B 540 -6.08 3.38 -43.35
N PRO B 541 -7.27 4.01 -43.34
CA PRO B 541 -8.53 3.40 -42.87
C PRO B 541 -8.88 2.13 -43.61
N ASN B 542 -9.12 1.05 -42.86
CA ASN B 542 -9.54 -0.22 -43.45
C ASN B 542 -11.05 -0.23 -43.66
N LEU B 543 -11.48 0.36 -44.78
CA LEU B 543 -12.90 0.53 -45.11
C LEU B 543 -13.66 -0.78 -45.25
N GLU B 544 -12.97 -1.84 -45.67
CA GLU B 544 -13.59 -3.15 -45.77
C GLU B 544 -13.93 -3.68 -44.39
N TYR B 545 -12.97 -3.58 -43.47
CA TYR B 545 -13.18 -4.08 -42.12
C TYR B 545 -14.13 -3.18 -41.35
N GLU B 546 -14.10 -1.90 -41.70
CA GLU B 546 -14.89 -0.91 -40.97
C GLU B 546 -16.38 -1.06 -41.27
N LYS B 547 -16.74 -1.46 -42.48
CA LYS B 547 -18.14 -1.70 -42.75
C LYS B 547 -18.63 -3.00 -42.10
N LYS B 548 -17.72 -3.94 -41.88
CA LYS B 548 -18.05 -5.13 -41.11
C LYS B 548 -18.46 -4.75 -39.68
N VAL B 549 -17.72 -3.82 -39.09
CA VAL B 549 -18.01 -3.35 -37.73
C VAL B 549 -19.29 -2.52 -37.73
N LEU B 550 -19.44 -1.63 -38.70
CA LEU B 550 -20.64 -0.81 -38.80
C LEU B 550 -21.85 -1.69 -39.10
N GLY B 551 -21.65 -2.68 -39.97
CA GLY B 551 -22.70 -3.62 -40.30
C GLY B 551 -23.14 -4.34 -39.05
N PHE B 552 -22.17 -4.81 -38.27
CA PHE B 552 -22.47 -5.57 -37.06
C PHE B 552 -23.31 -4.74 -36.08
N ILE B 553 -22.91 -3.50 -35.81
CA ILE B 553 -23.69 -2.64 -34.91
C ILE B 553 -25.09 -2.33 -35.48
N ASP B 554 -25.16 -2.06 -36.80
CA ASP B 554 -26.46 -1.87 -37.44
C ASP B 554 -27.31 -3.13 -37.25
N GLU B 555 -26.69 -4.30 -37.35
CA GLU B 555 -27.41 -5.54 -37.09
C GLU B 555 -27.88 -5.69 -35.62
N VAL B 556 -27.13 -5.16 -34.65
CA VAL B 556 -27.53 -5.36 -33.25
C VAL B 556 -28.73 -4.48 -32.87
N PHE B 557 -28.80 -3.28 -33.44
CA PHE B 557 -29.87 -2.32 -33.16
C PHE B 557 -31.16 -2.76 -33.83
N GLU B 558 -31.07 -3.70 -34.75
CA GLU B 558 -32.26 -4.23 -35.41
C GLU B 558 -32.24 -5.74 -35.31
N ASN B 559 -31.98 -6.21 -34.09
CA ASN B 559 -32.20 -7.57 -33.67
C ASN B 559 -33.10 -7.47 -32.43
N SER B 560 -34.32 -7.96 -32.57
CA SER B 560 -35.30 -7.80 -31.51
C SER B 560 -34.99 -8.67 -30.32
N SER B 561 -34.40 -9.83 -30.57
CA SER B 561 -33.96 -10.69 -29.46
C SER B 561 -32.92 -9.99 -28.58
N PHE B 562 -31.98 -9.28 -29.19
CA PHE B 562 -30.91 -8.62 -28.45
C PHE B 562 -31.43 -7.45 -27.64
N ARG B 563 -32.20 -6.59 -28.32
CA ARG B 563 -32.75 -5.38 -27.71
C ARG B 563 -33.46 -5.69 -26.40
N ASN B 564 -34.32 -6.69 -26.45
CA ASN B 564 -35.14 -7.07 -25.31
C ASN B 564 -34.33 -7.69 -24.19
N ASP B 565 -33.42 -8.58 -24.54
CA ASP B 565 -32.60 -9.20 -23.52
C ASP B 565 -31.62 -8.19 -22.93
N PHE B 566 -30.99 -7.40 -23.81
CA PHE B 566 -30.05 -6.37 -23.37
C PHE B 566 -30.77 -5.37 -22.47
N ASP B 567 -31.91 -4.87 -22.92
CA ASP B 567 -32.66 -3.88 -22.16
C ASP B 567 -32.97 -4.38 -20.74
N ASN B 568 -33.36 -5.65 -20.65
CA ASN B 568 -33.57 -6.29 -19.37
C ASN B 568 -32.36 -6.24 -18.46
N PHE B 569 -31.21 -6.67 -19.01
CA PHE B 569 -29.96 -6.69 -18.27
C PHE B 569 -29.55 -5.30 -17.79
N GLU B 570 -29.74 -4.30 -18.67
CA GLU B 570 -29.25 -2.95 -18.43
C GLU B 570 -29.93 -2.23 -17.30
N LYS B 571 -31.19 -2.59 -17.04
CA LYS B 571 -31.96 -1.95 -15.96
C LYS B 571 -31.23 -2.11 -14.64
N LYS B 572 -30.69 -3.28 -14.39
CA LYS B 572 -29.91 -3.47 -13.18
C LYS B 572 -28.64 -2.62 -13.22
N ILE B 573 -27.92 -2.71 -14.34
CA ILE B 573 -26.66 -2.01 -14.50
C ILE B 573 -26.84 -0.53 -14.25
N VAL B 574 -27.86 0.01 -14.91
CA VAL B 574 -28.21 1.42 -14.79
C VAL B 574 -28.46 1.80 -13.33
N TYR B 575 -29.24 0.95 -12.65
CA TYR B 575 -29.62 1.14 -11.25
C TYR B 575 -28.37 1.19 -10.36
N PHE B 576 -27.51 0.19 -10.50
CA PHE B 576 -26.31 0.14 -9.67
C PHE B 576 -25.30 1.21 -10.06
N GLY B 577 -25.25 1.53 -11.34
CA GLY B 577 -24.38 2.59 -11.83
C GLY B 577 -24.60 3.94 -11.17
N TYR B 578 -25.86 4.30 -10.91
CA TYR B 578 -26.12 5.58 -10.25
C TYR B 578 -25.53 5.63 -8.86
N MET B 579 -25.66 4.52 -8.12
CA MET B 579 -25.14 4.44 -6.77
C MET B 579 -23.64 4.63 -6.74
N LYS B 580 -22.94 3.91 -7.62
CA LYS B 580 -21.49 4.07 -7.77
C LYS B 580 -21.15 5.51 -8.10
N SER B 581 -21.80 6.05 -9.11
CA SER B 581 -21.63 7.46 -9.50
C SER B 581 -21.91 8.42 -8.34
N LEU B 582 -22.93 8.08 -7.53
CA LEU B 582 -23.32 8.90 -6.39
C LEU B 582 -22.24 8.81 -5.28
N VAL B 583 -21.71 7.61 -5.07
CA VAL B 583 -20.60 7.47 -4.14
C VAL B 583 -19.37 8.21 -4.67
N ALA B 584 -19.06 7.99 -5.94
CA ALA B 584 -17.95 8.69 -6.57
C ALA B 584 -18.13 10.19 -6.40
N THR B 585 -19.33 10.67 -6.66
CA THR B 585 -19.60 12.10 -6.57
C THR B 585 -19.35 12.68 -5.18
N THR B 586 -19.81 11.98 -4.14
CA THR B 586 -19.62 12.41 -2.77
C THR B 586 -18.13 12.48 -2.42
N LEU B 587 -17.40 11.42 -2.75
CA LEU B 587 -15.95 11.40 -2.57
C LEU B 587 -15.27 12.56 -3.32
N LYS B 588 -15.82 12.94 -4.48
CA LYS B 588 -15.24 14.04 -5.25
C LYS B 588 -15.40 15.42 -4.56
N PHE B 589 -16.56 15.68 -3.96
CA PHE B 589 -16.77 16.98 -3.38
C PHE B 589 -16.22 17.12 -1.97
N LEU B 590 -16.00 15.98 -1.30
CA LEU B 590 -15.67 16.06 0.12
C LEU B 590 -14.26 15.56 0.49
N SER B 591 -13.59 14.84 -0.40
CA SER B 591 -12.17 14.51 -0.16
C SER B 591 -11.36 15.81 -0.11
N PRO B 592 -10.15 15.76 0.48
CA PRO B 592 -9.21 16.89 0.37
C PRO B 592 -8.91 17.24 -1.09
N GLY B 593 -9.02 18.51 -1.43
CA GLY B 593 -8.91 18.93 -2.81
C GLY B 593 -10.03 19.88 -3.18
N VAL B 594 -10.04 20.29 -4.45
CA VAL B 594 -11.04 21.24 -4.94
C VAL B 594 -11.85 20.55 -6.05
N PRO B 595 -13.16 20.38 -5.82
CA PRO B 595 -13.99 19.57 -6.71
C PRO B 595 -14.27 20.32 -7.99
N ASP B 596 -14.23 19.58 -9.11
CA ASP B 596 -14.38 20.12 -10.45
C ASP B 596 -15.56 19.47 -11.16
N ILE B 597 -16.29 20.26 -11.94
CA ILE B 597 -17.46 19.76 -12.67
C ILE B 597 -17.35 20.09 -14.15
N TYR B 598 -17.28 19.07 -15.00
CA TYR B 598 -17.30 19.28 -16.44
C TYR B 598 -18.71 19.69 -16.87
N GLN B 599 -18.81 20.66 -17.77
CA GLN B 599 -20.11 21.20 -18.20
C GLN B 599 -21.14 20.10 -18.47
N GLY B 600 -22.30 20.23 -17.83
CA GLY B 600 -23.34 19.24 -18.02
C GLY B 600 -23.30 18.01 -17.13
N THR B 601 -22.19 17.78 -16.42
CA THR B 601 -22.07 16.56 -15.60
C THR B 601 -22.57 16.73 -14.16
N GLU B 602 -23.38 17.77 -13.94
CA GLU B 602 -24.04 17.94 -12.66
C GLU B 602 -25.33 17.13 -12.65
N VAL B 603 -25.66 16.55 -13.79
CA VAL B 603 -26.73 15.56 -13.88
C VAL B 603 -26.11 14.31 -14.47
N TRP B 604 -26.85 13.21 -14.52
CA TRP B 604 -26.41 12.03 -15.25
C TRP B 604 -26.09 12.43 -16.70
N ARG B 605 -24.91 12.06 -17.18
CA ARG B 605 -24.45 12.45 -18.51
C ARG B 605 -23.47 11.42 -19.04
N PHE B 606 -23.88 10.76 -20.12
CA PHE B 606 -23.15 9.62 -20.64
C PHE B 606 -22.41 10.00 -21.90
N LEU B 607 -21.09 10.23 -21.73
CA LEU B 607 -20.23 10.76 -22.78
C LEU B 607 -19.10 9.79 -23.15
N LEU B 608 -18.80 9.72 -24.43
CA LEU B 608 -17.75 8.85 -24.91
C LEU B 608 -16.55 9.71 -25.26
N THR B 609 -15.52 9.12 -25.82
CA THR B 609 -14.32 9.88 -26.17
C THR B 609 -14.60 11.04 -27.13
N ASP B 610 -13.98 12.18 -26.83
CA ASP B 610 -13.75 13.28 -27.76
C ASP B 610 -13.76 12.78 -29.21
N PRO B 611 -14.66 13.31 -30.06
CA PRO B 611 -15.56 14.47 -29.94
C PRO B 611 -16.92 14.25 -29.31
N ASP B 612 -17.21 13.09 -28.75
CA ASP B 612 -18.56 12.88 -28.24
C ASP B 612 -18.82 13.72 -27.00
N ASN B 613 -17.77 13.96 -26.22
CA ASN B 613 -17.89 14.70 -24.96
C ASN B 613 -17.87 16.24 -25.16
N ARG B 614 -17.86 16.65 -26.42
CA ARG B 614 -17.89 18.07 -26.79
C ARG B 614 -19.28 18.47 -27.24
N MET B 615 -20.24 17.57 -27.06
CA MET B 615 -21.64 17.82 -27.38
C MET B 615 -22.12 19.03 -26.59
N ALA B 616 -23.01 19.80 -27.20
CA ALA B 616 -23.52 21.01 -26.59
C ALA B 616 -24.24 20.67 -25.30
N VAL B 617 -24.19 21.60 -24.37
CA VAL B 617 -24.90 21.48 -23.11
C VAL B 617 -26.14 22.35 -23.12
N ASP B 618 -27.27 21.73 -22.78
CA ASP B 618 -28.56 22.42 -22.75
C ASP B 618 -28.72 23.11 -21.40
N PHE B 619 -28.03 24.23 -21.25
CA PHE B 619 -28.04 24.97 -19.99
C PHE B 619 -29.44 25.45 -19.62
N ARG B 620 -30.29 25.68 -20.60
CA ARG B 620 -31.63 26.08 -20.26
C ARG B 620 -32.31 24.95 -19.49
N LYS B 621 -32.23 23.72 -19.99
CA LYS B 621 -32.77 22.57 -19.28
C LYS B 621 -32.17 22.39 -17.88
N LEU B 622 -30.87 22.59 -17.76
CA LEU B 622 -30.25 22.51 -16.45
C LEU B 622 -30.92 23.49 -15.50
N ARG B 623 -31.03 24.74 -15.91
CA ARG B 623 -31.63 25.81 -15.07
C ARG B 623 -33.05 25.46 -14.61
N GLU B 624 -33.83 24.81 -15.48
CA GLU B 624 -35.18 24.40 -15.15
C GLU B 624 -35.16 23.36 -14.03
N LEU B 625 -34.25 22.39 -14.17
CA LEU B 625 -34.07 21.37 -13.15
C LEU B 625 -33.68 21.99 -11.84
N LEU B 626 -32.74 22.93 -11.88
CA LEU B 626 -32.25 23.58 -10.67
C LEU B 626 -33.40 24.22 -9.90
N ASN B 627 -34.37 24.77 -10.63
CA ASN B 627 -35.55 25.39 -10.02
C ASN B 627 -36.53 24.37 -9.47
N ASN B 628 -36.57 23.18 -10.07
CA ASN B 628 -37.51 22.12 -9.68
C ASN B 628 -36.91 21.11 -8.70
N LEU B 629 -35.91 21.55 -7.94
CA LEU B 629 -35.16 20.70 -7.02
C LEU B 629 -35.91 20.43 -5.70
N THR B 630 -36.17 19.17 -5.38
CA THR B 630 -36.70 18.84 -4.06
C THR B 630 -35.76 17.82 -3.42
N GLU B 631 -35.80 17.70 -2.10
CA GLU B 631 -34.94 16.74 -1.41
C GLU B 631 -35.65 15.44 -1.12
N LYS B 632 -36.81 15.21 -1.74
CA LYS B 632 -37.59 14.04 -1.37
C LYS B 632 -38.40 13.42 -2.53
N ASN B 633 -38.55 12.11 -2.49
CA ASN B 633 -39.27 11.33 -3.51
C ASN B 633 -38.69 11.44 -4.91
N LEU B 634 -37.38 11.58 -5.01
CA LEU B 634 -36.71 11.57 -6.30
C LEU B 634 -36.34 10.13 -6.68
N GLU B 635 -36.74 9.72 -7.89
CA GLU B 635 -36.27 8.48 -8.48
C GLU B 635 -34.75 8.58 -8.63
N LEU B 636 -34.08 7.47 -8.32
CA LEU B 636 -32.63 7.41 -8.39
C LEU B 636 -32.12 7.89 -9.77
N SER B 637 -32.90 7.65 -10.80
CA SER B 637 -32.53 7.94 -12.19
C SER B 637 -32.97 9.32 -12.63
N ASP B 638 -33.76 10.00 -11.82
CA ASP B 638 -34.09 11.40 -12.04
C ASP B 638 -32.79 12.20 -12.02
N PRO B 639 -32.60 13.12 -12.97
CA PRO B 639 -31.34 13.84 -13.10
C PRO B 639 -31.14 14.79 -11.95
N ARG B 640 -32.23 15.10 -11.26
CA ARG B 640 -32.18 15.93 -10.06
C ARG B 640 -31.52 15.23 -8.86
N THR B 641 -31.50 13.90 -8.86
CA THR B 641 -30.86 13.17 -7.77
C THR B 641 -29.39 13.55 -7.77
N LYS B 642 -28.76 13.47 -8.94
CA LYS B 642 -27.36 13.87 -9.03
C LYS B 642 -27.23 15.36 -8.74
N MET B 643 -28.07 16.16 -9.40
CA MET B 643 -27.99 17.62 -9.23
C MET B 643 -28.14 18.04 -7.78
N LEU B 644 -29.07 17.39 -7.07
CA LEU B 644 -29.22 17.63 -5.65
C LEU B 644 -27.89 17.46 -4.91
N TYR B 645 -27.16 16.40 -5.23
CA TYR B 645 -25.89 16.13 -4.55
C TYR B 645 -24.87 17.21 -4.78
N VAL B 646 -24.79 17.67 -6.01
CA VAL B 646 -23.84 18.70 -6.37
C VAL B 646 -24.17 19.97 -5.62
N LYS B 647 -25.47 20.29 -5.53
CA LYS B 647 -25.88 21.55 -4.92
C LYS B 647 -25.62 21.53 -3.42
N LYS B 648 -25.96 20.42 -2.77
CA LYS B 648 -25.87 20.30 -1.32
C LYS B 648 -24.43 20.27 -0.82
N LEU B 649 -23.57 19.54 -1.51
CA LEU B 649 -22.19 19.37 -1.09
C LEU B 649 -21.40 20.65 -1.34
N LEU B 650 -21.67 21.35 -2.44
CA LEU B 650 -21.05 22.65 -2.66
C LEU B 650 -21.44 23.57 -1.51
N GLN B 651 -22.73 23.51 -1.15
CA GLN B 651 -23.25 24.28 -0.02
C GLN B 651 -22.51 23.89 1.27
N LEU B 652 -22.35 22.58 1.48
CA LEU B 652 -21.65 22.06 2.65
C LEU B 652 -20.23 22.62 2.79
N ARG B 653 -19.53 22.75 1.66
CA ARG B 653 -18.15 23.20 1.66
C ARG B 653 -18.09 24.66 2.06
N ARG B 654 -19.18 25.37 1.78
CA ARG B 654 -19.29 26.78 2.10
C ARG B 654 -19.60 27.02 3.57
N GLU B 655 -20.29 26.08 4.21
CA GLU B 655 -20.78 26.27 5.57
C GLU B 655 -20.06 25.47 6.66
N TYR B 656 -19.31 24.45 6.28
CA TYR B 656 -18.65 23.62 7.27
C TYR B 656 -17.15 23.59 7.10
N SER B 657 -16.46 23.20 8.17
CA SER B 657 -15.01 23.12 8.17
C SER B 657 -14.53 21.74 7.69
N LEU B 658 -13.76 21.72 6.61
CA LEU B 658 -13.15 20.47 6.17
C LEU B 658 -11.65 20.60 6.20
N ASN B 659 -11.08 20.50 7.39
CA ASN B 659 -9.67 20.81 7.62
C ASN B 659 -8.87 19.58 8.01
N ASP B 660 -9.59 18.51 8.33
CA ASP B 660 -8.97 17.32 8.90
C ASP B 660 -9.38 16.08 8.13
N TYR B 661 -8.54 15.05 8.13
CA TYR B 661 -8.95 13.81 7.50
C TYR B 661 -8.65 12.64 8.42
N LYS B 662 -9.71 12.17 9.08
CA LYS B 662 -9.66 11.01 9.95
C LYS B 662 -10.45 9.89 9.29
N PRO B 663 -9.75 8.90 8.73
CA PRO B 663 -10.41 7.86 7.95
C PRO B 663 -11.27 6.93 8.79
N LEU B 664 -12.08 6.10 8.15
CA LEU B 664 -12.87 5.06 8.82
C LEU B 664 -12.86 3.81 7.95
N PRO B 665 -13.31 2.67 8.48
CA PRO B 665 -13.32 1.49 7.61
C PRO B 665 -14.35 1.52 6.48
N PHE B 666 -15.27 2.49 6.51
CA PHE B 666 -16.24 2.70 5.44
C PHE B 666 -16.63 4.16 5.32
N GLY B 667 -15.71 5.04 5.69
CA GLY B 667 -15.92 6.45 5.51
C GLY B 667 -14.74 7.27 5.96
N PHE B 668 -15.01 8.54 6.25
CA PHE B 668 -14.01 9.41 6.83
C PHE B 668 -14.71 10.58 7.51
N GLN B 669 -13.99 11.21 8.44
CA GLN B 669 -14.49 12.40 9.10
C GLN B 669 -13.66 13.61 8.69
N ARG B 670 -14.32 14.75 8.53
CA ARG B 670 -13.62 16.00 8.35
C ARG B 670 -14.31 17.01 9.25
N GLY B 671 -13.63 17.39 10.33
CA GLY B 671 -14.24 18.25 11.31
C GLY B 671 -15.52 17.61 11.80
N LYS B 672 -16.64 18.31 11.61
CA LYS B 672 -17.93 17.84 12.10
C LYS B 672 -18.73 17.13 11.02
N VAL B 673 -18.14 16.96 9.86
CA VAL B 673 -18.78 16.22 8.77
C VAL B 673 -18.26 14.80 8.73
N THR B 674 -19.16 13.84 8.55
CA THR B 674 -18.82 12.43 8.47
C THR B 674 -19.41 11.77 7.22
N VAL B 675 -18.57 11.15 6.40
CA VAL B 675 -19.08 10.47 5.20
C VAL B 675 -18.99 8.96 5.34
N LEU B 676 -20.06 8.27 4.97
CA LEU B 676 -20.07 6.81 4.92
C LEU B 676 -20.61 6.33 3.57
N PHE B 677 -20.03 5.25 3.05
CA PHE B 677 -20.31 4.80 1.69
C PHE B 677 -19.79 3.38 1.49
N SER B 678 -20.25 2.75 0.42
CA SER B 678 -19.74 1.45 0.00
C SER B 678 -19.65 1.35 -1.52
N PRO B 679 -18.41 1.24 -2.05
CA PRO B 679 -18.14 1.11 -3.50
C PRO B 679 -18.87 -0.09 -4.05
N ILE B 680 -18.97 -1.12 -3.23
CA ILE B 680 -19.74 -2.30 -3.62
C ILE B 680 -21.21 -1.97 -3.47
N VAL B 681 -22.02 -2.31 -4.46
CA VAL B 681 -23.40 -1.84 -4.46
C VAL B 681 -24.45 -2.93 -4.76
N THR B 682 -24.02 -4.13 -5.14
CA THR B 682 -25.00 -5.16 -5.50
C THR B 682 -25.26 -6.09 -4.33
N ARG B 683 -24.37 -6.09 -3.36
CA ARG B 683 -24.52 -6.90 -2.15
C ARG B 683 -24.57 -6.03 -0.90
N GLU B 684 -25.52 -6.33 -0.03
CA GLU B 684 -25.74 -5.56 1.17
C GLU B 684 -24.52 -5.62 2.07
N VAL B 685 -24.14 -4.47 2.62
CA VAL B 685 -22.99 -4.43 3.47
C VAL B 685 -23.40 -4.57 4.95
N LYS B 686 -22.76 -5.52 5.61
CA LYS B 686 -23.03 -5.83 7.00
C LYS B 686 -21.90 -5.37 7.93
N GLU B 687 -21.45 -4.13 7.77
CA GLU B 687 -20.61 -3.52 8.77
C GLU B 687 -21.55 -3.00 9.85
N LYS B 688 -21.00 -2.69 11.02
CA LYS B 688 -21.78 -2.05 12.07
C LYS B 688 -21.08 -0.79 12.53
N ILE B 689 -21.75 0.35 12.35
CA ILE B 689 -21.16 1.62 12.70
C ILE B 689 -21.89 2.24 13.88
N SER B 690 -21.14 2.99 14.68
CA SER B 690 -21.72 3.67 15.81
C SER B 690 -21.69 5.16 15.56
N ILE B 691 -22.87 5.76 15.44
CA ILE B 691 -22.95 7.20 15.44
C ILE B 691 -22.75 7.67 16.87
N ARG B 692 -21.89 8.65 17.07
CA ARG B 692 -21.80 9.27 18.38
C ARG B 692 -22.99 10.23 18.56
N GLN B 693 -24.18 9.67 18.72
CA GLN B 693 -25.40 10.39 19.11
C GLN B 693 -25.75 11.44 18.00
N LYS B 694 -26.56 12.44 18.35
CA LYS B 694 -27.43 13.14 17.39
C LYS B 694 -26.72 13.88 16.26
N SER B 695 -27.11 13.57 15.03
CA SER B 695 -26.55 14.23 13.87
C SER B 695 -27.53 14.21 12.69
N VAL B 696 -27.26 15.03 11.66
CA VAL B 696 -28.18 15.17 10.54
C VAL B 696 -27.71 14.55 9.22
N ASP B 697 -28.63 13.87 8.55
CA ASP B 697 -28.43 13.41 7.18
C ASP B 697 -28.48 14.63 6.26
N TRP B 698 -27.33 15.00 5.71
CA TRP B 698 -27.17 16.26 5.00
C TRP B 698 -27.93 16.37 3.65
N ILE B 699 -28.02 15.28 2.87
CA ILE B 699 -28.79 15.33 1.63
C ILE B 699 -30.30 15.35 1.92
N ARG B 700 -30.76 14.46 2.78
CA ARG B 700 -32.18 14.33 3.10
C ARG B 700 -32.73 15.34 4.11
N ASN B 701 -31.84 16.01 4.85
CA ASN B 701 -32.24 16.98 5.86
C ASN B 701 -33.09 16.33 6.96
N GLU B 702 -32.63 15.20 7.48
CA GLU B 702 -33.36 14.44 8.49
C GLU B 702 -32.46 14.09 9.66
N GLU B 703 -33.03 14.01 10.87
CA GLU B 703 -32.24 13.73 12.09
C GLU B 703 -31.87 12.27 12.18
N ILE B 704 -30.59 12.00 12.36
CA ILE B 704 -30.13 10.64 12.59
C ILE B 704 -30.02 10.43 14.08
N SER B 705 -30.66 9.36 14.57
CA SER B 705 -30.70 9.05 15.99
C SER B 705 -29.31 8.78 16.57
N SER B 706 -29.31 8.19 17.75
CA SER B 706 -28.19 8.38 18.66
C SER B 706 -27.21 7.21 18.74
N GLY B 707 -27.72 6.00 18.86
CA GLY B 707 -26.85 4.84 19.06
C GLY B 707 -26.06 4.40 17.84
N GLU B 708 -25.99 3.08 17.65
CA GLU B 708 -25.26 2.50 16.53
C GLU B 708 -26.20 1.85 15.51
N TYR B 709 -25.67 1.53 14.33
CA TYR B 709 -26.48 1.01 13.25
C TYR B 709 -25.81 -0.11 12.44
N ASN B 710 -26.58 -0.72 11.55
CA ASN B 710 -26.00 -1.36 10.37
C ASN B 710 -25.63 -0.28 9.34
N LEU B 711 -24.49 -0.44 8.67
CA LEU B 711 -24.13 0.50 7.61
C LEU B 711 -25.18 0.50 6.51
N SER B 712 -25.75 -0.68 6.23
CA SER B 712 -26.68 -0.83 5.13
C SER B 712 -27.96 -0.02 5.31
N GLU B 713 -28.45 0.07 6.53
CA GLU B 713 -29.71 0.77 6.78
C GLU B 713 -29.59 2.25 6.50
N LEU B 714 -28.44 2.83 6.81
CA LEU B 714 -28.32 4.27 6.71
C LEU B 714 -27.64 4.79 5.42
N ILE B 715 -27.13 3.88 4.59
CA ILE B 715 -26.69 4.27 3.25
C ILE B 715 -27.79 3.91 2.24
N GLY B 716 -28.67 3.00 2.66
CA GLY B 716 -29.88 2.69 1.92
C GLY B 716 -29.72 2.42 0.44
N GLU B 717 -30.51 3.13 -0.37
CA GLU B 717 -30.50 2.94 -1.81
C GLU B 717 -29.24 3.57 -2.47
N HIS B 718 -28.88 4.76 -2.03
CA HIS B 718 -27.80 5.53 -2.66
C HIS B 718 -26.39 4.99 -2.35
N LYS B 719 -26.30 4.11 -1.36
CA LYS B 719 -25.05 3.51 -0.90
C LYS B 719 -24.07 4.54 -0.34
N VAL B 720 -24.56 5.74 -0.04
CA VAL B 720 -23.73 6.77 0.59
C VAL B 720 -24.57 7.69 1.45
N VAL B 721 -23.98 8.17 2.54
CA VAL B 721 -24.65 9.14 3.38
C VAL B 721 -23.63 10.19 3.86
N ILE B 722 -24.11 11.41 4.08
CA ILE B 722 -23.29 12.49 4.58
C ILE B 722 -23.91 13.04 5.85
N LEU B 723 -23.14 13.09 6.93
CA LEU B 723 -23.67 13.41 8.25
C LEU B 723 -22.94 14.60 8.92
N THR B 724 -23.71 15.59 9.37
CA THR B 724 -23.20 16.73 10.14
C THR B 724 -23.72 16.71 11.58
N GLU B 725 -22.97 17.31 12.51
CA GLU B 725 -23.38 17.33 13.92
C GLU B 725 -24.26 18.53 14.29
N LYS B 726 -24.84 18.46 15.50
CA LYS B 726 -25.78 19.46 16.01
C LYS B 726 -27.01 19.62 15.11
MG MG C . 9.65 -12.30 25.47
C1 GOL D . 6.75 -10.99 22.76
O1 GOL D . 6.09 -12.20 23.07
C2 GOL D . 7.00 -10.15 24.02
O2 GOL D . 7.37 -10.93 25.14
C3 GOL D . 5.71 -9.40 24.29
O3 GOL D . 5.47 -8.54 23.20
C1 GOL E . 9.86 -13.45 29.05
O1 GOL E . 8.89 -13.62 28.03
C2 GOL E . 10.01 -11.97 29.36
O2 GOL E . 10.63 -11.31 28.29
C3 GOL E . 10.72 -11.83 30.71
O3 GOL E . 12.04 -11.34 30.52
C1 GOL F . 10.16 -17.12 29.85
O1 GOL F . 8.81 -17.43 30.20
C2 GOL F . 10.46 -17.44 28.38
O2 GOL F . 11.85 -17.60 28.25
C3 GOL F . 10.07 -16.32 27.42
O3 GOL F . 11.14 -15.52 26.87
C1 GOL G . 16.77 -28.98 -7.00
O1 GOL G . 17.55 -27.79 -6.82
C2 GOL G . 15.30 -28.69 -6.72
O2 GOL G . 14.73 -27.71 -7.59
C3 GOL G . 14.41 -29.92 -6.53
O3 GOL G . 14.64 -30.60 -5.29
C1 GOL H . 17.21 1.85 12.20
O1 GOL H . 16.71 0.79 12.99
C2 GOL H . 18.43 1.37 11.44
O2 GOL H . 18.23 1.59 10.06
C3 GOL H . 18.53 -0.13 11.71
O3 GOL H . 19.78 -0.72 11.37
C1 GOL I . 1.78 -18.31 24.87
O1 GOL I . 1.04 -17.61 23.90
C2 GOL I . 3.15 -17.72 25.25
O2 GOL I . 3.48 -18.34 26.47
C3 GOL I . 4.25 -18.11 24.25
O3 GOL I . 5.51 -17.46 24.39
C1 GOL J . 14.92 -14.13 19.80
O1 GOL J . 14.59 -13.14 18.84
C2 GOL J . 14.90 -15.55 19.25
O2 GOL J . 15.14 -16.44 20.30
C3 GOL J . 15.80 -15.82 18.05
O3 GOL J . 15.27 -16.79 17.15
MG MG K . -5.14 17.87 -23.40
C1 GOL L . -3.17 20.35 -27.05
O1 GOL L . -3.16 21.74 -26.87
C2 GOL L . -4.32 19.73 -26.25
O2 GOL L . -3.97 19.62 -24.90
C3 GOL L . -4.62 18.34 -26.80
O3 GOL L . -5.51 17.67 -25.92
C1 GOL M . -4.57 14.45 -21.89
O1 GOL M . -4.91 13.36 -22.73
C2 GOL M . -3.47 15.22 -22.59
O2 GOL M . -3.97 15.88 -23.75
C3 GOL M . -2.41 14.20 -22.97
O3 GOL M . -2.03 13.51 -21.81
C1 GOL N . -7.98 19.04 -26.79
O1 GOL N . -8.05 19.20 -25.37
C2 GOL N . -9.23 19.40 -27.62
O2 GOL N . -8.90 20.48 -28.43
C3 GOL N . -9.61 18.27 -28.59
O3 GOL N . -8.70 18.15 -29.66
C1 GOL O . -29.88 8.34 2.90
O1 GOL O . -30.02 9.45 2.03
C2 GOL O . -30.11 6.98 2.21
O2 GOL O . -31.31 6.41 2.67
C3 GOL O . -30.13 7.06 0.69
O3 GOL O . -30.50 5.83 0.13
#